data_7FCA
#
_entry.id   7FCA
#
_cell.length_a   128.415
_cell.length_b   125.406
_cell.length_c   137.518
_cell.angle_alpha   90.000
_cell.angle_beta   106.834
_cell.angle_gamma   90.000
#
_symmetry.space_group_name_H-M   'C 1 2 1'
#
loop_
_entity.id
_entity.type
_entity.pdbx_description
1 polymer 'Fructokinase, PfkB'
2 polymer 'Fructokinase, PfkB'
3 non-polymer GLYCEROL
4 non-polymer 'PHOSPHATE ION'
5 water water
#
loop_
_entity_poly.entity_id
_entity_poly.type
_entity_poly.pdbx_seq_one_letter_code
_entity_poly.pdbx_strand_id
1 'polypeptide(L)'
;MARGLVIGEALIDIVDGPDPAEYVGGSPLNVAVGLARLGRDVDLLTHIGRDARGRRIAEYIESSGVQLVSGSQTADRTPT
ATARIGPDGSATYAFDLEWQIPDTPPVTPPLLVHTGSIAAAREPGCLAVAALLDAYRAAATVSFDPNVRPSLSADPDLTR
ERIQRLVERSDIIKASAEDLHWIDPTQPPEQTARAWLACGPAIVALTLGDQGAVAFCAAGPASVPAQPVRVVDTVGAGDA
FMAGLLDTLWEQGLLGADRRTELRKIGVSALTSALEVAALTSALTVARAGADLPYRADLRQSR
;
A,B,C,E,F
2 'polypeptide(L)'
;MARGLVIGEALIDIVDGPDPAEYVGGSPLNVAVGLARLGRDVDLLTHIGRDARGRRIAEYIESSGVQLVSGSQTADRTPT
ATARIGPDGSATYAFDLEWQIPDTPPVAPPLLVHTGSIAAAREPGCLAVAALLDAYRAAATVSFDPNVRPSLSADPDLTR
RRIQRLVERSDIIKASAEDLHWIDPTQPPEQTARAWLACGPAIVALTLGDQGAVAFCAAGPASVPAQPVRVVDTVGAGDA
FMAGLLDTLWEQGLLGADRRTELRKIGVSALTSALEVAALTSALTVARAGA
;
D
#
loop_
_chem_comp.id
_chem_comp.type
_chem_comp.name
_chem_comp.formula
GOL non-polymer GLYCEROL 'C3 H8 O3'
PO4 non-polymer 'PHOSPHATE ION' 'O4 P -3'
#
# COMPACT_ATOMS: atom_id res chain seq x y z
N MET A 1 -38.54 35.30 13.08
CA MET A 1 -37.66 34.82 12.00
C MET A 1 -36.77 33.67 12.48
N ALA A 2 -36.83 32.53 11.78
CA ALA A 2 -35.87 31.46 12.04
C ALA A 2 -34.44 31.96 11.85
N ARG A 3 -33.53 31.46 12.67
CA ARG A 3 -32.13 31.89 12.63
C ARG A 3 -31.23 30.76 12.15
N GLY A 4 -30.14 31.14 11.48
CA GLY A 4 -29.06 30.21 11.23
C GLY A 4 -27.96 30.33 12.27
N LEU A 5 -27.30 29.19 12.55
CA LEU A 5 -26.10 29.15 13.37
C LEU A 5 -24.93 28.56 12.58
N VAL A 6 -23.81 29.28 12.53
CA VAL A 6 -22.55 28.77 12.00
C VAL A 6 -21.58 28.60 13.16
N ILE A 7 -20.91 27.44 13.22
CA ILE A 7 -19.88 27.16 14.21
C ILE A 7 -18.57 26.94 13.46
N GLY A 8 -17.59 27.80 13.68
CA GLY A 8 -16.30 27.56 13.06
C GLY A 8 -15.36 28.73 13.16
N GLU A 9 -14.18 28.53 12.59
CA GLU A 9 -13.08 29.46 12.83
C GLU A 9 -13.32 30.78 12.09
N ALA A 10 -12.92 31.84 12.76
CA ALA A 10 -12.72 33.15 12.18
C ALA A 10 -11.25 33.49 12.39
N LEU A 11 -10.59 34.06 11.38
CA LEU A 11 -9.16 34.31 11.48
C LEU A 11 -8.76 35.50 10.62
N ILE A 12 -7.49 35.89 10.74
CA ILE A 12 -6.87 36.89 9.89
C ILE A 12 -5.94 36.15 8.92
N ASP A 13 -6.17 36.36 7.62
CA ASP A 13 -5.23 35.90 6.60
C ASP A 13 -4.15 36.96 6.41
N ILE A 14 -2.91 36.60 6.73
CA ILE A 14 -1.77 37.49 6.59
C ILE A 14 -1.02 37.08 5.33
N VAL A 15 -1.02 37.96 4.32
CA VAL A 15 -0.49 37.63 3.00
C VAL A 15 0.86 38.34 2.86
N ASP A 16 1.93 37.58 3.04
CA ASP A 16 3.29 38.09 2.96
C ASP A 16 3.76 38.19 1.51
N PRO A 18 5.07 41.50 -2.11
CA PRO A 18 4.07 42.27 -2.86
C PRO A 18 3.75 43.58 -2.14
N ASP A 19 2.64 43.59 -1.40
CA ASP A 19 2.34 44.66 -0.44
C ASP A 19 1.64 43.98 0.72
N PRO A 20 2.36 43.68 1.80
CA PRO A 20 1.79 42.81 2.85
C PRO A 20 0.47 43.36 3.38
N ALA A 21 -0.53 42.49 3.38
CA ALA A 21 -1.89 42.90 3.80
C ALA A 21 -2.49 41.82 4.70
N GLU A 22 -3.54 42.20 5.43
CA GLU A 22 -4.25 41.28 6.35
C GLU A 22 -5.73 41.31 5.99
N TYR A 23 -6.34 40.15 5.79
CA TYR A 23 -7.75 40.06 5.43
C TYR A 23 -8.51 39.21 6.44
N VAL A 24 -9.74 39.62 6.73
CA VAL A 24 -10.64 38.79 7.53
C VAL A 24 -10.98 37.52 6.75
N GLY A 25 -10.89 36.38 7.42
CA GLY A 25 -11.21 35.14 6.75
C GLY A 25 -11.63 34.03 7.69
N GLY A 26 -11.49 32.79 7.24
CA GLY A 26 -12.12 31.64 7.86
C GLY A 26 -13.35 31.25 7.07
N SER A 27 -13.38 30.03 6.54
CA SER A 27 -14.51 29.59 5.71
C SER A 27 -15.84 29.64 6.44
N PRO A 28 -15.96 29.21 7.70
CA PRO A 28 -17.28 29.33 8.37
C PRO A 28 -17.69 30.77 8.57
N LEU A 29 -16.75 31.67 8.79
CA LEU A 29 -17.07 33.10 8.84
C LEU A 29 -17.62 33.58 7.51
N ASN A 30 -16.95 33.25 6.39
CA ASN A 30 -17.46 33.61 5.06
C ASN A 30 -18.87 33.07 4.83
N VAL A 31 -19.14 31.82 5.25
CA VAL A 31 -20.49 31.29 5.08
C VAL A 31 -21.50 32.09 5.91
N ALA A 32 -21.16 32.41 7.17
CA ALA A 32 -22.07 33.22 7.99
C ALA A 32 -22.33 34.57 7.34
N VAL A 33 -21.25 35.23 6.91
CA VAL A 33 -21.35 36.53 6.27
C VAL A 33 -22.13 36.43 4.95
N GLY A 34 -21.84 35.38 4.16
CA GLY A 34 -22.58 35.18 2.90
C GLY A 34 -24.06 34.97 3.10
N LEU A 35 -24.45 34.16 4.10
CA LEU A 35 -25.86 34.00 4.43
C LEU A 35 -26.51 35.31 4.89
N ALA A 36 -25.79 36.12 5.67
CA ALA A 36 -26.35 37.38 6.15
C ALA A 36 -26.57 38.35 5.00
N ARG A 37 -25.60 38.45 4.08
CA ARG A 37 -25.75 39.36 2.95
C ARG A 37 -26.86 38.92 2.01
N LEU A 38 -27.19 37.63 2.00
CA LEU A 38 -28.38 37.21 1.25
C LEU A 38 -29.68 37.45 2.02
N GLY A 39 -29.61 38.09 3.17
CA GLY A 39 -30.82 38.44 3.90
C GLY A 39 -31.23 37.51 5.01
N ARG A 40 -30.37 36.59 5.43
CA ARG A 40 -30.74 35.68 6.50
C ARG A 40 -30.24 36.20 7.84
N ASP A 41 -30.94 35.80 8.90
CA ASP A 41 -30.49 36.04 10.26
C ASP A 41 -29.57 34.89 10.68
N VAL A 42 -28.39 35.23 11.14
CA VAL A 42 -27.34 34.24 11.38
C VAL A 42 -26.58 34.61 12.63
N ASP A 43 -26.35 33.62 13.50
CA ASP A 43 -25.38 33.75 14.57
C ASP A 43 -24.11 32.98 14.20
N LEU A 44 -22.97 33.51 14.62
CA LEU A 44 -21.69 32.85 14.47
C LEU A 44 -21.08 32.57 15.83
N LEU A 45 -20.75 31.30 16.09
CA LEU A 45 -20.01 30.90 17.28
C LEU A 45 -18.57 30.59 16.87
N THR A 46 -17.61 31.38 17.37
CA THR A 46 -16.25 31.24 16.89
C THR A 46 -15.30 31.34 18.09
N HIS A 47 -14.02 31.60 17.81
CA HIS A 47 -13.00 31.67 18.87
C HIS A 47 -11.94 32.69 18.45
N ILE A 48 -12.09 33.93 18.93
CA ILE A 48 -11.17 35.01 18.64
C ILE A 48 -10.73 35.68 19.95
N GLY A 49 -9.70 36.54 19.85
CA GLY A 49 -9.17 37.21 21.01
C GLY A 49 -9.77 38.60 21.24
N ARG A 50 -9.51 39.14 22.43
CA ARG A 50 -9.86 40.53 22.74
C ARG A 50 -8.64 41.41 22.46
N ASP A 51 -8.40 41.62 21.17
CA ASP A 51 -7.17 42.25 20.70
C ASP A 51 -7.51 42.99 19.41
N ALA A 52 -6.49 43.55 18.77
CA ALA A 52 -6.69 44.36 17.55
C ALA A 52 -7.37 43.52 16.47
N ARG A 53 -6.79 42.38 16.11
CA ARG A 53 -7.40 41.57 15.04
C ARG A 53 -8.77 41.07 15.49
N GLY A 54 -8.90 40.62 16.74
CA GLY A 54 -10.19 40.16 17.19
C GLY A 54 -11.29 41.21 17.09
N ARG A 55 -10.96 42.46 17.40
CA ARG A 55 -11.97 43.51 17.31
C ARG A 55 -12.32 43.83 15.86
N ARG A 56 -11.36 43.63 14.93
CA ARG A 56 -11.66 43.83 13.53
C ARG A 56 -12.61 42.76 13.00
N ILE A 57 -12.30 41.48 13.27
CA ILE A 57 -13.21 40.40 12.90
C ILE A 57 -14.61 40.70 13.41
N ALA A 58 -14.73 41.04 14.71
CA ALA A 58 -16.03 41.38 15.31
C ALA A 58 -16.69 42.54 14.58
N GLU A 59 -15.93 43.57 14.21
CA GLU A 59 -16.55 44.69 13.50
C GLU A 59 -17.01 44.26 12.11
N TYR A 60 -16.21 43.44 11.44
CA TYR A 60 -16.58 43.01 10.09
C TYR A 60 -17.79 42.08 10.13
N ILE A 61 -17.83 41.21 11.15
CA ILE A 61 -19.00 40.38 11.40
C ILE A 61 -20.24 41.24 11.63
N GLU A 62 -20.14 42.19 12.56
CA GLU A 62 -21.30 43.04 12.85
C GLU A 62 -21.72 43.82 11.61
N SER A 63 -20.76 44.39 10.88
CA SER A 63 -21.07 45.20 9.71
C SER A 63 -21.97 44.47 8.72
N SER A 64 -21.77 43.17 8.54
CA SER A 64 -22.56 42.45 7.56
C SER A 64 -23.84 41.88 8.14
N GLY A 65 -24.15 42.12 9.40
CA GLY A 65 -25.41 41.61 9.93
C GLY A 65 -25.35 40.27 10.64
N VAL A 66 -24.16 39.72 10.89
CA VAL A 66 -24.05 38.51 11.69
C VAL A 66 -23.95 38.87 13.17
N GLN A 67 -24.67 38.12 14.01
CA GLN A 67 -24.58 38.26 15.47
C GLN A 67 -23.50 37.32 16.01
N LEU A 68 -22.56 37.87 16.77
CA LEU A 68 -21.55 37.05 17.40
C LEU A 68 -22.14 36.39 18.65
N VAL A 69 -21.95 35.08 18.77
CA VAL A 69 -22.48 34.35 19.92
C VAL A 69 -21.59 34.61 21.12
N SER A 70 -22.22 34.87 22.27
CA SER A 70 -21.50 35.17 23.50
C SER A 70 -20.60 34.00 23.90
N GLY A 71 -19.37 34.33 24.29
CA GLY A 71 -18.37 33.32 24.57
C GLY A 71 -17.41 33.04 23.42
N SER A 72 -17.54 33.76 22.31
CA SER A 72 -16.66 33.59 21.16
C SER A 72 -15.33 34.34 21.30
N GLN A 73 -15.16 35.12 22.36
CA GLN A 73 -14.06 36.07 22.43
C GLN A 73 -13.09 35.75 23.55
N THR A 74 -12.90 34.47 23.85
CA THR A 74 -12.11 34.05 24.98
C THR A 74 -10.72 33.57 24.59
N ALA A 75 -10.33 33.70 23.33
CA ALA A 75 -9.01 33.21 22.93
C ALA A 75 -7.92 34.12 23.46
N ASP A 76 -6.77 33.53 23.79
CA ASP A 76 -5.63 34.34 24.21
C ASP A 76 -5.15 35.23 23.07
N ARG A 77 -5.24 34.76 21.83
CA ARG A 77 -4.79 35.48 20.65
C ARG A 77 -5.68 35.11 19.47
N THR A 78 -6.08 36.11 18.68
CA THR A 78 -6.93 35.84 17.53
C THR A 78 -6.17 34.98 16.52
N PRO A 79 -6.73 33.86 16.06
CA PRO A 79 -6.03 33.00 15.10
C PRO A 79 -5.57 33.77 13.87
N THR A 80 -4.46 33.33 13.30
CA THR A 80 -3.99 33.89 12.04
C THR A 80 -3.46 32.77 11.16
N ALA A 81 -3.45 33.05 9.86
CA ALA A 81 -2.87 32.15 8.86
C ALA A 81 -2.02 33.00 7.92
N THR A 82 -0.78 32.58 7.72
CA THR A 82 0.23 33.40 7.06
C THR A 82 0.68 32.73 5.77
N ALA A 83 0.54 33.44 4.66
CA ALA A 83 1.05 32.96 3.36
C ALA A 83 2.24 33.80 2.89
N THR A 92 4.24 27.87 1.93
CA THR A 92 4.74 28.47 3.16
C THR A 92 3.58 28.99 4.02
N TYR A 93 2.49 28.22 4.05
CA TYR A 93 1.21 28.67 4.58
C TYR A 93 1.07 28.23 6.03
N ALA A 94 1.68 29.01 6.92
CA ALA A 94 1.76 28.70 8.34
C ALA A 94 0.56 29.24 9.10
N PHE A 95 0.16 28.51 10.15
CA PHE A 95 -1.00 28.83 10.97
C PHE A 95 -0.58 29.11 12.40
N ASP A 96 -1.26 30.05 13.05
CA ASP A 96 -1.12 30.29 14.49
C ASP A 96 -2.54 30.33 15.06
N LEU A 97 -3.07 29.15 15.38
CA LEU A 97 -4.50 28.98 15.58
C LEU A 97 -4.80 28.11 16.81
N GLU A 98 -5.69 28.59 17.66
CA GLU A 98 -6.32 27.76 18.67
C GLU A 98 -7.81 27.67 18.36
N TRP A 99 -8.36 26.45 18.44
CA TRP A 99 -9.79 26.24 18.20
C TRP A 99 -10.40 25.61 19.44
N GLN A 100 -11.25 26.36 20.12
CA GLN A 100 -11.97 25.83 21.28
C GLN A 100 -13.25 26.63 21.45
N ILE A 101 -14.32 25.98 21.89
CA ILE A 101 -15.62 26.64 22.03
C ILE A 101 -16.30 26.15 23.29
N PRO A 102 -17.18 26.98 23.88
CA PRO A 102 -18.00 26.53 25.02
C PRO A 102 -18.84 25.31 24.65
N ASP A 103 -18.92 24.38 25.61
CA ASP A 103 -19.67 23.13 25.38
C ASP A 103 -21.14 23.39 25.17
N THR A 104 -21.65 24.49 25.73
CA THR A 104 -23.09 24.75 25.78
C THR A 104 -23.31 26.22 25.49
N PRO A 105 -23.35 26.59 24.22
CA PRO A 105 -23.44 28.00 23.87
C PRO A 105 -24.82 28.56 24.15
N PRO A 106 -24.93 29.85 24.47
CA PRO A 106 -26.24 30.51 24.66
C PRO A 106 -26.96 30.81 23.34
N VAL A 107 -27.51 29.77 22.73
CA VAL A 107 -28.22 29.90 21.46
C VAL A 107 -29.53 29.14 21.55
N THR A 108 -30.64 29.81 21.22
CA THR A 108 -31.93 29.14 21.08
C THR A 108 -31.90 28.24 19.84
N PRO A 109 -32.72 27.19 19.82
CA PRO A 109 -32.60 26.17 18.74
C PRO A 109 -32.67 26.78 17.35
N PRO A 110 -31.62 26.64 16.56
CA PRO A 110 -31.61 27.22 15.21
C PRO A 110 -32.37 26.35 14.23
N LEU A 111 -32.71 26.94 13.10
CA LEU A 111 -33.25 26.19 11.98
C LEU A 111 -32.15 25.43 11.21
N LEU A 112 -30.93 25.93 11.27
CA LEU A 112 -29.83 25.38 10.48
C LEU A 112 -28.58 25.53 11.30
N VAL A 113 -27.74 24.50 11.34
CA VAL A 113 -26.41 24.65 11.92
C VAL A 113 -25.39 24.17 10.90
N HIS A 114 -24.42 25.04 10.61
CA HIS A 114 -23.39 24.77 9.62
C HIS A 114 -22.02 24.76 10.30
N THR A 115 -21.18 23.82 9.93
CA THR A 115 -19.79 23.83 10.39
C THR A 115 -18.89 23.28 9.29
N GLY A 116 -17.61 23.27 9.56
CA GLY A 116 -16.68 22.66 8.62
C GLY A 116 -15.27 23.14 8.81
N SER A 117 -14.44 22.80 7.84
CA SER A 117 -13.06 23.30 7.78
C SER A 117 -12.27 22.95 9.04
N ILE A 118 -11.50 23.89 9.55
CA ILE A 118 -10.60 23.63 10.70
C ILE A 118 -11.41 23.31 11.94
N ALA A 119 -12.51 24.01 12.18
CA ALA A 119 -13.31 23.80 13.38
C ALA A 119 -13.77 22.36 13.52
N ALA A 120 -13.94 21.67 12.41
CA ALA A 120 -14.51 20.34 12.44
C ALA A 120 -13.49 19.29 12.85
N ALA A 121 -12.22 19.62 12.80
CA ALA A 121 -11.24 18.53 12.87
C ALA A 121 -10.09 18.84 13.82
N ARG A 122 -10.10 19.99 14.46
CA ARG A 122 -8.98 20.45 15.26
C ARG A 122 -9.32 20.39 16.74
N GLU A 123 -8.47 19.73 17.52
CA GLU A 123 -8.65 19.60 18.96
C GLU A 123 -8.33 20.90 19.67
N PRO A 124 -9.01 21.19 20.79
CA PRO A 124 -10.12 20.43 21.39
C PRO A 124 -11.54 20.80 20.92
N GLY A 125 -11.71 21.95 20.27
CA GLY A 125 -13.03 22.38 19.84
C GLY A 125 -13.78 21.39 18.95
N CYS A 126 -13.06 20.58 18.17
CA CYS A 126 -13.78 19.70 17.27
C CYS A 126 -14.64 18.68 18.04
N LEU A 127 -14.27 18.34 19.29
CA LEU A 127 -15.09 17.40 20.05
C LEU A 127 -16.43 18.02 20.38
N ALA A 128 -16.39 19.28 20.82
CA ALA A 128 -17.62 19.98 21.11
C ALA A 128 -18.42 20.28 19.84
N VAL A 129 -17.75 20.48 18.69
CA VAL A 129 -18.49 20.66 17.44
C VAL A 129 -19.32 19.42 17.14
N ALA A 130 -18.68 18.25 17.20
CA ALA A 130 -19.38 16.98 16.97
C ALA A 130 -20.58 16.82 17.91
N ALA A 131 -20.40 17.14 19.19
CA ALA A 131 -21.47 16.99 20.18
C ALA A 131 -22.60 17.98 19.93
N LEU A 132 -22.28 19.23 19.59
CA LEU A 132 -23.31 20.23 19.32
C LEU A 132 -24.13 19.87 18.10
N LEU A 133 -23.51 19.27 17.06
CA LEU A 133 -24.30 18.87 15.90
C LEU A 133 -25.35 17.82 16.30
N ASP A 134 -24.94 16.86 17.14
CA ASP A 134 -25.86 15.88 17.71
C ASP A 134 -27.01 16.55 18.44
N ALA A 135 -26.70 17.54 19.29
CA ALA A 135 -27.72 18.17 20.13
C ALA A 135 -28.67 19.07 19.32
N TYR A 136 -28.17 19.70 18.24
CA TYR A 136 -28.99 20.66 17.52
C TYR A 136 -29.86 20.00 16.47
N ARG A 137 -29.60 18.75 16.12
CA ARG A 137 -30.27 18.23 14.94
C ARG A 137 -31.73 17.88 15.21
N ALA A 138 -32.19 17.90 16.47
CA ALA A 138 -33.62 17.73 16.73
C ALA A 138 -34.41 18.94 16.30
N ALA A 139 -33.77 20.11 16.22
CA ALA A 139 -34.39 21.29 15.68
C ALA A 139 -33.84 21.70 14.33
N ALA A 140 -32.56 21.45 14.05
CA ALA A 140 -31.83 22.11 12.97
C ALA A 140 -31.44 21.13 11.88
N THR A 141 -31.53 21.60 10.65
CA THR A 141 -30.79 20.98 9.56
C THR A 141 -29.31 21.17 9.83
N VAL A 142 -28.52 20.13 9.59
CA VAL A 142 -27.06 20.17 9.77
C VAL A 142 -26.38 20.22 8.40
N SER A 143 -25.51 21.22 8.19
CA SER A 143 -24.70 21.25 6.98
C SER A 143 -23.22 21.24 7.34
N PHE A 144 -22.43 20.78 6.38
CA PHE A 144 -21.03 20.49 6.60
C PHE A 144 -20.26 20.76 5.32
N ASP A 145 -19.17 21.50 5.45
CA ASP A 145 -18.18 21.73 4.37
C ASP A 145 -16.81 21.33 4.92
N PRO A 146 -16.25 20.18 4.53
CA PRO A 146 -14.98 19.75 5.03
C PRO A 146 -13.84 20.73 4.74
N ASN A 147 -13.74 21.26 3.52
CA ASN A 147 -12.79 22.34 3.12
C ASN A 147 -11.41 22.11 3.71
N VAL A 148 -10.82 20.97 3.40
CA VAL A 148 -9.52 20.65 4.02
C VAL A 148 -8.53 21.76 3.67
N ARG A 149 -7.92 22.35 4.68
CA ARG A 149 -6.99 23.46 4.45
C ARG A 149 -5.67 22.82 4.01
N PRO A 150 -5.18 23.16 2.80
CA PRO A 150 -4.03 22.54 2.18
C PRO A 150 -2.90 22.36 3.19
N SER A 151 -2.70 23.35 4.05
CA SER A 151 -1.71 23.05 5.09
C SER A 151 -2.16 21.85 5.93
N LEU A 152 -3.41 21.89 6.43
CA LEU A 152 -4.05 20.79 7.17
C LEU A 152 -3.08 20.02 8.04
N SER A 153 -2.22 20.78 8.75
CA SER A 153 -1.09 20.23 9.49
C SER A 153 -1.48 19.02 10.35
N ALA A 154 -2.74 18.94 10.75
CA ALA A 154 -3.20 17.87 11.62
C ALA A 154 -3.09 16.51 10.93
N ASP A 155 -2.87 15.49 11.75
CA ASP A 155 -2.68 14.07 11.37
C ASP A 155 -3.74 13.66 10.35
N PRO A 156 -3.30 13.12 9.21
CA PRO A 156 -4.21 12.78 8.13
C PRO A 156 -5.31 11.83 8.56
N ASP A 157 -4.95 10.75 9.25
CA ASP A 157 -5.91 9.68 9.55
C ASP A 157 -6.92 10.12 10.60
N LEU A 158 -6.49 10.89 11.60
CA LEU A 158 -7.41 11.42 12.57
C LEU A 158 -8.39 12.40 11.92
N THR A 159 -7.88 13.19 10.97
CA THR A 159 -8.74 14.12 10.25
C THR A 159 -9.78 13.37 9.43
N ARG A 160 -9.38 12.29 8.76
CA ARG A 160 -10.34 11.51 7.99
C ARG A 160 -11.41 10.92 8.88
N GLU A 161 -11.01 10.38 10.04
CA GLU A 161 -11.96 9.82 11.00
C GLU A 161 -12.93 10.88 11.46
N ARG A 162 -12.43 12.07 11.79
CA ARG A 162 -13.33 13.10 12.29
C ARG A 162 -14.29 13.58 11.21
N ILE A 163 -13.78 13.79 9.99
CA ILE A 163 -14.66 14.16 8.89
C ILE A 163 -15.74 13.10 8.70
N GLN A 164 -15.38 11.83 8.76
CA GLN A 164 -16.38 10.78 8.55
C GLN A 164 -17.47 10.80 9.63
N ARG A 165 -17.11 11.09 10.88
CA ARG A 165 -18.16 11.17 11.89
C ARG A 165 -19.06 12.37 11.67
N LEU A 166 -18.55 13.45 11.07
CA LEU A 166 -19.46 14.55 10.80
C LEU A 166 -20.37 14.23 9.63
N VAL A 167 -19.87 13.47 8.63
CA VAL A 167 -20.70 13.05 7.50
C VAL A 167 -21.95 12.34 8.01
N GLU A 168 -21.77 11.43 8.97
CA GLU A 168 -22.86 10.63 9.53
C GLU A 168 -23.88 11.48 10.28
N ARG A 169 -23.52 12.66 10.73
CA ARG A 169 -24.40 13.55 11.44
C ARG A 169 -24.95 14.70 10.60
N SER A 170 -24.66 14.74 9.31
CA SER A 170 -25.02 15.89 8.50
C SER A 170 -26.22 15.62 7.61
N ASP A 171 -27.00 16.66 7.31
CA ASP A 171 -28.05 16.54 6.29
C ASP A 171 -27.60 17.02 4.92
N ILE A 172 -26.78 18.07 4.89
CA ILE A 172 -26.29 18.67 3.67
C ILE A 172 -24.78 18.72 3.75
N ILE A 173 -24.12 18.23 2.71
CA ILE A 173 -22.66 18.29 2.61
C ILE A 173 -22.29 18.92 1.28
N LYS A 174 -21.30 19.82 1.32
CA LYS A 174 -20.68 20.32 0.12
C LYS A 174 -19.18 20.18 0.25
N ALA A 175 -18.55 19.68 -0.81
CA ALA A 175 -17.12 19.47 -0.83
C ALA A 175 -16.63 19.70 -2.25
N SER A 176 -15.33 19.98 -2.37
CA SER A 176 -14.67 20.10 -3.66
C SER A 176 -13.99 18.81 -4.08
N ALA A 177 -13.66 18.73 -5.37
CA ALA A 177 -12.95 17.56 -5.88
C ALA A 177 -11.63 17.37 -5.15
N GLU A 178 -10.97 18.48 -4.83
CA GLU A 178 -9.71 18.45 -4.09
C GLU A 178 -9.91 17.90 -2.68
N ASP A 179 -10.90 18.41 -1.94
CA ASP A 179 -11.30 17.82 -0.66
C ASP A 179 -11.36 16.30 -0.73
N LEU A 180 -12.15 15.79 -1.68
CA LEU A 180 -12.44 14.37 -1.67
C LEU A 180 -11.25 13.54 -2.12
N HIS A 181 -10.41 14.10 -3.01
CA HIS A 181 -9.15 13.46 -3.34
C HIS A 181 -8.26 13.34 -2.09
N TRP A 182 -8.22 14.38 -1.27
CA TRP A 182 -7.44 14.26 -0.06
C TRP A 182 -8.03 13.22 0.89
N ILE A 183 -9.36 13.19 1.00
CA ILE A 183 -10.02 12.19 1.83
C ILE A 183 -9.66 10.79 1.37
N ASP A 184 -9.69 10.55 0.06
CA ASP A 184 -9.42 9.22 -0.49
C ASP A 184 -8.86 9.31 -1.90
N PRO A 185 -7.53 9.36 -2.05
CA PRO A 185 -6.93 9.53 -3.38
C PRO A 185 -7.11 8.35 -4.30
N THR A 186 -7.61 7.22 -3.82
CA THR A 186 -7.74 6.05 -4.68
C THR A 186 -9.06 6.00 -5.42
N GLN A 187 -10.04 6.82 -5.03
CA GLN A 187 -11.31 6.81 -5.71
C GLN A 187 -11.55 8.14 -6.43
N PRO A 188 -12.25 8.13 -7.56
CA PRO A 188 -12.75 9.38 -8.13
C PRO A 188 -13.67 10.09 -7.14
N PRO A 189 -13.64 11.41 -7.09
CA PRO A 189 -14.45 12.14 -6.09
C PRO A 189 -15.91 11.75 -6.06
N GLU A 190 -16.51 11.43 -7.21
CA GLU A 190 -17.93 11.06 -7.21
C GLU A 190 -18.19 9.77 -6.42
N GLN A 191 -17.25 8.82 -6.42
CA GLN A 191 -17.40 7.62 -5.58
C GLN A 191 -17.47 7.98 -4.10
N THR A 192 -16.51 8.76 -3.63
CA THR A 192 -16.54 9.21 -2.26
C THR A 192 -17.84 9.96 -1.96
N ALA A 193 -18.27 10.87 -2.86
CA ALA A 193 -19.48 11.63 -2.57
C ALA A 193 -20.69 10.72 -2.48
N ARG A 194 -20.74 9.68 -3.33
CA ARG A 194 -21.89 8.79 -3.26
C ARG A 194 -21.82 7.89 -2.03
N ALA A 195 -20.60 7.53 -1.60
CA ALA A 195 -20.51 6.80 -0.34
C ALA A 195 -20.92 7.69 0.83
N TRP A 196 -20.67 9.00 0.74
CA TRP A 196 -21.13 9.89 1.81
C TRP A 196 -22.63 9.99 1.84
N LEU A 197 -23.28 10.09 0.66
CA LEU A 197 -24.74 10.16 0.61
C LEU A 197 -25.38 8.96 1.28
N ALA A 198 -24.77 7.78 1.13
CA ALA A 198 -25.35 6.57 1.68
C ALA A 198 -25.30 6.54 3.21
N CYS A 199 -24.57 7.44 3.87
CA CYS A 199 -24.42 7.44 5.32
C CYS A 199 -25.45 8.28 6.05
N GLY A 200 -26.52 8.73 5.38
CA GLY A 200 -27.50 9.58 6.05
C GLY A 200 -27.83 10.98 5.50
N PRO A 201 -26.88 11.66 4.84
CA PRO A 201 -27.22 12.98 4.28
C PRO A 201 -28.43 12.95 3.34
N ALA A 202 -29.13 14.08 3.27
CA ALA A 202 -30.10 14.28 2.20
C ALA A 202 -29.41 14.65 0.88
N ILE A 203 -28.34 15.44 0.95
CA ILE A 203 -27.70 16.01 -0.23
C ILE A 203 -26.20 16.04 0.00
N VAL A 204 -25.45 15.56 -1.00
CA VAL A 204 -24.01 15.72 -1.06
C VAL A 204 -23.71 16.44 -2.37
N ALA A 205 -23.23 17.68 -2.26
CA ALA A 205 -22.85 18.50 -3.41
C ALA A 205 -21.35 18.49 -3.56
N LEU A 206 -20.90 18.52 -4.82
CA LEU A 206 -19.50 18.31 -5.18
C LEU A 206 -19.14 19.34 -6.23
N THR A 207 -18.28 20.31 -5.90
CA THR A 207 -17.83 21.30 -6.87
C THR A 207 -16.62 20.75 -7.61
N LEU A 208 -16.54 21.05 -8.90
CA LEU A 208 -15.56 20.44 -9.79
C LEU A 208 -14.79 21.51 -10.53
N GLY A 209 -14.57 22.67 -9.89
CA GLY A 209 -13.71 23.67 -10.49
C GLY A 209 -14.33 24.24 -11.75
N ASP A 210 -13.50 24.37 -12.78
CA ASP A 210 -13.98 24.88 -14.06
C ASP A 210 -14.86 23.84 -14.82
N GLN A 211 -15.22 22.71 -14.23
CA GLN A 211 -16.18 21.79 -14.83
C GLN A 211 -17.58 21.89 -14.21
N GLY A 212 -17.84 22.91 -13.37
CA GLY A 212 -19.14 23.07 -12.74
C GLY A 212 -19.28 22.36 -11.40
N ALA A 213 -20.47 21.85 -11.11
CA ALA A 213 -20.74 21.16 -9.86
C ALA A 213 -21.76 20.06 -10.12
N VAL A 214 -21.73 19.04 -9.26
CA VAL A 214 -22.74 17.99 -9.24
C VAL A 214 -23.26 17.84 -7.82
N ALA A 215 -24.41 17.18 -7.69
CA ALA A 215 -24.95 16.90 -6.37
C ALA A 215 -25.72 15.59 -6.44
N PHE A 216 -25.83 14.91 -5.30
CA PHE A 216 -26.52 13.63 -5.24
C PHE A 216 -27.55 13.67 -4.14
N CYS A 217 -28.73 13.11 -4.43
CA CYS A 217 -29.78 12.90 -3.44
C CYS A 217 -30.41 11.54 -3.74
N ALA A 218 -31.38 11.13 -2.92
CA ALA A 218 -31.98 9.82 -3.13
C ALA A 218 -32.60 9.73 -4.53
N ALA A 219 -33.26 10.81 -4.95
CA ALA A 219 -33.99 10.82 -6.22
C ALA A 219 -33.07 10.73 -7.44
N GLY A 220 -31.82 11.17 -7.34
CA GLY A 220 -30.90 11.03 -8.45
C GLY A 220 -29.79 12.07 -8.47
N PRO A 221 -28.98 12.03 -9.53
CA PRO A 221 -27.90 13.01 -9.66
C PRO A 221 -28.40 14.33 -10.25
N ALA A 222 -27.64 15.37 -9.96
CA ALA A 222 -27.91 16.69 -10.52
C ALA A 222 -26.58 17.30 -10.92
N SER A 223 -26.66 18.22 -11.86
CA SER A 223 -25.49 18.68 -12.58
C SER A 223 -25.70 20.15 -12.94
N VAL A 224 -24.61 20.90 -12.94
CA VAL A 224 -24.66 22.28 -13.43
C VAL A 224 -23.36 22.55 -14.17
N PRO A 225 -23.40 23.08 -15.39
CA PRO A 225 -22.16 23.31 -16.11
C PRO A 225 -21.36 24.43 -15.44
N ALA A 226 -20.08 24.49 -15.80
CA ALA A 226 -19.24 25.54 -15.28
C ALA A 226 -19.67 26.90 -15.80
N GLN A 227 -19.26 27.94 -15.08
CA GLN A 227 -19.40 29.34 -15.40
C GLN A 227 -18.15 29.83 -16.15
N PRO A 228 -18.22 31.02 -16.80
CA PRO A 228 -17.04 31.65 -17.41
C PRO A 228 -15.77 31.58 -16.54
N VAL A 232 -12.45 35.30 -6.43
CA VAL A 232 -11.31 34.98 -7.27
C VAL A 232 -10.55 33.84 -6.61
N ASP A 233 -10.37 33.96 -5.30
CA ASP A 233 -9.86 32.84 -4.53
C ASP A 233 -10.83 31.68 -4.63
N THR A 234 -10.28 30.47 -4.77
CA THR A 234 -11.10 29.28 -4.99
C THR A 234 -11.89 28.92 -3.73
N VAL A 235 -11.31 29.12 -2.56
CA VAL A 235 -12.04 28.76 -1.34
C VAL A 235 -13.02 29.87 -0.96
N GLY A 236 -12.70 31.14 -1.26
CA GLY A 236 -13.67 32.20 -1.08
C GLY A 236 -14.89 32.03 -1.96
N ALA A 237 -14.68 31.71 -3.24
CA ALA A 237 -15.79 31.33 -4.10
C ALA A 237 -16.52 30.11 -3.54
N GLY A 238 -15.79 29.15 -2.98
CA GLY A 238 -16.44 27.96 -2.45
C GLY A 238 -17.36 28.28 -1.29
N ASP A 239 -16.95 29.21 -0.44
CA ASP A 239 -17.81 29.57 0.68
C ASP A 239 -19.08 30.30 0.22
N ALA A 240 -18.99 31.14 -0.84
CA ALA A 240 -20.19 31.78 -1.36
C ALA A 240 -21.10 30.77 -2.05
N PHE A 241 -20.53 29.75 -2.71
CA PHE A 241 -21.35 28.64 -3.21
C PHE A 241 -22.16 28.02 -2.08
N MET A 242 -21.49 27.74 -0.96
CA MET A 242 -22.16 27.10 0.16
C MET A 242 -23.27 28.00 0.72
N ALA A 243 -22.99 29.30 0.91
CA ALA A 243 -24.04 30.19 1.40
C ALA A 243 -25.20 30.26 0.41
N GLY A 244 -24.90 30.31 -0.90
CA GLY A 244 -25.98 30.31 -1.87
C GLY A 244 -26.79 29.03 -1.84
N LEU A 245 -26.12 27.88 -1.64
CA LEU A 245 -26.83 26.61 -1.60
C LEU A 245 -27.81 26.58 -0.42
N LEU A 246 -27.35 27.01 0.76
CA LEU A 246 -28.19 26.95 1.96
C LEU A 246 -29.32 27.97 1.88
N ASP A 247 -29.03 29.17 1.39
CA ASP A 247 -30.06 30.20 1.23
C ASP A 247 -31.17 29.75 0.29
N THR A 248 -30.83 29.04 -0.78
CA THR A 248 -31.85 28.62 -1.72
C THR A 248 -32.63 27.40 -1.21
N LEU A 249 -31.97 26.46 -0.53
CA LEU A 249 -32.74 25.41 0.11
C LEU A 249 -33.64 25.98 1.21
N TRP A 250 -33.15 27.00 1.91
CA TRP A 250 -33.97 27.74 2.86
C TRP A 250 -35.23 28.27 2.17
N GLU A 251 -35.06 28.93 1.01
CA GLU A 251 -36.18 29.53 0.28
C GLU A 251 -37.14 28.46 -0.22
N GLN A 252 -36.61 27.32 -0.65
CA GLN A 252 -37.46 26.21 -1.05
C GLN A 252 -38.21 25.60 0.13
N GLY A 253 -38.05 26.10 1.35
CA GLY A 253 -38.78 25.55 2.49
C GLY A 253 -38.33 24.17 2.95
N LEU A 254 -37.05 23.83 2.78
CA LEU A 254 -36.55 22.50 3.12
C LEU A 254 -35.69 22.48 4.38
N LEU A 255 -35.48 23.62 5.04
CA LEU A 255 -34.62 23.64 6.21
C LEU A 255 -35.45 23.49 7.48
N GLY A 256 -34.80 23.04 8.55
CA GLY A 256 -35.47 22.75 9.80
C GLY A 256 -35.69 21.26 9.99
N ALA A 257 -35.54 20.78 11.23
CA ALA A 257 -35.78 19.37 11.51
C ALA A 257 -37.17 18.93 11.05
N ASP A 258 -38.17 19.80 11.23
CA ASP A 258 -39.53 19.51 10.81
C ASP A 258 -39.65 19.29 9.30
N ARG A 259 -38.65 19.71 8.51
CA ARG A 259 -38.66 19.51 7.05
C ARG A 259 -37.63 18.49 6.60
N ARG A 260 -36.95 17.83 7.54
CA ARG A 260 -35.87 16.92 7.17
C ARG A 260 -36.36 15.81 6.22
N THR A 261 -37.57 15.30 6.43
CA THR A 261 -38.05 14.25 5.52
C THR A 261 -38.30 14.80 4.12
N GLU A 262 -38.87 16.00 4.01
CA GLU A 262 -39.01 16.62 2.68
C GLU A 262 -37.66 16.97 2.06
N LEU A 263 -36.66 17.35 2.87
CA LEU A 263 -35.33 17.60 2.30
C LEU A 263 -34.73 16.32 1.74
N ARG A 264 -34.88 15.19 2.44
CA ARG A 264 -34.30 13.97 1.92
C ARG A 264 -34.98 13.54 0.63
N LYS A 265 -36.22 13.97 0.42
CA LYS A 265 -37.02 13.62 -0.76
C LYS A 265 -36.93 14.67 -1.85
N ILE A 266 -35.97 15.59 -1.77
CA ILE A 266 -35.85 16.65 -2.76
C ILE A 266 -35.77 16.05 -4.15
N GLY A 267 -36.43 16.70 -5.12
CA GLY A 267 -36.37 16.25 -6.48
C GLY A 267 -35.07 16.63 -7.19
N VAL A 268 -34.77 15.87 -8.25
CA VAL A 268 -33.62 16.20 -9.10
C VAL A 268 -33.77 17.59 -9.69
N SER A 269 -35.01 18.00 -9.93
CA SER A 269 -35.26 19.32 -10.51
C SER A 269 -35.03 20.42 -9.48
N ALA A 270 -35.58 20.25 -8.28
CA ALA A 270 -35.34 21.21 -7.20
C ALA A 270 -33.85 21.27 -6.84
N LEU A 271 -33.19 20.12 -6.81
CA LEU A 271 -31.77 20.06 -6.50
C LEU A 271 -30.95 20.76 -7.59
N THR A 272 -31.32 20.55 -8.86
CA THR A 272 -30.62 21.24 -9.94
C THR A 272 -30.75 22.75 -9.81
N SER A 273 -31.93 23.25 -9.44
CA SER A 273 -32.12 24.70 -9.26
C SER A 273 -31.33 25.22 -8.08
N ALA A 274 -31.31 24.48 -6.97
CA ALA A 274 -30.47 24.86 -5.85
C ALA A 274 -29.02 24.96 -6.29
N LEU A 275 -28.55 24.01 -7.11
CA LEU A 275 -27.17 24.03 -7.60
C LEU A 275 -26.89 25.21 -8.54
N GLU A 276 -27.83 25.53 -9.45
CA GLU A 276 -27.68 26.70 -10.33
C GLU A 276 -27.59 27.99 -9.51
N VAL A 277 -28.51 28.15 -8.55
CA VAL A 277 -28.48 29.36 -7.71
C VAL A 277 -27.17 29.46 -6.96
N ALA A 278 -26.73 28.34 -6.36
CA ALA A 278 -25.43 28.29 -5.69
C ALA A 278 -24.31 28.69 -6.65
N ALA A 279 -24.25 28.09 -7.83
CA ALA A 279 -23.15 28.41 -8.75
C ALA A 279 -23.20 29.88 -9.20
N LEU A 280 -24.40 30.42 -9.41
CA LEU A 280 -24.51 31.83 -9.83
C LEU A 280 -24.21 32.81 -8.69
N THR A 281 -24.71 32.52 -7.48
CA THR A 281 -24.36 33.30 -6.29
C THR A 281 -22.85 33.39 -6.14
N SER A 282 -22.19 32.27 -6.39
CA SER A 282 -20.75 32.21 -6.19
C SER A 282 -20.01 32.98 -7.29
N ALA A 283 -20.39 32.76 -8.54
CA ALA A 283 -19.80 33.52 -9.65
C ALA A 283 -20.07 35.02 -9.52
N LEU A 284 -21.24 35.40 -9.02
CA LEU A 284 -21.58 36.81 -8.90
C LEU A 284 -20.80 37.45 -7.77
N THR A 285 -20.54 36.69 -6.71
CA THR A 285 -19.73 37.19 -5.60
C THR A 285 -18.33 37.50 -6.10
N VAL A 286 -17.79 36.62 -6.94
CA VAL A 286 -16.47 36.83 -7.53
C VAL A 286 -16.48 38.02 -8.47
N ALA A 287 -17.50 38.11 -9.34
CA ALA A 287 -17.52 39.17 -10.35
C ALA A 287 -17.64 40.55 -9.72
N ARG A 288 -18.38 40.66 -8.63
CA ARG A 288 -18.58 41.95 -7.98
C ARG A 288 -17.35 42.38 -7.21
N ALA A 289 -16.67 41.43 -6.56
CA ALA A 289 -15.44 41.76 -5.85
C ALA A 289 -14.31 42.07 -6.81
N GLY A 290 -14.29 41.42 -7.98
CA GLY A 290 -13.27 41.67 -8.99
C GLY A 290 -13.36 43.02 -9.66
N ALA A 291 -14.55 43.64 -9.67
CA ALA A 291 -14.74 45.02 -10.13
C ALA A 291 -14.48 46.05 -9.04
N ASP A 292 -14.15 45.61 -7.82
CA ASP A 292 -13.82 46.48 -6.68
C ASP A 292 -14.96 47.41 -6.30
N ALA B 2 -36.63 -10.80 -42.33
CA ALA B 2 -35.61 -10.20 -41.45
C ALA B 2 -36.20 -9.05 -40.62
N ARG B 3 -37.02 -9.42 -39.64
CA ARG B 3 -37.80 -8.42 -38.86
C ARG B 3 -37.30 -8.30 -37.42
N GLY B 4 -37.66 -7.20 -36.80
CA GLY B 4 -37.32 -6.96 -35.39
C GLY B 4 -38.53 -7.22 -34.54
N LEU B 5 -38.32 -7.67 -33.32
CA LEU B 5 -39.48 -7.88 -32.41
C LEU B 5 -39.27 -7.04 -31.15
N VAL B 6 -40.30 -6.32 -30.73
CA VAL B 6 -40.23 -5.52 -29.49
C VAL B 6 -41.23 -6.12 -28.52
N ILE B 7 -40.81 -6.43 -27.31
CA ILE B 7 -41.77 -6.99 -26.32
C ILE B 7 -41.90 -5.99 -25.18
N GLY B 8 -43.10 -5.45 -24.96
CA GLY B 8 -43.23 -4.47 -23.87
C GLY B 8 -44.60 -3.84 -23.81
N GLU B 9 -44.82 -3.03 -22.78
CA GLU B 9 -46.11 -2.36 -22.53
C GLU B 9 -46.39 -1.25 -23.52
N ALA B 10 -47.66 -1.05 -23.82
CA ALA B 10 -48.13 0.09 -24.63
C ALA B 10 -49.19 0.75 -23.75
N LEU B 11 -49.16 2.06 -23.55
CA LEU B 11 -50.16 2.63 -22.62
C LEU B 11 -50.58 4.02 -23.07
N ILE B 12 -51.58 4.59 -22.41
CA ILE B 12 -51.96 5.98 -22.77
C ILE B 12 -51.45 6.88 -21.65
N ASP B 13 -50.75 7.93 -22.00
CA ASP B 13 -50.21 8.86 -20.97
C ASP B 13 -51.30 9.87 -20.64
N ILE B 14 -51.74 9.89 -19.38
CA ILE B 14 -52.80 10.83 -18.92
C ILE B 14 -52.17 11.99 -18.13
N VAL B 15 -52.20 13.20 -18.70
CA VAL B 15 -51.63 14.44 -18.09
C VAL B 15 -52.49 14.90 -16.91
N ASP B 16 -51.89 15.68 -16.00
CA ASP B 16 -52.55 16.17 -14.76
C ASP B 16 -53.73 17.10 -15.08
N GLY B 17 -54.87 16.89 -14.42
CA GLY B 17 -56.05 17.74 -14.66
C GLY B 17 -57.11 17.03 -15.48
N GLU B 22 -54.64 12.86 -23.05
CA GLU B 22 -54.46 11.43 -23.39
C GLU B 22 -53.52 11.29 -24.59
N TYR B 23 -52.36 10.67 -24.38
CA TYR B 23 -51.37 10.49 -25.47
C TYR B 23 -50.95 9.01 -25.54
N VAL B 24 -50.68 8.50 -26.74
CA VAL B 24 -50.24 7.10 -26.87
C VAL B 24 -48.81 7.01 -26.35
N GLY B 25 -48.56 6.11 -25.41
CA GLY B 25 -47.24 5.99 -24.75
C GLY B 25 -46.74 4.57 -24.63
N GLY B 26 -45.75 4.36 -23.75
CA GLY B 26 -45.09 3.06 -23.51
C GLY B 26 -43.69 3.08 -24.09
N SER B 27 -42.69 2.77 -23.27
CA SER B 27 -41.28 2.84 -23.74
C SER B 27 -41.03 1.86 -24.88
N PRO B 28 -41.44 0.59 -24.76
CA PRO B 28 -41.26 -0.40 -25.81
C PRO B 28 -42.04 -0.02 -27.06
N LEU B 29 -43.25 0.51 -26.90
CA LEU B 29 -44.04 0.92 -28.09
C LEU B 29 -43.28 2.02 -28.83
N ASN B 30 -42.71 2.98 -28.10
CA ASN B 30 -41.97 4.09 -28.75
C ASN B 30 -40.77 3.52 -29.50
N VAL B 31 -40.08 2.55 -28.94
CA VAL B 31 -38.93 1.97 -29.69
C VAL B 31 -39.44 1.29 -30.95
N ALA B 32 -40.56 0.58 -30.86
CA ALA B 32 -41.08 -0.13 -32.05
C ALA B 32 -41.44 0.88 -33.14
N VAL B 33 -42.14 1.95 -32.77
CA VAL B 33 -42.54 3.00 -33.73
C VAL B 33 -41.30 3.70 -34.28
N GLY B 34 -40.33 3.95 -33.42
CA GLY B 34 -39.11 4.62 -33.91
C GLY B 34 -38.42 3.76 -34.95
N LEU B 35 -38.34 2.45 -34.70
CA LEU B 35 -37.74 1.52 -35.67
C LEU B 35 -38.60 1.50 -36.95
N ALA B 36 -39.92 1.50 -36.80
CA ALA B 36 -40.83 1.51 -37.97
C ALA B 36 -40.62 2.79 -38.76
N ARG B 37 -40.52 3.92 -38.07
CA ARG B 37 -40.33 5.26 -38.70
C ARG B 37 -38.98 5.33 -39.42
N LEU B 38 -37.97 4.59 -38.98
CA LEU B 38 -36.64 4.59 -39.64
C LEU B 38 -36.61 3.59 -40.80
N GLY B 39 -37.71 2.90 -41.11
CA GLY B 39 -37.73 1.99 -42.27
C GLY B 39 -37.50 0.52 -41.96
N ARG B 40 -37.58 0.10 -40.70
CA ARG B 40 -37.35 -1.32 -40.36
C ARG B 40 -38.70 -2.02 -40.16
N ASP B 41 -38.80 -3.28 -40.57
CA ASP B 41 -40.05 -4.04 -40.33
C ASP B 41 -40.02 -4.50 -38.88
N VAL B 42 -41.05 -4.18 -38.11
CA VAL B 42 -41.05 -4.47 -36.64
C VAL B 42 -42.37 -5.10 -36.21
N ASP B 43 -42.29 -6.10 -35.34
CA ASP B 43 -43.50 -6.70 -34.72
C ASP B 43 -43.46 -6.25 -33.26
N LEU B 44 -44.62 -5.92 -32.70
CA LEU B 44 -44.66 -5.53 -31.28
C LEU B 44 -45.66 -6.43 -30.57
N LEU B 45 -45.23 -7.08 -29.50
CA LEU B 45 -46.12 -7.94 -28.69
C LEU B 45 -46.41 -7.12 -27.43
N THR B 46 -47.67 -6.88 -27.11
CA THR B 46 -48.00 -6.00 -25.96
C THR B 46 -49.25 -6.48 -25.23
N HIS B 47 -49.83 -5.62 -24.40
CA HIS B 47 -51.06 -5.98 -23.65
C HIS B 47 -52.01 -4.78 -23.62
N ILE B 48 -52.69 -4.49 -24.73
CA ILE B 48 -53.65 -3.34 -24.78
C ILE B 48 -55.05 -3.93 -24.82
N GLY B 49 -56.00 -3.33 -24.10
CA GLY B 49 -57.37 -3.86 -23.99
C GLY B 49 -58.23 -3.65 -25.22
N ARG B 50 -59.30 -4.44 -25.31
CA ARG B 50 -60.30 -4.28 -26.39
C ARG B 50 -61.27 -3.22 -25.89
N ASP B 51 -60.90 -1.96 -26.13
CA ASP B 51 -61.66 -0.77 -25.67
C ASP B 51 -61.20 0.45 -26.49
N ALA B 52 -61.74 1.62 -26.18
CA ALA B 52 -61.42 2.82 -26.97
C ALA B 52 -59.92 3.12 -26.91
N ARG B 53 -59.30 3.04 -25.74
CA ARG B 53 -57.86 3.36 -25.66
C ARG B 53 -57.04 2.39 -26.51
N GLY B 54 -57.38 1.10 -26.45
CA GLY B 54 -56.62 0.11 -27.24
C GLY B 54 -56.69 0.39 -28.72
N ARG B 55 -57.86 0.78 -29.21
CA ARG B 55 -58.03 1.02 -30.66
C ARG B 55 -57.13 2.16 -31.12
N ARG B 56 -57.02 3.20 -30.29
CA ARG B 56 -56.17 4.37 -30.65
C ARG B 56 -54.72 3.90 -30.76
N ILE B 57 -54.30 3.08 -29.80
CA ILE B 57 -52.91 2.55 -29.80
C ILE B 57 -52.74 1.72 -31.07
N ALA B 58 -53.72 0.87 -31.36
CA ALA B 58 -53.64 -0.02 -32.55
C ALA B 58 -53.55 0.82 -33.83
N GLU B 59 -54.35 1.88 -33.93
CA GLU B 59 -54.31 2.75 -35.13
C GLU B 59 -52.96 3.45 -35.21
N TYR B 60 -52.44 3.89 -34.06
CA TYR B 60 -51.13 4.57 -34.00
C TYR B 60 -50.04 3.59 -34.45
N ILE B 61 -50.12 2.34 -33.99
CA ILE B 61 -49.10 1.33 -34.39
C ILE B 61 -49.15 1.10 -35.90
N GLU B 62 -50.35 0.88 -36.46
CA GLU B 62 -50.51 0.60 -37.91
C GLU B 62 -50.07 1.82 -38.72
N SER B 63 -50.37 3.02 -38.24
CA SER B 63 -49.96 4.24 -38.99
C SER B 63 -48.44 4.30 -39.09
N SER B 64 -47.74 3.94 -37.98
CA SER B 64 -46.27 3.93 -37.90
C SER B 64 -45.67 2.87 -38.84
N GLY B 65 -46.35 1.73 -39.01
CA GLY B 65 -45.82 0.66 -39.86
C GLY B 65 -45.44 -0.55 -39.03
N VAL B 66 -45.71 -0.48 -37.73
CA VAL B 66 -45.42 -1.60 -36.78
C VAL B 66 -46.54 -2.64 -36.92
N GLN B 67 -46.22 -3.92 -36.83
CA GLN B 67 -47.28 -4.94 -36.93
C GLN B 67 -47.60 -5.46 -35.53
N LEU B 68 -48.84 -5.33 -35.10
CA LEU B 68 -49.20 -5.84 -33.76
C LEU B 68 -49.15 -7.37 -33.81
N VAL B 69 -48.70 -8.00 -32.73
CA VAL B 69 -48.59 -9.48 -32.68
C VAL B 69 -49.89 -10.03 -32.11
N SER B 70 -50.41 -11.11 -32.68
CA SER B 70 -51.71 -11.67 -32.21
C SER B 70 -51.63 -12.12 -30.75
N GLY B 71 -52.72 -11.94 -30.01
CA GLY B 71 -52.77 -12.31 -28.58
C GLY B 71 -52.30 -11.17 -27.67
N SER B 72 -52.06 -10.00 -28.25
CA SER B 72 -51.59 -8.84 -27.48
C SER B 72 -52.76 -7.91 -27.16
N GLN B 73 -53.94 -8.23 -27.68
CA GLN B 73 -55.16 -7.38 -27.50
C GLN B 73 -56.10 -8.01 -26.47
N THR B 74 -55.57 -8.80 -25.54
CA THR B 74 -56.38 -9.54 -24.53
C THR B 74 -56.50 -8.77 -23.21
N ALA B 75 -55.98 -7.55 -23.12
CA ALA B 75 -55.97 -6.88 -21.80
C ALA B 75 -57.38 -6.66 -21.25
N ASP B 76 -57.54 -6.91 -19.95
CA ASP B 76 -58.83 -6.74 -19.24
C ASP B 76 -59.21 -5.25 -19.32
N ARG B 77 -58.24 -4.37 -19.08
CA ARG B 77 -58.42 -2.91 -19.22
C ARG B 77 -57.14 -2.35 -19.80
N THR B 78 -57.22 -1.41 -20.74
CA THR B 78 -55.97 -0.85 -21.29
C THR B 78 -55.20 -0.18 -20.15
N PRO B 79 -53.87 -0.42 -20.01
CA PRO B 79 -53.10 0.15 -18.92
C PRO B 79 -52.96 1.67 -19.09
N THR B 80 -52.84 2.40 -18.00
CA THR B 80 -52.77 3.88 -18.16
C THR B 80 -51.72 4.51 -17.26
N ALA B 81 -51.09 5.60 -17.71
CA ALA B 81 -50.06 6.31 -16.92
C ALA B 81 -50.56 7.72 -16.60
N THR B 82 -50.69 8.08 -15.32
CA THR B 82 -51.29 9.40 -14.98
C THR B 82 -50.34 10.36 -14.24
N ALA B 83 -50.04 11.57 -14.78
CA ALA B 83 -49.18 12.43 -13.94
C ALA B 83 -50.04 13.12 -12.86
N THR B 92 -44.59 13.06 -10.86
CA THR B 92 -45.29 11.91 -10.33
C THR B 92 -46.05 11.15 -11.42
N TYR B 93 -46.21 9.84 -11.23
CA TYR B 93 -46.99 9.00 -12.12
C TYR B 93 -47.65 7.91 -11.30
N ALA B 94 -48.93 7.64 -11.57
CA ALA B 94 -49.63 6.49 -11.00
C ALA B 94 -50.02 5.54 -12.14
N PHE B 95 -49.90 4.24 -11.90
CA PHE B 95 -50.07 3.26 -12.96
C PHE B 95 -51.27 2.39 -12.67
N ASP B 96 -52.23 2.37 -13.58
CA ASP B 96 -53.33 1.41 -13.60
C ASP B 96 -53.01 0.45 -14.74
N LEU B 97 -52.30 -0.64 -14.42
CA LEU B 97 -51.63 -1.44 -15.44
C LEU B 97 -51.54 -2.89 -15.01
N GLU B 98 -51.84 -3.79 -15.96
CA GLU B 98 -51.46 -5.19 -15.89
C GLU B 98 -50.55 -5.53 -17.06
N TRP B 99 -49.63 -6.47 -16.83
CA TRP B 99 -48.70 -6.90 -17.87
C TRP B 99 -48.69 -8.42 -17.95
N GLN B 100 -49.24 -8.95 -19.05
CA GLN B 100 -49.37 -10.39 -19.27
C GLN B 100 -49.06 -10.70 -20.72
N ILE B 101 -48.25 -11.72 -20.97
CA ILE B 101 -48.01 -12.17 -22.34
C ILE B 101 -48.15 -13.69 -22.46
N PRO B 102 -48.57 -14.18 -23.63
CA PRO B 102 -48.60 -15.64 -23.85
C PRO B 102 -47.19 -16.22 -23.69
N ASP B 103 -47.14 -17.42 -23.11
CA ASP B 103 -45.88 -18.12 -22.95
C ASP B 103 -45.08 -18.16 -24.25
N THR B 104 -45.78 -18.24 -25.41
CA THR B 104 -45.13 -18.42 -26.70
C THR B 104 -45.83 -17.61 -27.78
N PRO B 105 -45.23 -16.53 -28.25
CA PRO B 105 -45.86 -15.68 -29.26
C PRO B 105 -45.82 -16.31 -30.63
N PRO B 106 -46.84 -16.08 -31.45
CA PRO B 106 -46.80 -16.46 -32.89
C PRO B 106 -45.95 -15.56 -33.78
N VAL B 107 -44.63 -15.75 -33.71
CA VAL B 107 -43.69 -15.04 -34.58
C VAL B 107 -42.55 -15.96 -34.95
N THR B 108 -42.16 -15.89 -36.21
CA THR B 108 -40.94 -16.52 -36.70
C THR B 108 -39.73 -15.88 -36.03
N PRO B 109 -38.57 -16.56 -36.05
CA PRO B 109 -37.40 -16.07 -35.27
C PRO B 109 -36.94 -14.68 -35.73
N PRO B 110 -37.00 -13.69 -34.84
CA PRO B 110 -36.60 -12.33 -35.24
C PRO B 110 -35.11 -12.17 -35.32
N LEU B 111 -34.69 -11.22 -36.14
CA LEU B 111 -33.30 -10.76 -36.15
C LEU B 111 -32.91 -10.02 -34.86
N LEU B 112 -33.88 -9.47 -34.14
CA LEU B 112 -33.59 -8.64 -32.99
C LEU B 112 -34.82 -8.69 -32.09
N VAL B 113 -34.61 -8.87 -30.79
CA VAL B 113 -35.71 -8.77 -29.84
C VAL B 113 -35.32 -7.75 -28.77
N HIS B 114 -36.21 -6.79 -28.53
CA HIS B 114 -35.98 -5.69 -27.62
C HIS B 114 -37.07 -5.67 -26.56
N THR B 115 -36.68 -5.50 -25.31
CA THR B 115 -37.65 -5.32 -24.23
C THR B 115 -37.10 -4.31 -23.22
N GLY B 116 -37.84 -4.07 -22.16
CA GLY B 116 -37.37 -3.18 -21.09
C GLY B 116 -38.51 -2.58 -20.33
N SER B 117 -38.21 -1.59 -19.51
CA SER B 117 -39.20 -0.79 -18.76
C SER B 117 -40.06 -1.67 -17.90
N ILE B 118 -41.35 -1.42 -17.91
CA ILE B 118 -42.27 -2.13 -17.00
C ILE B 118 -42.37 -3.61 -17.37
N ALA B 119 -42.36 -3.90 -18.66
CA ALA B 119 -42.44 -5.31 -19.08
C ALA B 119 -41.37 -6.18 -18.44
N ALA B 120 -40.20 -5.62 -18.17
CA ALA B 120 -39.09 -6.42 -17.65
C ALA B 120 -39.22 -6.75 -16.18
N ALA B 121 -40.09 -6.04 -15.45
CA ALA B 121 -40.08 -6.09 -13.99
C ALA B 121 -41.44 -6.41 -13.39
N ARG B 122 -42.52 -6.29 -14.15
CA ARG B 122 -43.88 -6.36 -13.64
C ARG B 122 -44.48 -7.74 -13.89
N GLU B 123 -45.03 -8.34 -12.83
CA GLU B 123 -45.64 -9.67 -12.91
C GLU B 123 -47.07 -9.60 -13.43
N PRO B 124 -47.55 -10.69 -14.07
CA PRO B 124 -46.79 -11.92 -14.32
C PRO B 124 -45.98 -11.88 -15.63
N GLY B 125 -46.33 -10.94 -16.53
CA GLY B 125 -45.71 -10.88 -17.84
C GLY B 125 -44.19 -10.91 -17.83
N CYS B 126 -43.56 -10.34 -16.79
CA CYS B 126 -42.11 -10.27 -16.78
C CYS B 126 -41.47 -11.65 -16.73
N LEU B 127 -42.21 -12.66 -16.26
CA LEU B 127 -41.65 -14.01 -16.21
C LEU B 127 -41.52 -14.62 -17.60
N ALA B 128 -42.51 -14.40 -18.46
CA ALA B 128 -42.38 -14.88 -19.83
C ALA B 128 -41.24 -14.17 -20.55
N VAL B 129 -41.11 -12.85 -20.33
CA VAL B 129 -40.08 -12.04 -21.01
C VAL B 129 -38.72 -12.67 -20.85
N ALA B 130 -38.33 -12.96 -19.60
CA ALA B 130 -36.99 -13.46 -19.34
C ALA B 130 -36.75 -14.79 -20.05
N ALA B 131 -37.76 -15.65 -20.08
CA ALA B 131 -37.64 -16.92 -20.78
C ALA B 131 -37.61 -16.72 -22.29
N LEU B 132 -38.45 -15.83 -22.80
CA LEU B 132 -38.44 -15.55 -24.24
C LEU B 132 -37.09 -15.01 -24.70
N LEU B 133 -36.41 -14.21 -23.87
CA LEU B 133 -35.13 -13.68 -24.31
C LEU B 133 -34.10 -14.79 -24.44
N ASP B 134 -34.09 -15.74 -23.50
CA ASP B 134 -33.20 -16.88 -23.63
C ASP B 134 -33.53 -17.68 -24.89
N ALA B 135 -34.82 -17.95 -25.13
CA ALA B 135 -35.20 -18.74 -26.29
C ALA B 135 -34.89 -18.04 -27.61
N TYR B 136 -34.92 -16.70 -27.64
CA TYR B 136 -34.77 -15.98 -28.91
C TYR B 136 -33.31 -15.78 -29.30
N ARG B 137 -32.38 -15.91 -28.34
CA ARG B 137 -30.98 -15.57 -28.58
C ARG B 137 -30.37 -16.38 -29.72
N ALA B 138 -30.95 -17.54 -30.02
CA ALA B 138 -30.41 -18.41 -31.06
C ALA B 138 -30.52 -17.76 -32.44
N ALA B 139 -31.52 -16.92 -32.64
CA ALA B 139 -31.65 -16.18 -33.89
C ALA B 139 -31.41 -14.69 -33.73
N ALA B 140 -31.68 -14.11 -32.56
CA ALA B 140 -31.85 -12.67 -32.38
C ALA B 140 -30.76 -12.05 -31.51
N THR B 141 -30.26 -10.89 -31.95
CA THR B 141 -29.65 -9.95 -30.99
C THR B 141 -30.70 -9.56 -29.97
N VAL B 142 -30.32 -9.51 -28.69
CA VAL B 142 -31.21 -9.13 -27.59
C VAL B 142 -30.82 -7.74 -27.06
N SER B 143 -31.80 -6.85 -26.97
CA SER B 143 -31.53 -5.49 -26.51
C SER B 143 -32.46 -5.19 -25.35
N PHE B 144 -31.97 -4.36 -24.45
CA PHE B 144 -32.63 -4.12 -23.17
C PHE B 144 -32.45 -2.65 -22.79
N ASP B 145 -33.51 -2.01 -22.34
CA ASP B 145 -33.48 -0.64 -21.78
C ASP B 145 -34.25 -0.73 -20.47
N PRO B 146 -33.60 -0.68 -19.31
CA PRO B 146 -34.32 -0.81 -18.06
C PRO B 146 -35.38 0.29 -17.87
N ASN B 147 -35.07 1.55 -18.15
CA ASN B 147 -36.05 2.68 -18.13
C ASN B 147 -36.88 2.61 -16.85
N VAL B 148 -36.23 2.60 -15.70
CA VAL B 148 -36.90 2.37 -14.39
C VAL B 148 -38.09 3.29 -14.19
N ARG B 149 -39.20 2.72 -13.73
CA ARG B 149 -40.42 3.47 -13.43
C ARG B 149 -40.92 3.08 -12.06
N PRO B 150 -40.17 3.42 -11.00
CA PRO B 150 -40.49 2.84 -9.67
C PRO B 150 -41.79 3.36 -9.06
N SER B 151 -42.45 4.34 -9.68
CA SER B 151 -43.75 4.79 -9.20
C SER B 151 -44.78 3.68 -9.23
N LEU B 152 -44.57 2.66 -10.07
CA LEU B 152 -45.32 1.40 -10.01
C LEU B 152 -44.59 0.51 -9.02
N SER B 153 -45.11 0.43 -7.80
CA SER B 153 -44.37 -0.17 -6.70
C SER B 153 -44.30 -1.69 -6.83
N ALA B 154 -43.23 -2.25 -6.27
CA ALA B 154 -42.96 -3.67 -6.25
C ALA B 154 -41.80 -3.87 -5.30
N ASP B 155 -41.55 -5.13 -4.94
CA ASP B 155 -40.39 -5.41 -4.11
C ASP B 155 -39.15 -4.89 -4.83
N PRO B 156 -38.42 -3.93 -4.24
CA PRO B 156 -37.33 -3.27 -4.99
C PRO B 156 -36.16 -4.19 -5.28
N ASP B 157 -35.89 -5.18 -4.41
CA ASP B 157 -34.81 -6.11 -4.66
C ASP B 157 -35.21 -7.21 -5.64
N LEU B 158 -36.51 -7.47 -5.78
CA LEU B 158 -37.00 -8.30 -6.86
C LEU B 158 -36.82 -7.59 -8.19
N THR B 159 -37.23 -6.32 -8.26
CA THR B 159 -37.05 -5.52 -9.46
C THR B 159 -35.58 -5.52 -9.89
N ARG B 160 -34.67 -5.29 -8.93
CA ARG B 160 -33.24 -5.28 -9.25
C ARG B 160 -32.75 -6.65 -9.70
N GLU B 161 -33.24 -7.72 -9.06
CA GLU B 161 -32.84 -9.07 -9.45
C GLU B 161 -33.28 -9.39 -10.88
N ARG B 162 -34.51 -9.02 -11.23
CA ARG B 162 -34.97 -9.28 -12.59
C ARG B 162 -34.14 -8.50 -13.61
N ILE B 163 -33.85 -7.23 -13.32
CA ILE B 163 -33.05 -6.42 -14.24
C ILE B 163 -31.70 -7.06 -14.46
N GLN B 164 -31.05 -7.50 -13.38
CA GLN B 164 -29.72 -8.08 -13.52
C GLN B 164 -29.75 -9.36 -14.37
N ARG B 165 -30.79 -10.18 -14.21
CA ARG B 165 -30.88 -11.37 -15.04
C ARG B 165 -31.12 -11.03 -16.51
N LEU B 166 -31.86 -9.94 -16.79
CA LEU B 166 -31.99 -9.53 -18.18
C LEU B 166 -30.65 -9.05 -18.73
N VAL B 167 -29.90 -8.31 -17.91
CA VAL B 167 -28.57 -7.87 -18.29
C VAL B 167 -27.71 -9.04 -18.74
N GLU B 168 -27.78 -10.15 -18.02
CA GLU B 168 -26.94 -11.30 -18.34
C GLU B 168 -27.33 -11.96 -19.65
N ARG B 169 -28.58 -11.78 -20.11
CA ARG B 169 -29.08 -12.35 -21.36
C ARG B 169 -29.06 -11.35 -22.52
N SER B 170 -28.47 -10.17 -22.35
CA SER B 170 -28.58 -9.11 -23.34
C SER B 170 -27.28 -8.92 -24.14
N ASP B 171 -27.42 -8.52 -25.39
CA ASP B 171 -26.26 -8.12 -26.18
C ASP B 171 -26.06 -6.61 -26.20
N ILE B 172 -27.14 -5.84 -26.21
CA ILE B 172 -27.11 -4.39 -26.26
C ILE B 172 -27.94 -3.87 -25.10
N ILE B 173 -27.33 -3.04 -24.25
CA ILE B 173 -28.05 -2.35 -23.19
C ILE B 173 -27.86 -0.85 -23.37
N LYS B 174 -28.94 -0.11 -23.21
CA LYS B 174 -28.87 1.34 -23.12
C LYS B 174 -29.59 1.75 -21.84
N ALA B 175 -28.98 2.64 -21.07
CA ALA B 175 -29.60 3.08 -19.83
C ALA B 175 -29.29 4.55 -19.61
N SER B 176 -30.05 5.17 -18.71
CA SER B 176 -29.80 6.55 -18.30
C SER B 176 -29.06 6.58 -16.96
N ALA B 177 -28.33 7.68 -16.73
CA ALA B 177 -27.71 7.89 -15.43
C ALA B 177 -28.74 7.78 -14.32
N GLU B 178 -29.95 8.29 -14.54
CA GLU B 178 -31.02 8.16 -13.56
C GLU B 178 -31.36 6.69 -13.29
N ASP B 179 -31.49 5.87 -14.36
CA ASP B 179 -31.74 4.44 -14.19
C ASP B 179 -30.67 3.80 -13.32
N LEU B 180 -29.40 3.99 -13.66
CA LEU B 180 -28.35 3.29 -12.94
C LEU B 180 -28.16 3.85 -11.53
N HIS B 181 -28.47 5.13 -11.32
CA HIS B 181 -28.53 5.66 -9.96
C HIS B 181 -29.56 4.92 -9.14
N TRP B 182 -30.77 4.74 -9.69
CA TRP B 182 -31.77 3.99 -8.92
C TRP B 182 -31.33 2.53 -8.74
N ILE B 183 -30.67 1.95 -9.75
CA ILE B 183 -30.23 0.56 -9.62
C ILE B 183 -29.22 0.44 -8.48
N ASP B 184 -28.23 1.32 -8.45
CA ASP B 184 -27.23 1.31 -7.39
C ASP B 184 -26.74 2.73 -7.15
N PRO B 185 -27.37 3.44 -6.22
CA PRO B 185 -26.93 4.82 -5.95
C PRO B 185 -25.54 4.94 -5.35
N THR B 186 -24.91 3.85 -4.95
CA THR B 186 -23.59 3.93 -4.33
C THR B 186 -22.44 3.94 -5.33
N GLN B 187 -22.71 3.69 -6.60
CA GLN B 187 -21.67 3.69 -7.63
C GLN B 187 -21.94 4.80 -8.62
N PRO B 188 -20.90 5.40 -9.22
CA PRO B 188 -21.14 6.26 -10.38
C PRO B 188 -21.65 5.42 -11.53
N PRO B 189 -22.53 6.00 -12.37
CA PRO B 189 -23.21 5.18 -13.38
C PRO B 189 -22.27 4.50 -14.34
N GLU B 190 -21.12 5.11 -14.65
CA GLU B 190 -20.16 4.46 -15.52
C GLU B 190 -19.61 3.18 -14.89
N GLN B 191 -19.55 3.11 -13.56
CA GLN B 191 -19.08 1.88 -12.93
C GLN B 191 -20.11 0.77 -13.10
N THR B 192 -21.38 1.08 -12.81
CA THR B 192 -22.44 0.12 -13.08
C THR B 192 -22.41 -0.32 -14.54
N ALA B 193 -22.28 0.62 -15.48
CA ALA B 193 -22.31 0.25 -16.89
C ALA B 193 -21.17 -0.71 -17.25
N ARG B 194 -19.97 -0.49 -16.72
CA ARG B 194 -18.85 -1.37 -17.04
C ARG B 194 -18.98 -2.73 -16.39
N ALA B 195 -19.62 -2.79 -15.22
CA ALA B 195 -19.91 -4.06 -14.59
C ALA B 195 -20.92 -4.85 -15.42
N TRP B 196 -21.95 -4.18 -15.92
CA TRP B 196 -22.89 -4.79 -16.84
C TRP B 196 -22.19 -5.33 -18.08
N LEU B 197 -21.31 -4.53 -18.70
CA LEU B 197 -20.60 -4.97 -19.90
C LEU B 197 -19.86 -6.28 -19.68
N ALA B 198 -19.32 -6.50 -18.48
CA ALA B 198 -18.53 -7.70 -18.22
C ALA B 198 -19.40 -8.92 -17.89
N CYS B 199 -20.72 -8.80 -18.01
CA CYS B 199 -21.66 -9.89 -17.78
C CYS B 199 -22.18 -10.53 -19.07
N GLY B 200 -21.51 -10.30 -20.21
CA GLY B 200 -22.01 -10.83 -21.47
C GLY B 200 -22.30 -9.84 -22.61
N PRO B 201 -22.91 -8.69 -22.32
CA PRO B 201 -23.29 -7.79 -23.42
C PRO B 201 -22.09 -7.40 -24.26
N ALA B 202 -22.36 -7.07 -25.52
CA ALA B 202 -21.34 -6.54 -26.39
C ALA B 202 -21.20 -5.03 -26.26
N ILE B 203 -22.28 -4.37 -25.88
CA ILE B 203 -22.38 -2.91 -25.87
C ILE B 203 -23.27 -2.52 -24.71
N VAL B 204 -22.78 -1.62 -23.85
CA VAL B 204 -23.65 -0.92 -22.90
C VAL B 204 -23.52 0.56 -23.17
N ALA B 205 -24.63 1.18 -23.55
CA ALA B 205 -24.70 2.61 -23.80
C ALA B 205 -25.39 3.30 -22.64
N LEU B 206 -24.90 4.50 -22.30
CA LEU B 206 -25.35 5.21 -21.11
C LEU B 206 -25.57 6.67 -21.46
N THR B 207 -26.79 7.16 -21.31
CA THR B 207 -27.07 8.56 -21.58
C THR B 207 -26.93 9.40 -20.31
N LEU B 208 -26.35 10.59 -20.46
CA LEU B 208 -25.97 11.43 -19.32
C LEU B 208 -26.59 12.83 -19.40
N GLY B 209 -27.64 13.01 -20.18
CA GLY B 209 -28.32 14.29 -20.22
C GLY B 209 -27.60 15.28 -21.11
N ASP B 210 -27.41 16.51 -20.61
CA ASP B 210 -26.65 17.51 -21.35
C ASP B 210 -25.15 17.34 -21.17
N GLN B 211 -24.73 16.22 -20.60
CA GLN B 211 -23.34 15.76 -20.63
C GLN B 211 -23.09 14.75 -21.75
N GLY B 212 -24.07 14.50 -22.62
CA GLY B 212 -23.90 13.64 -23.79
C GLY B 212 -24.27 12.19 -23.58
N ALA B 213 -23.55 11.26 -24.24
CA ALA B 213 -23.72 9.84 -24.00
C ALA B 213 -22.39 9.12 -24.09
N VAL B 214 -22.25 8.05 -23.32
CA VAL B 214 -21.09 7.18 -23.46
C VAL B 214 -21.54 5.75 -23.74
N ALA B 215 -20.63 4.95 -24.26
CA ALA B 215 -20.91 3.53 -24.53
C ALA B 215 -19.62 2.74 -24.36
N PHE B 216 -19.78 1.51 -23.92
CA PHE B 216 -18.63 0.67 -23.64
C PHE B 216 -18.73 -0.64 -24.41
N CYS B 217 -17.59 -1.10 -24.93
CA CYS B 217 -17.48 -2.36 -25.63
C CYS B 217 -16.09 -2.90 -25.37
N ALA B 218 -15.83 -4.14 -25.80
CA ALA B 218 -14.52 -4.72 -25.49
C ALA B 218 -13.39 -3.87 -26.04
N ALA B 219 -13.59 -3.24 -27.19
CA ALA B 219 -12.51 -2.49 -27.82
C ALA B 219 -12.16 -1.21 -27.07
N GLY B 220 -13.05 -0.69 -26.22
CA GLY B 220 -12.81 0.57 -25.55
C GLY B 220 -14.06 1.41 -25.43
N PRO B 221 -13.94 2.57 -24.80
CA PRO B 221 -15.12 3.43 -24.62
C PRO B 221 -15.28 4.41 -25.76
N ALA B 222 -16.52 4.81 -25.97
CA ALA B 222 -16.85 5.85 -26.93
C ALA B 222 -17.69 6.90 -26.24
N SER B 223 -17.73 8.10 -26.83
CA SER B 223 -18.60 9.13 -26.27
C SER B 223 -18.98 10.12 -27.34
N VAL B 224 -20.13 10.74 -27.14
CA VAL B 224 -20.56 11.88 -27.94
C VAL B 224 -21.02 12.97 -26.96
N PRO B 225 -20.80 14.24 -27.25
CA PRO B 225 -21.27 15.31 -26.37
C PRO B 225 -22.75 15.58 -26.64
N ALA B 226 -23.30 16.54 -25.90
CA ALA B 226 -24.74 16.71 -25.85
C ALA B 226 -25.22 17.78 -26.81
N GLN B 227 -26.49 18.19 -26.64
CA GLN B 227 -27.11 19.32 -27.34
C GLN B 227 -27.12 19.10 -28.86
N PRO B 228 -27.42 17.87 -29.27
CA PRO B 228 -27.31 17.49 -30.67
C PRO B 228 -27.94 16.12 -30.93
N ASP B 233 -38.38 15.89 -23.83
CA ASP B 233 -39.43 14.86 -23.63
C ASP B 233 -38.91 13.79 -22.66
N THR B 234 -37.71 13.99 -22.14
CA THR B 234 -37.09 13.05 -21.17
C THR B 234 -37.04 11.62 -21.74
N VAL B 235 -38.00 10.76 -21.41
CA VAL B 235 -37.86 9.37 -21.90
C VAL B 235 -38.38 9.24 -23.33
N GLY B 236 -39.29 10.12 -23.73
CA GLY B 236 -39.61 10.18 -25.15
C GLY B 236 -38.36 10.22 -26.00
N ALA B 237 -37.43 11.11 -25.67
CA ALA B 237 -36.19 11.21 -26.43
C ALA B 237 -35.25 10.03 -26.14
N GLY B 238 -35.38 9.42 -24.98
CA GLY B 238 -34.56 8.25 -24.69
C GLY B 238 -34.93 7.07 -25.57
N ASP B 239 -36.22 6.81 -25.75
CA ASP B 239 -36.67 5.74 -26.64
C ASP B 239 -36.22 5.99 -28.07
N ALA B 240 -36.28 7.24 -28.53
CA ALA B 240 -35.82 7.49 -29.89
C ALA B 240 -34.31 7.32 -30.00
N PHE B 241 -33.56 7.60 -28.93
CA PHE B 241 -32.14 7.27 -28.91
C PHE B 241 -31.93 5.78 -29.09
N MET B 242 -32.71 4.99 -28.37
CA MET B 242 -32.64 3.53 -28.46
C MET B 242 -32.94 3.04 -29.89
N ALA B 243 -34.05 3.51 -30.47
CA ALA B 243 -34.40 3.17 -31.86
C ALA B 243 -33.27 3.54 -32.80
N GLY B 244 -32.72 4.74 -32.65
CA GLY B 244 -31.62 5.13 -33.52
C GLY B 244 -30.38 4.29 -33.31
N LEU B 245 -30.13 3.84 -32.08
CA LEU B 245 -28.98 2.98 -31.84
C LEU B 245 -29.18 1.63 -32.51
N LEU B 246 -30.35 1.02 -32.33
CA LEU B 246 -30.62 -0.28 -32.93
C LEU B 246 -30.60 -0.21 -34.45
N ASP B 247 -31.15 0.88 -35.01
CA ASP B 247 -31.21 1.08 -36.47
C ASP B 247 -29.81 1.19 -37.09
N THR B 248 -28.89 1.90 -36.43
CA THR B 248 -27.55 2.05 -36.99
C THR B 248 -26.76 0.76 -36.88
N LEU B 249 -26.94 0.03 -35.78
CA LEU B 249 -26.27 -1.26 -35.63
C LEU B 249 -26.83 -2.26 -36.63
N TRP B 250 -28.14 -2.26 -36.82
CA TRP B 250 -28.76 -2.97 -37.93
C TRP B 250 -28.06 -2.63 -39.25
N GLU B 251 -28.01 -1.33 -39.60
CA GLU B 251 -27.41 -0.91 -40.86
C GLU B 251 -25.93 -1.25 -40.94
N GLN B 252 -25.23 -1.27 -39.80
CA GLN B 252 -23.83 -1.72 -39.85
C GLN B 252 -23.73 -3.23 -40.03
N GLY B 253 -24.84 -3.95 -40.10
CA GLY B 253 -24.80 -5.40 -40.25
C GLY B 253 -24.32 -6.17 -39.04
N LEU B 254 -24.64 -5.69 -37.84
CA LEU B 254 -24.18 -6.35 -36.62
C LEU B 254 -25.30 -7.02 -35.86
N LEU B 255 -26.52 -7.00 -36.38
CA LEU B 255 -27.62 -7.65 -35.70
C LEU B 255 -27.83 -9.07 -36.22
N GLY B 256 -28.45 -9.90 -35.39
CA GLY B 256 -28.70 -11.30 -35.61
C GLY B 256 -27.69 -12.17 -34.90
N ALA B 257 -28.15 -13.35 -34.46
CA ALA B 257 -27.23 -14.28 -33.78
C ALA B 257 -26.03 -14.59 -34.67
N ASP B 258 -26.29 -14.73 -35.98
CA ASP B 258 -25.24 -14.93 -36.96
C ASP B 258 -24.12 -13.87 -36.86
N ARG B 259 -24.43 -12.66 -36.39
CA ARG B 259 -23.43 -11.59 -36.32
C ARG B 259 -23.01 -11.23 -34.90
N ARG B 260 -23.34 -12.06 -33.90
CA ARG B 260 -23.08 -11.71 -32.51
C ARG B 260 -21.59 -11.49 -32.24
N THR B 261 -20.73 -12.39 -32.74
CA THR B 261 -19.29 -12.21 -32.50
C THR B 261 -18.77 -10.95 -33.17
N GLU B 262 -19.33 -10.56 -34.31
CA GLU B 262 -18.90 -9.33 -34.94
C GLU B 262 -19.40 -8.11 -34.14
N LEU B 263 -20.58 -8.23 -33.51
CA LEU B 263 -21.06 -7.18 -32.63
C LEU B 263 -20.12 -7.03 -31.42
N ARG B 264 -19.78 -8.15 -30.77
CA ARG B 264 -18.90 -8.10 -29.61
C ARG B 264 -17.54 -7.50 -29.95
N LYS B 265 -17.12 -7.57 -31.21
CA LYS B 265 -15.84 -7.03 -31.62
C LYS B 265 -15.96 -5.63 -32.20
N ILE B 266 -17.13 -5.00 -32.08
CA ILE B 266 -17.34 -3.68 -32.66
C ILE B 266 -16.19 -2.75 -32.28
N GLY B 267 -15.75 -1.94 -33.23
CA GLY B 267 -14.70 -1.00 -32.96
C GLY B 267 -15.21 0.26 -32.29
N VAL B 268 -14.30 0.93 -31.57
CA VAL B 268 -14.63 2.20 -30.93
C VAL B 268 -15.11 3.22 -31.97
N SER B 269 -14.52 3.20 -33.16
CA SER B 269 -14.96 4.10 -34.22
C SER B 269 -16.39 3.76 -34.66
N ALA B 270 -16.66 2.47 -34.87
CA ALA B 270 -18.00 2.04 -35.25
C ALA B 270 -19.00 2.33 -34.13
N LEU B 271 -18.59 2.17 -32.88
CA LEU B 271 -19.49 2.42 -31.76
C LEU B 271 -19.72 3.92 -31.57
N THR B 272 -18.68 4.74 -31.79
CA THR B 272 -18.86 6.20 -31.78
C THR B 272 -19.85 6.65 -32.85
N SER B 273 -19.73 6.08 -34.06
CA SER B 273 -20.69 6.39 -35.13
C SER B 273 -22.11 6.09 -34.70
N ALA B 274 -22.33 4.89 -34.12
CA ALA B 274 -23.68 4.49 -33.73
C ALA B 274 -24.20 5.38 -32.61
N LEU B 275 -23.33 5.77 -31.69
CA LEU B 275 -23.71 6.74 -30.66
C LEU B 275 -24.15 8.07 -31.28
N GLU B 276 -23.36 8.59 -32.23
CA GLU B 276 -23.71 9.85 -32.90
C GLU B 276 -25.06 9.75 -33.60
N VAL B 277 -25.28 8.68 -34.35
CA VAL B 277 -26.55 8.54 -35.06
C VAL B 277 -27.69 8.46 -34.06
N ALA B 278 -27.46 7.77 -32.94
CA ALA B 278 -28.48 7.65 -31.92
C ALA B 278 -28.78 9.02 -31.31
N ALA B 279 -27.73 9.76 -30.95
CA ALA B 279 -27.93 11.10 -30.38
C ALA B 279 -28.64 12.02 -31.36
N LEU B 280 -28.22 11.99 -32.63
CA LEU B 280 -28.86 12.86 -33.64
C LEU B 280 -30.29 12.45 -33.91
N THR B 281 -30.57 11.14 -33.90
CA THR B 281 -31.92 10.64 -34.13
C THR B 281 -32.86 11.14 -33.04
N SER B 282 -32.40 11.08 -31.80
CA SER B 282 -33.21 11.51 -30.67
C SER B 282 -33.45 13.03 -30.73
N ALA B 283 -32.39 13.80 -30.91
CA ALA B 283 -32.52 15.25 -31.03
C ALA B 283 -33.45 15.64 -32.18
N LEU B 284 -33.33 14.96 -33.32
CA LEU B 284 -34.19 15.28 -34.45
C LEU B 284 -35.65 14.93 -34.18
N THR B 285 -35.88 13.83 -33.44
CA THR B 285 -37.24 13.47 -33.04
C THR B 285 -37.86 14.58 -32.18
N VAL B 286 -37.11 15.05 -31.19
CA VAL B 286 -37.57 16.15 -30.34
C VAL B 286 -37.85 17.38 -31.18
N ALA B 287 -36.86 17.80 -31.97
CA ALA B 287 -36.96 19.06 -32.73
C ALA B 287 -38.16 19.05 -33.66
N ARG B 288 -38.40 17.93 -34.37
CA ARG B 288 -39.54 17.85 -35.27
C ARG B 288 -40.88 17.86 -34.56
N ALA B 289 -40.91 17.55 -33.26
CA ALA B 289 -42.18 17.53 -32.53
C ALA B 289 -42.05 18.28 -31.21
N ALA C 2 23.25 17.24 -17.15
CA ALA C 2 21.87 17.29 -17.60
C ALA C 2 21.61 16.49 -18.90
N ARG C 3 21.74 15.17 -18.83
CA ARG C 3 21.42 14.30 -19.97
C ARG C 3 20.22 13.41 -19.65
N GLY C 4 19.39 13.17 -20.66
CA GLY C 4 18.31 12.21 -20.57
C GLY C 4 18.62 10.92 -21.33
N LEU C 5 18.17 9.80 -20.78
CA LEU C 5 18.35 8.50 -21.44
C LEU C 5 16.98 7.94 -21.78
N VAL C 6 16.77 7.62 -23.05
CA VAL C 6 15.57 6.96 -23.54
C VAL C 6 15.97 5.58 -24.02
N ILE C 7 15.20 4.57 -23.64
CA ILE C 7 15.46 3.19 -24.04
C ILE C 7 14.20 2.64 -24.66
N GLY C 8 14.26 2.25 -25.92
CA GLY C 8 13.10 1.67 -26.56
C GLY C 8 13.27 1.51 -28.05
N GLU C 9 12.18 1.12 -28.70
CA GLU C 9 12.25 0.71 -30.09
C GLU C 9 12.18 1.92 -31.04
N ALA C 10 13.02 1.88 -32.07
CA ALA C 10 12.85 2.67 -33.29
C ALA C 10 12.50 1.70 -34.42
N LEU C 11 11.56 2.10 -35.27
CA LEU C 11 11.13 1.24 -36.37
C LEU C 11 10.73 2.08 -37.57
N ILE C 12 10.31 1.40 -38.62
CA ILE C 12 9.81 2.03 -39.84
C ILE C 12 8.33 1.70 -39.96
N ASP C 13 7.51 2.75 -40.06
CA ASP C 13 6.07 2.61 -40.29
C ASP C 13 5.83 2.57 -41.79
N ILE C 14 5.37 1.42 -42.29
CA ILE C 14 4.97 1.28 -43.69
C ILE C 14 3.45 1.33 -43.77
N VAL C 15 2.93 2.24 -44.61
CA VAL C 15 1.48 2.45 -44.72
C VAL C 15 0.74 1.23 -45.27
N ALA C 21 4.50 3.58 -48.97
CA ALA C 21 5.23 4.68 -48.32
C ALA C 21 5.72 4.28 -46.91
N GLU C 22 6.84 4.87 -46.48
CA GLU C 22 7.49 4.49 -45.22
C GLU C 22 7.96 5.74 -44.46
N TYR C 23 7.82 5.71 -43.14
CA TYR C 23 8.25 6.80 -42.28
C TYR C 23 8.97 6.25 -41.05
N VAL C 24 9.77 7.11 -40.42
CA VAL C 24 10.54 6.73 -39.23
C VAL C 24 9.65 6.83 -38.00
N GLY C 25 9.62 5.76 -37.20
CA GLY C 25 8.74 5.74 -36.04
C GLY C 25 9.30 5.10 -34.79
N GLY C 26 8.42 4.61 -33.93
CA GLY C 26 8.82 4.11 -32.63
C GLY C 26 8.53 5.14 -31.55
N SER C 27 7.61 4.79 -30.66
CA SER C 27 7.20 5.71 -29.59
C SER C 27 8.37 6.14 -28.71
N PRO C 28 9.25 5.25 -28.23
CA PRO C 28 10.43 5.75 -27.50
C PRO C 28 11.33 6.64 -28.34
N LEU C 29 11.44 6.37 -29.65
CA LEU C 29 12.22 7.26 -30.52
C LEU C 29 11.57 8.64 -30.61
N ASN C 30 10.25 8.68 -30.82
CA ASN C 30 9.56 9.96 -30.87
C ASN C 30 9.79 10.78 -29.60
N VAL C 31 9.78 10.13 -28.44
CA VAL C 31 10.05 10.88 -27.21
C VAL C 31 11.46 11.43 -27.24
N ALA C 32 12.44 10.58 -27.57
CA ALA C 32 13.83 11.02 -27.63
C ALA C 32 13.99 12.22 -28.57
N VAL C 33 13.42 12.12 -29.79
CA VAL C 33 13.51 13.21 -30.76
C VAL C 33 12.67 14.40 -30.32
N GLY C 34 11.61 14.17 -29.53
CA GLY C 34 10.81 15.28 -29.05
C GLY C 34 11.54 16.09 -28.00
N LEU C 35 12.22 15.40 -27.07
CA LEU C 35 13.00 16.10 -26.06
C LEU C 35 14.13 16.90 -26.71
N ALA C 36 14.83 16.30 -27.70
CA ALA C 36 15.96 16.97 -28.33
C ALA C 36 15.52 18.22 -29.07
N ARG C 37 14.45 18.11 -29.88
CA ARG C 37 13.88 19.27 -30.53
C ARG C 37 13.52 20.37 -29.53
N LEU C 38 13.17 20.00 -28.31
CA LEU C 38 12.89 20.99 -27.28
C LEU C 38 14.16 21.53 -26.64
N GLY C 39 15.33 21.03 -27.02
CA GLY C 39 16.59 21.55 -26.56
C GLY C 39 17.26 20.78 -25.45
N ARG C 40 16.89 19.53 -25.20
CA ARG C 40 17.55 18.73 -24.19
C ARG C 40 18.58 17.80 -24.83
N ASP C 41 19.54 17.37 -24.02
CA ASP C 41 20.55 16.40 -24.42
C ASP C 41 20.04 15.00 -24.14
N VAL C 42 19.81 14.21 -25.18
CA VAL C 42 19.16 12.92 -25.05
C VAL C 42 20.04 11.85 -25.66
N ASP C 43 20.19 10.74 -24.94
CA ASP C 43 20.79 9.51 -25.46
C ASP C 43 19.70 8.49 -25.75
N LEU C 44 19.84 7.77 -26.86
CA LEU C 44 18.83 6.81 -27.29
C LEU C 44 19.49 5.45 -27.48
N LEU C 45 19.24 4.54 -26.55
CA LEU C 45 19.58 3.13 -26.71
C LEU C 45 18.40 2.43 -27.37
N THR C 46 18.65 1.78 -28.50
CA THR C 46 17.59 1.19 -29.30
C THR C 46 18.15 -0.07 -29.97
N HIS C 47 17.50 -0.52 -31.05
CA HIS C 47 17.86 -1.79 -31.69
C HIS C 47 17.42 -1.74 -33.15
N ILE C 48 18.28 -1.19 -34.02
CA ILE C 48 17.96 -1.08 -35.44
C ILE C 48 18.94 -1.89 -36.27
N GLY C 49 18.78 -1.87 -37.60
CA GLY C 49 19.66 -2.57 -38.49
C GLY C 49 20.71 -1.65 -39.12
N ARG C 50 21.61 -2.29 -39.86
CA ARG C 50 22.63 -1.60 -40.66
C ARG C 50 22.17 -1.60 -42.12
N ASP C 51 20.91 -1.94 -42.35
CA ASP C 51 20.27 -1.99 -43.68
C ASP C 51 19.79 -0.60 -44.10
N ALA C 52 19.08 -0.51 -45.22
CA ALA C 52 18.65 0.82 -45.70
C ALA C 52 17.77 1.51 -44.65
N ARG C 53 16.85 0.79 -44.03
CA ARG C 53 15.94 1.36 -43.00
C ARG C 53 16.75 1.83 -41.80
N GLY C 54 17.56 0.96 -41.21
CA GLY C 54 18.38 1.36 -40.09
C GLY C 54 19.32 2.50 -40.40
N ARG C 55 19.63 2.72 -41.67
CA ARG C 55 20.42 3.89 -42.05
C ARG C 55 19.57 5.15 -42.03
N ARG C 56 18.34 5.06 -42.58
CA ARG C 56 17.43 6.20 -42.52
C ARG C 56 17.06 6.53 -41.09
N ILE C 57 16.90 5.51 -40.24
CA ILE C 57 16.62 5.75 -38.82
C ILE C 57 17.78 6.49 -38.18
N ALA C 58 19.01 5.97 -38.38
CA ALA C 58 20.17 6.57 -37.75
C ALA C 58 20.41 8.00 -38.22
N GLU C 59 20.11 8.29 -39.50
CA GLU C 59 20.25 9.65 -40.00
C GLU C 59 19.13 10.55 -39.48
N TYR C 60 17.92 10.01 -39.31
CA TYR C 60 16.85 10.76 -38.67
C TYR C 60 17.20 11.09 -37.23
N ILE C 61 17.79 10.13 -36.51
CA ILE C 61 18.24 10.38 -35.15
C ILE C 61 19.37 11.40 -35.14
N GLU C 62 20.42 11.15 -35.93
CA GLU C 62 21.56 12.07 -35.99
C GLU C 62 21.09 13.49 -36.32
N SER C 63 20.26 13.63 -37.37
CA SER C 63 19.88 14.98 -37.79
C SER C 63 18.90 15.65 -36.81
N SER C 64 18.66 15.02 -35.66
CA SER C 64 17.78 15.55 -34.64
C SER C 64 18.52 15.99 -33.37
N GLY C 65 19.80 15.63 -33.21
CA GLY C 65 20.52 15.96 -32.01
C GLY C 65 20.51 14.87 -30.97
N VAL C 66 19.81 13.77 -31.22
CA VAL C 66 19.77 12.65 -30.30
C VAL C 66 21.03 11.81 -30.51
N GLN C 67 21.81 11.65 -29.45
CA GLN C 67 23.01 10.83 -29.51
C GLN C 67 22.64 9.36 -29.46
N LEU C 68 23.00 8.61 -30.51
CA LEU C 68 22.69 7.18 -30.61
C LEU C 68 23.74 6.38 -29.87
N VAL C 69 23.32 5.68 -28.81
CA VAL C 69 24.22 4.89 -27.97
C VAL C 69 24.73 3.68 -28.74
N SER C 70 26.00 3.33 -28.50
CA SER C 70 26.63 2.21 -29.19
C SER C 70 25.99 0.89 -28.79
N GLY C 71 25.94 -0.03 -29.76
CA GLY C 71 25.19 -1.27 -29.60
C GLY C 71 23.77 -1.21 -30.11
N SER C 72 23.35 -0.07 -30.65
CA SER C 72 21.97 0.11 -31.10
C SER C 72 21.76 -0.35 -32.54
N GLN C 73 22.83 -0.61 -33.28
CA GLN C 73 22.76 -0.98 -34.70
C GLN C 73 23.09 -2.44 -34.93
N THR C 74 22.83 -3.29 -33.94
CA THR C 74 23.25 -4.68 -33.99
C THR C 74 22.16 -5.65 -34.42
N ALA C 75 21.00 -5.15 -34.84
CA ALA C 75 19.92 -6.05 -35.19
C ALA C 75 20.11 -6.64 -36.58
N ASP C 76 19.66 -7.88 -36.76
CA ASP C 76 19.69 -8.52 -38.08
C ASP C 76 18.97 -7.65 -39.11
N ARG C 77 17.71 -7.35 -38.86
CA ARG C 77 16.88 -6.53 -39.72
C ARG C 77 16.33 -5.35 -38.91
N THR C 78 16.06 -4.23 -39.60
CA THR C 78 15.46 -3.09 -38.92
C THR C 78 13.97 -3.33 -38.68
N PRO C 79 13.48 -3.23 -37.44
CA PRO C 79 12.09 -3.57 -37.16
C PRO C 79 11.11 -2.70 -37.94
N THR C 80 9.99 -3.30 -38.30
CA THR C 80 9.03 -2.63 -39.16
C THR C 80 7.61 -2.83 -38.63
N ALA C 81 6.77 -1.82 -38.85
CA ALA C 81 5.35 -1.87 -38.53
C ALA C 81 4.57 -1.48 -39.77
N THR C 82 3.80 -2.41 -40.31
CA THR C 82 3.13 -2.23 -41.60
C THR C 82 1.61 -2.13 -41.38
N ALA C 83 1.04 -0.96 -41.69
CA ALA C 83 -0.39 -0.74 -41.55
C ALA C 83 -1.19 -1.52 -42.60
N THR C 92 -4.79 -0.91 -37.00
CA THR C 92 -4.39 -2.32 -37.04
C THR C 92 -3.04 -2.48 -37.72
N TYR C 93 -2.05 -2.92 -36.97
CA TYR C 93 -0.65 -2.90 -37.41
C TYR C 93 -0.09 -4.31 -37.41
N ALA C 94 0.78 -4.61 -38.37
CA ALA C 94 1.51 -5.86 -38.43
C ALA C 94 2.99 -5.57 -38.16
N PHE C 95 3.54 -6.25 -37.15
CA PHE C 95 4.89 -6.01 -36.65
C PHE C 95 5.81 -7.16 -37.02
N ASP C 96 6.99 -6.83 -37.54
CA ASP C 96 8.11 -7.77 -37.67
C ASP C 96 9.28 -7.08 -36.99
N LEU C 97 9.62 -7.53 -35.78
CA LEU C 97 10.49 -6.77 -34.89
C LEU C 97 11.15 -7.73 -33.91
N GLU C 98 12.37 -7.41 -33.53
CA GLU C 98 13.03 -8.07 -32.42
C GLU C 98 13.56 -7.00 -31.48
N TRP C 99 13.36 -7.20 -30.17
CA TRP C 99 13.80 -6.23 -29.18
C TRP C 99 14.83 -6.88 -28.27
N GLN C 100 16.09 -6.48 -28.41
CA GLN C 100 17.20 -6.97 -27.60
C GLN C 100 18.27 -5.88 -27.53
N ILE C 101 18.76 -5.60 -26.32
CA ILE C 101 19.78 -4.56 -26.15
C ILE C 101 20.84 -5.03 -25.18
N PRO C 102 22.05 -4.51 -25.33
CA PRO C 102 23.12 -4.81 -24.36
C PRO C 102 22.76 -4.38 -22.94
N ASP C 103 22.86 -5.32 -22.00
CA ASP C 103 22.51 -5.13 -20.59
C ASP C 103 23.53 -4.27 -19.83
N THR C 104 24.63 -3.84 -20.45
CA THR C 104 25.63 -3.06 -19.74
C THR C 104 25.24 -1.59 -19.72
N PRO C 105 25.24 -0.95 -18.55
CA PRO C 105 24.92 0.50 -18.48
C PRO C 105 25.86 1.31 -19.34
N PRO C 106 25.35 1.90 -20.42
CA PRO C 106 26.21 2.51 -21.44
C PRO C 106 26.48 4.00 -21.33
N VAL C 107 25.95 4.69 -20.32
CA VAL C 107 26.13 6.13 -20.20
C VAL C 107 26.41 6.48 -18.75
N THR C 108 27.11 7.59 -18.54
CA THR C 108 27.17 8.18 -17.21
C THR C 108 25.75 8.35 -16.69
N PRO C 109 25.50 8.10 -15.41
CA PRO C 109 24.12 8.09 -14.90
C PRO C 109 23.38 9.37 -15.28
N PRO C 110 22.24 9.24 -15.95
CA PRO C 110 21.56 10.42 -16.50
C PRO C 110 20.67 11.08 -15.46
N LEU C 111 20.08 12.21 -15.86
CA LEU C 111 19.06 12.86 -15.04
C LEU C 111 17.73 12.13 -15.10
N LEU C 112 17.45 11.50 -16.23
CA LEU C 112 16.13 10.95 -16.49
C LEU C 112 16.32 9.72 -17.38
N VAL C 113 15.64 8.64 -17.03
CA VAL C 113 15.60 7.46 -17.87
C VAL C 113 14.14 7.17 -18.20
N HIS C 114 13.85 7.07 -19.48
CA HIS C 114 12.48 6.90 -19.94
C HIS C 114 12.38 5.65 -20.80
N THR C 115 11.28 4.91 -20.63
CA THR C 115 11.06 3.76 -21.49
C THR C 115 9.55 3.55 -21.63
N GLY C 116 9.19 2.52 -22.35
CA GLY C 116 7.78 2.18 -22.53
C GLY C 116 7.57 1.40 -23.79
N SER C 117 6.33 1.30 -24.20
CA SER C 117 5.92 0.66 -25.46
C SER C 117 6.37 -0.80 -25.51
N ILE C 118 6.79 -1.25 -26.68
CA ILE C 118 7.19 -2.64 -26.90
C ILE C 118 8.44 -2.96 -26.10
N ALA C 119 9.32 -1.99 -25.93
CA ALA C 119 10.61 -2.22 -25.27
C ALA C 119 10.44 -2.64 -23.82
N ALA C 120 9.38 -2.18 -23.17
CA ALA C 120 9.14 -2.46 -21.77
C ALA C 120 8.51 -3.84 -21.52
N ALA C 121 7.97 -4.50 -22.56
CA ALA C 121 7.14 -5.68 -22.39
C ALA C 121 7.55 -6.86 -23.26
N ARG C 122 8.57 -6.72 -24.11
CA ARG C 122 8.91 -7.74 -25.10
C ARG C 122 10.29 -8.32 -24.80
N GLU C 123 10.33 -9.64 -24.61
CA GLU C 123 11.59 -10.34 -24.44
C GLU C 123 12.37 -10.40 -25.76
N PRO C 124 13.71 -10.44 -25.70
CA PRO C 124 14.50 -10.46 -24.45
C PRO C 124 14.92 -9.09 -23.94
N GLY C 125 14.69 -8.03 -24.71
CA GLY C 125 15.13 -6.72 -24.27
C GLY C 125 14.41 -6.24 -23.01
N CYS C 126 13.16 -6.67 -22.81
CA CYS C 126 12.38 -6.11 -21.71
C CYS C 126 13.00 -6.45 -20.35
N LEU C 127 13.74 -7.57 -20.25
CA LEU C 127 14.42 -7.92 -19.01
C LEU C 127 15.63 -7.02 -18.76
N ALA C 128 16.41 -6.75 -19.81
CA ALA C 128 17.53 -5.83 -19.69
C ALA C 128 17.06 -4.44 -19.32
N VAL C 129 15.96 -3.99 -19.92
CA VAL C 129 15.42 -2.66 -19.66
C VAL C 129 15.06 -2.51 -18.20
N ALA C 130 14.35 -3.49 -17.66
CA ALA C 130 13.96 -3.47 -16.26
C ALA C 130 15.18 -3.52 -15.35
N ALA C 131 16.18 -4.32 -15.74
CA ALA C 131 17.46 -4.28 -15.06
C ALA C 131 18.07 -2.89 -15.13
N LEU C 132 18.29 -2.38 -16.36
CA LEU C 132 18.89 -1.05 -16.53
C LEU C 132 18.12 0.00 -15.74
N LEU C 133 16.78 -0.08 -15.75
CA LEU C 133 15.98 0.82 -14.92
C LEU C 133 16.35 0.69 -13.45
N ASP C 134 16.48 -0.56 -12.98
CA ASP C 134 16.86 -0.79 -11.59
C ASP C 134 18.26 -0.23 -11.31
N ALA C 135 19.16 -0.32 -12.29
CA ALA C 135 20.49 0.26 -12.16
C ALA C 135 20.44 1.77 -11.89
N TYR C 136 19.99 2.55 -12.89
CA TYR C 136 20.05 4.02 -12.90
C TYR C 136 19.06 4.70 -11.96
N ARG C 137 18.19 3.95 -11.29
CA ARG C 137 17.09 4.55 -10.54
C ARG C 137 17.59 5.43 -9.39
N ALA C 138 18.72 5.10 -8.79
CA ALA C 138 19.23 5.92 -7.68
C ALA C 138 19.80 7.25 -8.14
N ALA C 139 19.99 7.44 -9.45
CA ALA C 139 20.48 8.69 -10.01
C ALA C 139 19.46 9.42 -10.86
N ALA C 140 18.53 8.69 -11.48
CA ALA C 140 17.63 9.23 -12.48
C ALA C 140 16.18 9.10 -12.04
N THR C 141 15.38 10.07 -12.48
CA THR C 141 13.93 9.90 -12.46
C THR C 141 13.56 8.90 -13.54
N VAL C 142 12.67 7.98 -13.19
CA VAL C 142 12.14 6.99 -14.13
C VAL C 142 10.80 7.48 -14.66
N SER C 143 10.64 7.47 -15.98
CA SER C 143 9.35 7.79 -16.60
C SER C 143 8.98 6.65 -17.53
N PHE C 144 7.68 6.50 -17.75
CA PHE C 144 7.24 5.34 -18.52
C PHE C 144 5.91 5.65 -19.20
N ASP C 145 5.77 5.15 -20.42
CA ASP C 145 4.52 5.28 -21.20
C ASP C 145 4.20 3.87 -21.68
N PRO C 146 3.17 3.20 -21.14
CA PRO C 146 2.82 1.85 -21.56
C PRO C 146 2.63 1.74 -23.07
N ASN C 147 1.94 2.70 -23.68
CA ASN C 147 1.70 2.78 -25.15
C ASN C 147 1.29 1.40 -25.67
N VAL C 148 0.17 0.91 -25.19
CA VAL C 148 -0.30 -0.45 -25.56
C VAL C 148 -0.57 -0.53 -27.06
N ARG C 149 0.21 -1.37 -27.73
CA ARG C 149 0.09 -1.77 -29.16
C ARG C 149 -0.24 -3.27 -29.14
N PRO C 150 -1.51 -3.67 -28.98
CA PRO C 150 -1.86 -5.08 -28.86
C PRO C 150 -1.59 -5.91 -30.12
N SER C 151 -1.53 -5.25 -31.27
CA SER C 151 -1.28 -5.91 -32.54
C SER C 151 0.11 -6.54 -32.65
N LEU C 152 0.98 -6.33 -31.65
CA LEU C 152 2.32 -6.89 -31.62
C LEU C 152 2.28 -8.18 -30.81
N SER C 153 2.22 -9.31 -31.51
CA SER C 153 2.32 -10.66 -30.92
C SER C 153 1.21 -10.82 -29.89
N ALA C 154 1.50 -11.12 -28.63
CA ALA C 154 0.45 -11.32 -27.65
C ALA C 154 0.97 -11.69 -26.28
N ASP C 155 0.38 -12.73 -25.71
CA ASP C 155 0.47 -13.02 -24.28
C ASP C 155 0.01 -11.81 -23.51
N PRO C 156 -1.31 -11.58 -23.46
CA PRO C 156 -1.83 -10.39 -22.77
C PRO C 156 -1.50 -10.34 -21.29
N ASP C 157 -1.49 -11.49 -20.61
CA ASP C 157 -1.28 -11.48 -19.16
C ASP C 157 0.15 -11.14 -18.82
N LEU C 158 1.11 -11.69 -19.56
CA LEU C 158 2.52 -11.37 -19.33
C LEU C 158 2.79 -9.90 -19.52
N THR C 159 2.24 -9.32 -20.57
CA THR C 159 2.58 -7.94 -20.83
C THR C 159 1.79 -7.02 -19.89
N ARG C 160 0.56 -7.39 -19.54
CA ARG C 160 -0.15 -6.69 -18.49
C ARG C 160 0.60 -6.72 -17.17
N GLU C 161 1.24 -7.86 -16.84
CA GLU C 161 1.96 -7.96 -15.57
C GLU C 161 3.27 -7.17 -15.62
N ARG C 162 3.95 -7.19 -16.76
CA ARG C 162 5.20 -6.43 -16.85
C ARG C 162 4.92 -4.92 -16.79
N ILE C 163 3.84 -4.47 -17.42
CA ILE C 163 3.46 -3.06 -17.29
C ILE C 163 3.27 -2.72 -15.80
N GLN C 164 2.52 -3.57 -15.09
CA GLN C 164 2.23 -3.25 -13.69
C GLN C 164 3.50 -3.19 -12.85
N ARG C 165 4.50 -4.01 -13.18
CA ARG C 165 5.77 -3.94 -12.46
C ARG C 165 6.59 -2.71 -12.84
N LEU C 166 6.52 -2.25 -14.08
CA LEU C 166 7.20 -0.99 -14.41
C LEU C 166 6.50 0.20 -13.75
N VAL C 167 5.16 0.16 -13.63
CA VAL C 167 4.45 1.19 -12.88
C VAL C 167 5.04 1.33 -11.47
N GLU C 168 5.28 0.18 -10.82
CA GLU C 168 5.79 0.18 -9.45
C GLU C 168 7.20 0.75 -9.35
N ARG C 169 7.98 0.73 -10.45
CA ARG C 169 9.33 1.27 -10.48
C ARG C 169 9.40 2.73 -10.94
N SER C 170 8.29 3.37 -11.26
CA SER C 170 8.37 4.62 -12.01
C SER C 170 7.99 5.83 -11.17
N ASP C 171 8.58 6.97 -11.52
CA ASP C 171 8.22 8.25 -10.92
C ASP C 171 7.14 8.98 -11.71
N ILE C 172 7.27 9.00 -13.03
CA ILE C 172 6.37 9.73 -13.91
C ILE C 172 5.76 8.75 -14.89
N ILE C 173 4.45 8.75 -15.00
CA ILE C 173 3.77 7.85 -15.94
C ILE C 173 2.80 8.67 -16.78
N LYS C 174 2.79 8.41 -18.08
CA LYS C 174 1.76 8.95 -18.95
C LYS C 174 1.08 7.81 -19.68
N ALA C 175 -0.23 7.87 -19.77
CA ALA C 175 -0.95 6.84 -20.52
C ALA C 175 -2.20 7.45 -21.13
N SER C 176 -2.73 6.78 -22.14
CA SER C 176 -4.00 7.17 -22.75
C SER C 176 -5.14 6.38 -22.14
N ALA C 177 -6.36 6.93 -22.26
CA ALA C 177 -7.51 6.17 -21.81
C ALA C 177 -7.60 4.84 -22.52
N GLU C 178 -7.17 4.77 -23.79
CA GLU C 178 -7.16 3.49 -24.51
C GLU C 178 -6.19 2.49 -23.89
N ASP C 179 -4.97 2.93 -23.54
CA ASP C 179 -4.03 2.05 -22.82
C ASP C 179 -4.67 1.45 -21.57
N LEU C 180 -5.26 2.30 -20.73
CA LEU C 180 -5.78 1.88 -19.43
C LEU C 180 -7.04 1.03 -19.58
N HIS C 181 -7.80 1.23 -20.65
CA HIS C 181 -8.92 0.35 -20.93
C HIS C 181 -8.45 -1.04 -21.31
N TRP C 182 -7.37 -1.12 -22.08
CA TRP C 182 -6.75 -2.41 -22.33
C TRP C 182 -6.24 -3.03 -21.02
N ILE C 183 -5.62 -2.22 -20.16
CA ILE C 183 -5.03 -2.73 -18.92
C ILE C 183 -6.11 -3.32 -18.03
N ASP C 184 -7.28 -2.66 -17.94
CA ASP C 184 -8.41 -3.13 -17.12
C ASP C 184 -9.73 -2.56 -17.62
N PRO C 185 -10.47 -3.33 -18.45
CA PRO C 185 -11.73 -2.80 -18.99
C PRO C 185 -12.83 -2.64 -17.96
N THR C 186 -12.70 -3.28 -16.80
CA THR C 186 -13.76 -3.25 -15.81
C THR C 186 -13.76 -1.96 -15.01
N GLN C 187 -12.74 -1.11 -15.18
CA GLN C 187 -12.63 0.10 -14.39
C GLN C 187 -12.47 1.31 -15.29
N PRO C 188 -13.06 2.44 -14.90
CA PRO C 188 -12.80 3.70 -15.60
C PRO C 188 -11.32 4.03 -15.59
N PRO C 189 -10.79 4.57 -16.68
CA PRO C 189 -9.34 4.83 -16.72
C PRO C 189 -8.84 5.70 -15.57
N GLU C 190 -9.66 6.65 -15.07
CA GLU C 190 -9.24 7.43 -13.89
C GLU C 190 -9.03 6.54 -12.67
N GLN C 191 -9.94 5.59 -12.46
CA GLN C 191 -9.76 4.60 -11.41
C GLN C 191 -8.40 3.90 -11.56
N THR C 192 -8.12 3.37 -12.75
CA THR C 192 -6.84 2.69 -12.95
C THR C 192 -5.65 3.64 -12.71
N ALA C 193 -5.74 4.89 -13.18
CA ALA C 193 -4.62 5.82 -13.01
C ALA C 193 -4.38 6.12 -11.54
N ARG C 194 -5.47 6.25 -10.77
CA ARG C 194 -5.35 6.48 -9.33
C ARG C 194 -4.77 5.27 -8.62
N ALA C 195 -5.10 4.05 -9.10
CA ALA C 195 -4.47 2.87 -8.52
C ALA C 195 -2.99 2.87 -8.84
N TRP C 196 -2.62 3.33 -10.03
CA TRP C 196 -1.20 3.43 -10.37
C TRP C 196 -0.46 4.43 -9.47
N LEU C 197 -1.07 5.59 -9.20
CA LEU C 197 -0.41 6.58 -8.35
C LEU C 197 -0.13 6.01 -6.95
N ALA C 198 -1.03 5.16 -6.45
CA ALA C 198 -0.87 4.56 -5.12
C ALA C 198 0.29 3.56 -5.06
N CYS C 199 0.88 3.16 -6.19
CA CYS C 199 1.96 2.17 -6.20
C CYS C 199 3.36 2.77 -6.15
N GLY C 200 3.52 4.08 -5.94
CA GLY C 200 4.85 4.67 -5.97
C GLY C 200 5.09 5.94 -6.80
N PRO C 201 4.48 6.07 -7.98
CA PRO C 201 4.80 7.23 -8.83
C PRO C 201 4.49 8.57 -8.17
N ALA C 202 5.23 9.59 -8.57
CA ALA C 202 4.88 10.95 -8.17
C ALA C 202 3.73 11.50 -9.00
N ILE C 203 3.64 11.08 -10.25
CA ILE C 203 2.75 11.69 -11.23
C ILE C 203 2.24 10.60 -12.15
N VAL C 204 0.93 10.53 -12.32
CA VAL C 204 0.31 9.71 -13.36
C VAL C 204 -0.55 10.63 -14.20
N ALA C 205 -0.20 10.75 -15.48
CA ALA C 205 -0.90 11.60 -16.42
C ALA C 205 -1.72 10.72 -17.35
N LEU C 206 -2.91 11.20 -17.69
CA LEU C 206 -3.88 10.41 -18.42
C LEU C 206 -4.46 11.28 -19.52
N THR C 207 -4.18 10.94 -20.77
CA THR C 207 -4.79 11.67 -21.87
C THR C 207 -6.11 11.03 -22.23
N LEU C 208 -7.09 11.88 -22.53
CA LEU C 208 -8.47 11.49 -22.70
C LEU C 208 -8.98 11.89 -24.08
N GLY C 209 -8.08 12.06 -25.04
CA GLY C 209 -8.47 12.36 -26.40
C GLY C 209 -9.26 13.65 -26.48
N ASP C 210 -10.42 13.59 -27.13
CA ASP C 210 -11.30 14.74 -27.28
C ASP C 210 -11.72 15.36 -25.95
N GLN C 211 -11.48 14.71 -24.81
CA GLN C 211 -11.91 15.22 -23.53
C GLN C 211 -10.79 15.93 -22.76
N GLY C 212 -9.63 16.13 -23.37
CA GLY C 212 -8.51 16.78 -22.69
C GLY C 212 -7.52 15.82 -22.04
N ALA C 213 -6.93 16.22 -20.92
CA ALA C 213 -6.03 15.37 -20.19
C ALA C 213 -6.19 15.63 -18.70
N VAL C 214 -5.99 14.59 -17.89
CA VAL C 214 -5.95 14.78 -16.45
C VAL C 214 -4.65 14.17 -15.93
N ALA C 215 -4.30 14.56 -14.71
CA ALA C 215 -3.12 13.99 -14.07
C ALA C 215 -3.33 13.98 -12.57
N PHE C 216 -2.61 13.10 -11.87
CA PHE C 216 -2.81 12.93 -10.44
C PHE C 216 -1.46 12.91 -9.72
N CYS C 217 -1.40 13.63 -8.60
CA CYS C 217 -0.29 13.56 -7.67
C CYS C 217 -0.86 13.54 -6.26
N ALA C 218 0.02 13.35 -5.27
CA ALA C 218 -0.43 13.36 -3.88
C ALA C 218 -1.23 14.61 -3.54
N ALA C 219 -0.85 15.76 -4.11
CA ALA C 219 -1.50 17.00 -3.74
C ALA C 219 -2.92 17.11 -4.30
N GLY C 220 -3.23 16.42 -5.40
CA GLY C 220 -4.56 16.47 -5.97
C GLY C 220 -4.62 16.18 -7.46
N PRO C 221 -5.82 16.20 -8.03
CA PRO C 221 -5.97 16.04 -9.47
C PRO C 221 -5.79 17.37 -10.20
N ALA C 222 -5.27 17.25 -11.42
CA ALA C 222 -5.16 18.37 -12.34
C ALA C 222 -5.80 17.98 -13.66
N SER C 223 -6.26 18.98 -14.40
CA SER C 223 -6.84 18.70 -15.69
C SER C 223 -6.60 19.87 -16.63
N VAL C 224 -6.71 19.58 -17.93
CA VAL C 224 -6.65 20.59 -18.99
C VAL C 224 -7.73 20.22 -19.98
N PRO C 225 -8.46 21.17 -20.54
CA PRO C 225 -9.66 20.82 -21.31
C PRO C 225 -9.35 20.33 -22.72
N ALA C 226 -10.42 19.86 -23.36
CA ALA C 226 -10.39 19.39 -24.74
C ALA C 226 -9.74 20.40 -25.66
N GLN C 227 -8.70 19.96 -26.37
CA GLN C 227 -8.02 20.79 -27.36
C GLN C 227 -8.55 20.56 -28.76
N ASP C 233 -6.53 12.92 -33.92
CA ASP C 233 -6.07 11.58 -33.60
C ASP C 233 -5.06 11.08 -34.64
N THR C 234 -3.82 11.56 -34.52
CA THR C 234 -2.79 11.35 -35.54
C THR C 234 -1.51 10.84 -34.89
N VAL C 235 -0.63 10.29 -35.74
CA VAL C 235 0.51 9.51 -35.27
C VAL C 235 1.54 10.39 -34.55
N GLY C 236 1.88 10.00 -33.31
CA GLY C 236 2.91 10.66 -32.55
C GLY C 236 2.43 11.72 -31.60
N ALA C 237 1.14 12.04 -31.60
CA ALA C 237 0.63 13.05 -30.66
C ALA C 237 0.91 12.66 -29.21
N GLY C 238 0.74 11.38 -28.88
CA GLY C 238 0.98 10.95 -27.51
C GLY C 238 2.43 11.10 -27.08
N ASP C 239 3.37 10.76 -27.98
CA ASP C 239 4.77 10.88 -27.62
C ASP C 239 5.22 12.33 -27.54
N ALA C 240 4.58 13.22 -28.29
CA ALA C 240 4.92 14.63 -28.19
C ALA C 240 4.40 15.21 -26.89
N PHE C 241 3.21 14.77 -26.46
CA PHE C 241 2.71 15.10 -25.13
C PHE C 241 3.71 14.68 -24.06
N MET C 242 4.18 13.42 -24.12
CA MET C 242 5.14 12.94 -23.13
C MET C 242 6.42 13.78 -23.11
N ALA C 243 6.95 14.10 -24.29
CA ALA C 243 8.16 14.93 -24.38
C ALA C 243 7.92 16.30 -23.77
N GLY C 244 6.80 16.94 -24.09
CA GLY C 244 6.49 18.22 -23.47
C GLY C 244 6.30 18.12 -21.96
N LEU C 245 5.75 16.99 -21.50
CA LEU C 245 5.61 16.80 -20.06
C LEU C 245 6.96 16.71 -19.39
N LEU C 246 7.82 15.80 -19.89
CA LEU C 246 9.12 15.63 -19.27
C LEU C 246 9.94 16.92 -19.35
N ASP C 247 9.84 17.64 -20.49
CA ASP C 247 10.60 18.87 -20.67
C ASP C 247 10.19 19.96 -19.68
N THR C 248 8.89 20.11 -19.42
CA THR C 248 8.45 21.09 -18.43
C THR C 248 8.83 20.66 -17.03
N LEU C 249 8.65 19.39 -16.70
CA LEU C 249 9.10 18.92 -15.40
C LEU C 249 10.60 19.13 -15.23
N TRP C 250 11.36 18.85 -16.29
CA TRP C 250 12.78 19.18 -16.30
C TRP C 250 12.99 20.66 -15.99
N GLU C 251 12.28 21.53 -16.70
CA GLU C 251 12.43 22.98 -16.54
C GLU C 251 11.98 23.45 -15.15
N GLN C 252 11.08 22.73 -14.50
CA GLN C 252 10.68 23.06 -13.13
C GLN C 252 11.68 22.60 -12.08
N GLY C 253 12.76 21.96 -12.48
CA GLY C 253 13.75 21.49 -11.52
C GLY C 253 13.28 20.33 -10.66
N LEU C 254 12.56 19.36 -11.24
CA LEU C 254 12.07 18.21 -10.48
C LEU C 254 12.62 16.87 -10.96
N LEU C 255 13.41 16.86 -12.04
CA LEU C 255 14.01 15.62 -12.47
C LEU C 255 15.29 15.32 -11.69
N GLY C 256 15.83 14.12 -11.88
CA GLY C 256 16.99 13.65 -11.14
C GLY C 256 16.61 13.09 -9.79
N ALA C 257 17.27 12.00 -9.38
CA ALA C 257 16.94 11.38 -8.09
C ALA C 257 17.17 12.35 -6.94
N ASP C 258 18.12 13.28 -7.08
CA ASP C 258 18.31 14.33 -6.10
C ASP C 258 17.01 15.06 -5.82
N ARG C 259 16.13 15.14 -6.81
CA ARG C 259 14.89 15.91 -6.72
C ARG C 259 13.65 15.02 -6.70
N ARG C 260 13.83 13.74 -6.39
CA ARG C 260 12.69 12.81 -6.35
C ARG C 260 11.67 13.24 -5.29
N THR C 261 12.15 13.59 -4.09
CA THR C 261 11.23 13.88 -2.99
C THR C 261 10.36 15.11 -3.28
N GLU C 262 10.84 16.05 -4.10
CA GLU C 262 10.02 17.21 -4.45
C GLU C 262 9.21 17.00 -5.71
N LEU C 263 9.59 16.03 -6.55
CA LEU C 263 8.70 15.57 -7.61
C LEU C 263 7.39 15.07 -7.01
N ARG C 264 7.50 14.20 -5.99
CA ARG C 264 6.32 13.66 -5.30
C ARG C 264 5.49 14.77 -4.67
N LYS C 265 6.13 15.88 -4.32
CA LYS C 265 5.45 16.98 -3.63
C LYS C 265 4.97 18.05 -4.58
N ILE C 266 5.05 17.81 -5.90
CA ILE C 266 4.59 18.81 -6.87
C ILE C 266 3.19 19.27 -6.52
N GLY C 267 2.96 20.59 -6.62
CA GLY C 267 1.66 21.14 -6.32
C GLY C 267 0.70 21.04 -7.48
N VAL C 268 -0.61 21.18 -7.18
CA VAL C 268 -1.63 21.04 -8.22
C VAL C 268 -1.43 22.09 -9.31
N SER C 269 -1.05 23.32 -8.93
CA SER C 269 -0.84 24.40 -9.90
C SER C 269 0.35 24.11 -10.82
N ALA C 270 1.47 23.64 -10.25
CA ALA C 270 2.60 23.21 -11.07
C ALA C 270 2.19 22.08 -12.03
N LEU C 271 1.53 21.06 -11.49
CA LEU C 271 1.12 19.92 -12.32
C LEU C 271 0.16 20.37 -13.42
N THR C 272 -0.79 21.24 -13.09
CA THR C 272 -1.70 21.74 -14.11
C THR C 272 -0.93 22.45 -15.22
N SER C 273 0.14 23.14 -14.86
CA SER C 273 0.89 23.92 -15.83
C SER C 273 1.77 23.01 -16.69
N ALA C 274 2.40 21.99 -16.07
CA ALA C 274 3.06 20.94 -16.84
C ALA C 274 2.10 20.26 -17.79
N LEU C 275 0.88 19.96 -17.33
CA LEU C 275 -0.13 19.36 -18.19
C LEU C 275 -0.51 20.27 -19.36
N GLU C 276 -0.67 21.57 -19.09
CA GLU C 276 -1.01 22.52 -20.15
C GLU C 276 0.06 22.55 -21.22
N VAL C 277 1.33 22.61 -20.78
CA VAL C 277 2.43 22.68 -21.73
C VAL C 277 2.48 21.41 -22.54
N ALA C 278 2.28 20.26 -21.89
CA ALA C 278 2.32 19.00 -22.61
C ALA C 278 1.14 18.89 -23.58
N ALA C 279 -0.05 19.32 -23.16
CA ALA C 279 -1.18 19.31 -24.09
C ALA C 279 -0.95 20.26 -25.27
N LEU C 280 -0.41 21.45 -25.02
CA LEU C 280 -0.19 22.39 -26.12
C LEU C 280 0.97 21.93 -27.01
N THR C 281 2.03 21.37 -26.41
CA THR C 281 3.11 20.80 -27.20
C THR C 281 2.57 19.76 -28.17
N SER C 282 1.74 18.86 -27.65
CA SER C 282 1.18 17.81 -28.48
C SER C 282 0.30 18.40 -29.59
N ALA C 283 -0.54 19.36 -29.24
CA ALA C 283 -1.41 20.00 -30.22
C ALA C 283 -0.58 20.69 -31.31
N LEU C 284 0.47 21.41 -30.91
CA LEU C 284 1.30 22.11 -31.87
C LEU C 284 2.00 21.14 -32.81
N THR C 285 2.45 19.99 -32.29
CA THR C 285 3.05 18.99 -33.16
C THR C 285 2.04 18.46 -34.17
N VAL C 286 0.78 18.35 -33.77
CA VAL C 286 -0.27 17.91 -34.69
C VAL C 286 -0.56 18.99 -35.73
N ALA C 287 -0.67 20.24 -35.29
CA ALA C 287 -1.05 21.32 -36.21
C ALA C 287 0.07 21.61 -37.20
N ARG C 288 1.32 21.53 -36.75
CA ARG C 288 2.45 21.71 -37.66
C ARG C 288 2.55 20.55 -38.65
N ALA C 289 2.10 19.35 -38.26
CA ALA C 289 2.09 18.23 -39.19
C ALA C 289 0.91 18.29 -40.14
N GLY C 290 -0.21 18.89 -39.71
CA GLY C 290 -1.34 19.09 -40.59
C GLY C 290 -1.14 20.20 -41.61
N ALA C 291 -0.25 21.15 -41.33
CA ALA C 291 0.01 22.22 -42.30
C ALA C 291 0.63 21.68 -43.58
N ASP C 292 1.32 20.55 -43.48
CA ASP C 292 1.98 19.93 -44.62
C ASP C 292 1.31 18.60 -45.01
N MET D 1 8.78 8.57 50.34
CA MET D 1 7.85 9.66 50.17
C MET D 1 7.51 9.90 48.68
N ALA D 2 8.49 9.77 47.78
CA ALA D 2 8.26 9.94 46.34
C ALA D 2 7.18 8.97 45.84
N ARG D 3 6.29 9.45 44.97
CA ARG D 3 5.12 8.68 44.55
C ARG D 3 5.05 8.54 43.03
N GLY D 4 4.53 7.40 42.59
CA GLY D 4 4.21 7.16 41.20
C GLY D 4 2.74 7.45 40.94
N LEU D 5 2.44 7.91 39.73
CA LEU D 5 1.06 8.10 39.28
C LEU D 5 0.81 7.24 38.04
N VAL D 6 -0.21 6.39 38.10
CA VAL D 6 -0.68 5.67 36.90
C VAL D 6 -2.00 6.29 36.47
N ILE D 7 -2.14 6.54 35.15
CA ILE D 7 -3.38 7.07 34.60
C ILE D 7 -3.89 6.06 33.59
N GLY D 8 -5.05 5.46 33.84
CA GLY D 8 -5.54 4.51 32.87
C GLY D 8 -6.77 3.78 33.36
N GLU D 9 -7.26 2.89 32.48
CA GLU D 9 -8.54 2.25 32.70
C GLU D 9 -8.45 1.17 33.76
N ALA D 10 -9.45 1.12 34.61
CA ALA D 10 -9.78 -0.05 35.40
C ALA D 10 -11.12 -0.56 34.89
N LEU D 11 -11.26 -1.88 34.79
CA LEU D 11 -12.46 -2.43 34.19
C LEU D 11 -12.71 -3.83 34.71
N ILE D 12 -13.87 -4.39 34.35
CA ILE D 12 -14.19 -5.77 34.66
C ILE D 12 -14.13 -6.57 33.37
N ASP D 13 -13.29 -7.60 33.37
CA ASP D 13 -13.24 -8.54 32.26
C ASP D 13 -14.28 -9.64 32.46
N ILE D 14 -15.25 -9.71 31.57
CA ILE D 14 -16.31 -10.71 31.64
C ILE D 14 -16.03 -11.80 30.62
N VAL D 15 -15.96 -13.04 31.10
CA VAL D 15 -15.74 -14.20 30.19
C VAL D 15 -17.11 -14.82 29.97
N ASP D 16 -17.69 -14.72 28.79
CA ASP D 16 -19.02 -15.35 28.59
C ASP D 16 -18.84 -16.70 27.88
N GLY D 17 -19.00 -17.82 28.60
CA GLY D 17 -18.84 -19.14 27.96
C GLY D 17 -18.92 -20.31 28.91
N PRO D 18 -17.86 -21.15 28.98
CA PRO D 18 -17.82 -22.31 29.85
C PRO D 18 -17.23 -21.79 31.16
N ASP D 19 -17.96 -21.98 32.26
CA ASP D 19 -17.63 -21.43 33.57
C ASP D 19 -17.38 -19.93 33.44
N PRO D 20 -18.43 -19.15 33.17
CA PRO D 20 -18.23 -17.70 33.00
C PRO D 20 -17.72 -17.05 34.28
N ALA D 21 -16.95 -15.99 34.12
CA ALA D 21 -16.36 -15.31 35.28
C ALA D 21 -16.22 -13.83 35.00
N GLU D 22 -16.02 -13.08 36.09
CA GLU D 22 -15.78 -11.64 36.06
C GLU D 22 -14.50 -11.37 36.82
N TYR D 23 -13.52 -10.72 36.17
CA TYR D 23 -12.24 -10.43 36.78
C TYR D 23 -11.97 -8.93 36.78
N VAL D 24 -11.32 -8.46 37.84
CA VAL D 24 -10.75 -7.12 37.79
C VAL D 24 -9.67 -7.09 36.72
N GLY D 25 -9.66 -6.04 35.91
CA GLY D 25 -8.66 -5.87 34.88
C GLY D 25 -8.39 -4.42 34.51
N GLY D 26 -7.81 -4.20 33.33
CA GLY D 26 -7.28 -2.92 32.93
C GLY D 26 -5.77 -2.95 33.07
N SER D 27 -5.08 -2.84 31.94
CA SER D 27 -3.62 -2.94 31.96
C SER D 27 -2.94 -1.85 32.80
N PRO D 28 -3.36 -0.58 32.75
CA PRO D 28 -2.78 0.39 33.70
C PRO D 28 -3.08 0.06 35.15
N LEU D 29 -4.27 -0.45 35.45
CA LEU D 29 -4.56 -0.88 36.81
C LEU D 29 -3.59 -1.97 37.24
N ASN D 30 -3.37 -2.98 36.38
CA ASN D 30 -2.39 -4.02 36.71
C ASN D 30 -1.02 -3.40 37.02
N VAL D 31 -0.59 -2.39 36.23
CA VAL D 31 0.74 -1.82 36.46
C VAL D 31 0.79 -1.12 37.82
N ALA D 32 -0.25 -0.35 38.16
CA ALA D 32 -0.32 0.28 39.47
C ALA D 32 -0.27 -0.76 40.60
N VAL D 33 -1.11 -1.80 40.49
CA VAL D 33 -1.15 -2.87 41.48
C VAL D 33 0.20 -3.57 41.55
N GLY D 34 0.83 -3.84 40.40
CA GLY D 34 2.15 -4.47 40.39
C GLY D 34 3.23 -3.63 41.05
N LEU D 35 3.19 -2.31 40.85
CA LEU D 35 4.15 -1.42 41.48
C LEU D 35 3.93 -1.34 43.00
N ALA D 36 2.68 -1.27 43.43
CA ALA D 36 2.38 -1.26 44.86
C ALA D 36 2.86 -2.55 45.51
N ARG D 37 2.56 -3.70 44.90
CA ARG D 37 3.03 -4.97 45.41
C ARG D 37 4.55 -5.02 45.49
N LEU D 38 5.25 -4.33 44.60
CA LEU D 38 6.70 -4.29 44.71
C LEU D 38 7.18 -3.28 45.77
N GLY D 39 6.26 -2.70 46.54
CA GLY D 39 6.63 -1.79 47.61
C GLY D 39 6.56 -0.29 47.32
N ARG D 40 6.20 0.11 46.09
CA ARG D 40 6.16 1.53 45.75
C ARG D 40 4.85 2.16 46.20
N ASP D 41 4.89 3.48 46.46
CA ASP D 41 3.67 4.20 46.74
C ASP D 41 3.16 4.77 45.42
N VAL D 42 1.88 4.53 45.16
CA VAL D 42 1.31 4.67 43.83
C VAL D 42 -0.08 5.25 43.96
N ASP D 43 -0.36 6.29 43.18
CA ASP D 43 -1.72 6.74 42.95
C ASP D 43 -2.19 6.26 41.58
N LEU D 44 -3.49 5.95 41.50
CA LEU D 44 -4.15 5.52 40.27
C LEU D 44 -5.29 6.49 39.95
N LEU D 45 -5.18 7.21 38.85
CA LEU D 45 -6.27 8.02 38.32
C LEU D 45 -7.01 7.22 37.25
N THR D 46 -8.31 7.01 37.42
CA THR D 46 -9.05 6.10 36.55
C THR D 46 -10.51 6.56 36.47
N HIS D 47 -11.37 5.69 35.93
CA HIS D 47 -12.76 6.08 35.63
C HIS D 47 -13.66 4.87 35.85
N ILE D 48 -14.21 4.74 37.05
CA ILE D 48 -15.10 3.65 37.40
C ILE D 48 -16.39 4.22 37.99
N GLY D 49 -17.36 3.35 38.19
CA GLY D 49 -18.65 3.77 38.68
C GLY D 49 -18.81 3.54 40.18
N ARG D 50 -19.84 4.16 40.74
CA ARG D 50 -20.27 3.83 42.09
C ARG D 50 -21.42 2.82 42.04
N ASP D 51 -21.16 1.73 41.34
CA ASP D 51 -22.03 0.57 41.24
C ASP D 51 -21.31 -0.62 41.86
N ALA D 52 -21.85 -1.81 41.66
CA ALA D 52 -21.29 -3.00 42.32
C ALA D 52 -19.90 -3.31 41.78
N ARG D 53 -19.74 -3.30 40.45
CA ARG D 53 -18.41 -3.55 39.89
C ARG D 53 -17.40 -2.49 40.33
N GLY D 54 -17.83 -1.22 40.39
CA GLY D 54 -16.92 -0.17 40.83
C GLY D 54 -16.39 -0.38 42.24
N ARG D 55 -17.26 -0.84 43.15
CA ARG D 55 -16.83 -1.09 44.53
C ARG D 55 -15.88 -2.26 44.60
N ARG D 56 -16.16 -3.32 43.83
CA ARG D 56 -15.20 -4.42 43.72
C ARG D 56 -13.84 -3.93 43.26
N ILE D 57 -13.81 -3.06 42.25
CA ILE D 57 -12.54 -2.57 41.74
C ILE D 57 -11.83 -1.76 42.83
N ALA D 58 -12.57 -0.83 43.45
CA ALA D 58 -12.00 0.02 44.48
C ALA D 58 -11.45 -0.79 45.65
N GLU D 59 -12.18 -1.83 46.07
CA GLU D 59 -11.69 -2.70 47.13
C GLU D 59 -10.39 -3.40 46.72
N TYR D 60 -10.33 -3.91 45.48
CA TYR D 60 -9.13 -4.58 45.00
C TYR D 60 -7.94 -3.62 44.95
N ILE D 61 -8.20 -2.38 44.54
CA ILE D 61 -7.20 -1.32 44.52
C ILE D 61 -6.65 -1.04 45.93
N GLU D 62 -7.54 -0.79 46.89
CA GLU D 62 -7.09 -0.51 48.26
C GLU D 62 -6.36 -1.71 48.86
N SER D 63 -6.88 -2.93 48.68
CA SER D 63 -6.21 -4.12 49.22
C SER D 63 -4.80 -4.27 48.68
N SER D 64 -4.53 -3.70 47.51
CA SER D 64 -3.20 -3.81 46.93
C SER D 64 -2.26 -2.73 47.44
N GLY D 65 -2.77 -1.71 48.11
CA GLY D 65 -1.95 -0.58 48.52
C GLY D 65 -1.94 0.59 47.56
N VAL D 66 -2.67 0.50 46.45
CA VAL D 66 -2.79 1.63 45.55
C VAL D 66 -3.77 2.63 46.11
N GLN D 67 -3.43 3.90 46.01
CA GLN D 67 -4.34 4.97 46.40
C GLN D 67 -5.14 5.45 45.18
N LEU D 68 -6.45 5.35 45.27
CA LEU D 68 -7.35 5.84 44.22
C LEU D 68 -7.39 7.36 44.25
N VAL D 69 -7.12 7.99 43.10
CA VAL D 69 -7.11 9.44 43.04
C VAL D 69 -8.55 9.94 43.09
N SER D 70 -8.79 11.02 43.84
CA SER D 70 -10.13 11.60 43.92
C SER D 70 -10.58 12.07 42.55
N GLY D 71 -11.87 11.86 42.24
CA GLY D 71 -12.43 12.09 40.92
C GLY D 71 -12.50 10.86 40.05
N SER D 72 -12.01 9.73 40.53
CA SER D 72 -11.92 8.49 39.77
C SER D 72 -13.22 7.71 39.70
N GLN D 73 -14.29 8.14 40.36
CA GLN D 73 -15.47 7.31 40.51
C GLN D 73 -16.74 8.01 40.02
N THR D 74 -16.63 8.80 38.96
CA THR D 74 -17.77 9.53 38.44
C THR D 74 -18.40 8.85 37.24
N ALA D 75 -17.98 7.64 36.90
CA ALA D 75 -18.57 6.99 35.72
C ALA D 75 -20.03 6.65 35.98
N ASP D 76 -20.85 6.76 34.93
CA ASP D 76 -22.24 6.34 35.05
C ASP D 76 -22.34 4.85 35.34
N ARG D 77 -21.41 4.06 34.81
CA ARG D 77 -21.29 2.67 35.20
C ARG D 77 -19.88 2.20 34.90
N THR D 78 -19.43 1.22 35.65
CA THR D 78 -18.07 0.74 35.53
C THR D 78 -17.85 0.12 34.17
N PRO D 79 -16.77 0.48 33.47
CA PRO D 79 -16.47 -0.14 32.19
C PRO D 79 -16.32 -1.65 32.30
N THR D 80 -16.64 -2.33 31.22
CA THR D 80 -16.49 -3.77 31.14
C THR D 80 -15.97 -4.14 29.77
N ALA D 81 -15.30 -5.29 29.70
CA ALA D 81 -14.90 -5.86 28.42
C ALA D 81 -15.33 -7.32 28.41
N THR D 82 -16.17 -7.69 27.44
CA THR D 82 -16.75 -9.02 27.40
C THR D 82 -16.15 -9.79 26.24
N ALA D 83 -15.62 -10.98 26.55
CA ALA D 83 -15.21 -11.95 25.55
C ALA D 83 -16.30 -13.02 25.48
N ARG D 84 -17.09 -13.00 24.40
CA ARG D 84 -18.18 -13.95 24.21
C ARG D 84 -17.67 -15.23 23.57
N THR D 92 -15.31 -13.23 20.09
CA THR D 92 -16.18 -12.06 20.08
C THR D 92 -15.91 -11.18 21.30
N TYR D 93 -15.36 -9.99 21.06
CA TYR D 93 -15.02 -9.05 22.12
C TYR D 93 -15.95 -7.85 22.05
N ALA D 94 -16.55 -7.50 23.18
CA ALA D 94 -17.44 -6.36 23.27
C ALA D 94 -17.03 -5.53 24.47
N PHE D 95 -16.98 -4.21 24.27
CA PHE D 95 -16.59 -3.27 25.30
C PHE D 95 -17.78 -2.40 25.66
N ASP D 96 -17.98 -2.17 26.95
CA ASP D 96 -18.91 -1.18 27.47
C ASP D 96 -18.05 -0.24 28.30
N LEU D 97 -17.46 0.75 27.64
CA LEU D 97 -16.42 1.55 28.29
C LEU D 97 -16.53 3.01 27.88
N GLU D 98 -16.54 3.88 28.88
CA GLU D 98 -16.29 5.30 28.72
C GLU D 98 -14.94 5.61 29.36
N TRP D 99 -14.16 6.49 28.73
CA TRP D 99 -12.90 6.95 29.30
C TRP D 99 -12.91 8.48 29.33
N GLN D 100 -13.10 9.05 30.54
CA GLN D 100 -12.99 10.48 30.76
C GLN D 100 -12.35 10.72 32.12
N ILE D 101 -11.52 11.77 32.22
CA ILE D 101 -10.89 12.15 33.47
C ILE D 101 -10.88 13.67 33.60
N PRO D 102 -10.89 14.14 34.86
CA PRO D 102 -10.76 15.56 35.11
C PRO D 102 -9.47 16.11 34.50
N ASP D 103 -9.56 17.32 33.96
CA ASP D 103 -8.43 17.95 33.28
C ASP D 103 -7.22 18.09 34.18
N THR D 104 -7.44 18.39 35.47
CA THR D 104 -6.36 18.67 36.42
C THR D 104 -6.60 17.90 37.72
N PRO D 105 -5.98 16.75 37.90
CA PRO D 105 -6.28 15.91 39.06
C PRO D 105 -5.64 16.44 40.33
N PRO D 106 -6.21 16.12 41.48
CA PRO D 106 -5.62 16.53 42.77
C PRO D 106 -4.47 15.63 43.22
N VAL D 107 -3.32 15.80 42.58
CA VAL D 107 -2.12 15.02 42.84
C VAL D 107 -0.91 15.93 42.90
N ALA D 108 -0.12 15.80 43.97
CA ALA D 108 1.20 16.42 44.08
C ALA D 108 2.12 15.95 42.95
N PRO D 109 3.17 16.70 42.62
CA PRO D 109 4.05 16.33 41.48
C PRO D 109 4.68 14.96 41.67
N PRO D 110 4.34 13.99 40.83
CA PRO D 110 4.85 12.62 41.00
C PRO D 110 6.28 12.50 40.51
N LEU D 111 6.90 11.38 40.92
CA LEU D 111 8.22 10.99 40.41
C LEU D 111 8.12 10.34 39.03
N LEU D 112 6.97 9.73 38.76
CA LEU D 112 6.79 8.89 37.59
C LEU D 112 5.31 8.96 37.24
N VAL D 113 5.00 9.11 35.97
CA VAL D 113 3.61 9.01 35.52
C VAL D 113 3.59 8.00 34.39
N HIS D 114 2.76 6.97 34.53
CA HIS D 114 2.63 5.91 33.54
C HIS D 114 1.23 5.91 32.95
N THR D 115 1.14 5.66 31.65
CA THR D 115 -0.14 5.44 31.01
C THR D 115 0.04 4.46 29.86
N GLY D 116 -1.06 4.08 29.25
CA GLY D 116 -1.00 3.21 28.09
C GLY D 116 -2.35 2.69 27.72
N SER D 117 -2.37 1.75 26.81
CA SER D 117 -3.57 0.99 26.45
C SER D 117 -4.72 1.88 25.99
N ILE D 118 -5.93 1.60 26.44
CA ILE D 118 -7.17 2.28 26.00
C ILE D 118 -7.18 3.74 26.44
N ALA D 119 -6.74 4.02 27.64
CA ALA D 119 -6.79 5.39 28.15
C ALA D 119 -5.91 6.34 27.33
N ALA D 120 -4.86 5.82 26.72
CA ALA D 120 -4.01 6.67 25.89
C ALA D 120 -4.62 7.01 24.54
N ALA D 121 -5.68 6.31 24.12
CA ALA D 121 -6.15 6.39 22.76
C ALA D 121 -7.64 6.72 22.65
N ARG D 122 -8.39 6.68 23.74
CA ARG D 122 -9.86 6.75 23.70
C ARG D 122 -10.35 8.13 24.12
N GLU D 123 -11.13 8.76 23.27
CA GLU D 123 -11.71 10.07 23.55
C GLU D 123 -12.91 9.94 24.48
N PRO D 124 -13.17 10.99 25.30
CA PRO D 124 -12.38 12.23 25.39
C PRO D 124 -11.14 12.15 26.28
N GLY D 125 -11.03 11.11 27.13
CA GLY D 125 -10.02 11.11 28.17
C GLY D 125 -8.60 11.17 27.66
N CYS D 126 -8.34 10.59 26.48
CA CYS D 126 -6.97 10.56 25.96
C CYS D 126 -6.43 11.95 25.69
N LEU D 127 -7.29 12.94 25.39
CA LEU D 127 -6.81 14.33 25.27
C LEU D 127 -6.26 14.84 26.58
N ALA D 128 -7.03 14.66 27.65
CA ALA D 128 -6.54 15.02 28.98
C ALA D 128 -5.27 14.24 29.35
N VAL D 129 -5.19 12.95 28.98
CA VAL D 129 -3.98 12.18 29.28
C VAL D 129 -2.75 12.81 28.63
N ALA D 130 -2.87 13.18 27.35
CA ALA D 130 -1.73 13.72 26.63
C ALA D 130 -1.31 15.07 27.21
N ALA D 131 -2.28 15.87 27.68
CA ALA D 131 -1.88 17.13 28.28
C ALA D 131 -1.30 16.92 29.68
N LEU D 132 -1.80 15.92 30.41
CA LEU D 132 -1.23 15.64 31.73
C LEU D 132 0.22 15.18 31.61
N LEU D 133 0.56 14.43 30.57
CA LEU D 133 1.95 14.00 30.41
C LEU D 133 2.85 15.21 30.15
N ASP D 134 2.41 16.13 29.30
CA ASP D 134 3.19 17.32 29.03
C ASP D 134 3.39 18.17 30.28
N ALA D 135 2.38 18.25 31.15
CA ALA D 135 2.49 19.06 32.36
C ALA D 135 3.29 18.39 33.47
N TYR D 136 3.32 17.05 33.52
CA TYR D 136 3.98 16.36 34.61
C TYR D 136 5.46 16.15 34.37
N ARG D 137 5.90 16.25 33.11
CA ARG D 137 7.25 15.83 32.77
C ARG D 137 8.31 16.75 33.35
N ALA D 138 7.95 17.97 33.74
CA ALA D 138 8.92 18.83 34.42
C ALA D 138 9.29 18.29 35.79
N ALA D 139 8.45 17.46 36.39
CA ALA D 139 8.81 16.77 37.62
C ALA D 139 8.92 15.25 37.48
N ALA D 140 8.22 14.62 36.53
CA ALA D 140 8.09 13.17 36.48
C ALA D 140 8.71 12.57 35.21
N THR D 141 9.30 11.40 35.38
CA THR D 141 9.59 10.52 34.26
C THR D 141 8.28 10.01 33.69
N VAL D 142 8.17 9.97 32.35
CA VAL D 142 6.96 9.51 31.68
C VAL D 142 7.20 8.14 31.07
N SER D 143 6.32 7.20 31.36
CA SER D 143 6.42 5.88 30.78
C SER D 143 5.11 5.54 30.09
N PHE D 144 5.22 4.71 29.07
CA PHE D 144 4.07 4.41 28.20
C PHE D 144 4.18 2.99 27.66
N ASP D 145 3.04 2.30 27.65
CA ASP D 145 2.88 0.95 27.08
C ASP D 145 1.70 1.03 26.10
N PRO D 146 1.91 1.04 24.78
CA PRO D 146 0.81 1.16 23.84
C PRO D 146 -0.26 0.07 23.97
N ASN D 147 0.12 -1.21 24.14
CA ASN D 147 -0.82 -2.33 24.42
C ASN D 147 -2.03 -2.26 23.48
N VAL D 148 -1.78 -2.27 22.18
CA VAL D 148 -2.83 -2.07 21.16
C VAL D 148 -3.87 -3.20 21.08
N ARG D 149 -3.56 -4.42 21.52
CA ARG D 149 -4.52 -5.53 21.29
C ARG D 149 -5.90 -5.24 21.88
N PRO D 150 -6.03 -4.83 23.15
CA PRO D 150 -7.33 -4.45 23.69
C PRO D 150 -7.88 -3.21 22.97
N SER D 151 -7.01 -2.23 22.71
CA SER D 151 -7.41 -0.97 22.04
C SER D 151 -8.11 -1.29 20.73
N LEU D 152 -7.50 -2.12 19.90
CA LEU D 152 -8.04 -2.47 18.59
C LEU D 152 -9.34 -3.26 18.73
N SER D 153 -9.41 -4.16 19.72
CA SER D 153 -10.67 -4.86 19.97
C SER D 153 -11.79 -3.88 20.26
N ALA D 154 -11.47 -2.73 20.87
CA ALA D 154 -12.46 -1.71 21.19
C ALA D 154 -12.73 -0.78 20.01
N ASP D 155 -11.67 -0.26 19.39
CA ASP D 155 -11.75 0.63 18.23
C ASP D 155 -11.03 -0.05 17.06
N PRO D 156 -11.74 -0.87 16.28
CA PRO D 156 -11.09 -1.55 15.14
C PRO D 156 -10.62 -0.61 14.05
N ASP D 157 -11.01 0.67 14.10
CA ASP D 157 -10.53 1.68 13.18
C ASP D 157 -9.50 2.60 13.81
N LEU D 158 -9.00 2.26 14.99
CA LEU D 158 -8.00 3.06 15.67
C LEU D 158 -6.87 3.44 14.71
N THR D 159 -6.35 4.64 14.89
CA THR D 159 -5.28 5.17 14.08
C THR D 159 -3.98 5.24 14.89
N ARG D 160 -2.87 5.03 14.17
CA ARG D 160 -1.53 4.96 14.71
C ARG D 160 -1.05 6.29 15.23
N ARG D 161 -1.65 7.38 14.76
CA ARG D 161 -1.15 8.69 15.19
C ARG D 161 -1.37 8.93 16.66
N ARG D 162 -2.45 8.44 17.24
CA ARG D 162 -2.63 8.55 18.67
C ARG D 162 -1.41 8.03 19.43
N ILE D 163 -0.87 6.87 19.00
CA ILE D 163 0.28 6.26 19.68
C ILE D 163 1.54 7.09 19.47
N GLN D 164 1.81 7.50 18.23
CA GLN D 164 3.04 8.21 17.93
C GLN D 164 3.16 9.54 18.70
N ARG D 165 2.04 10.24 18.93
CA ARG D 165 2.11 11.45 19.76
C ARG D 165 2.58 11.13 21.17
N LEU D 166 2.14 9.99 21.72
CA LEU D 166 2.60 9.65 23.05
C LEU D 166 4.08 9.26 23.05
N VAL D 167 4.56 8.61 21.97
CA VAL D 167 5.99 8.25 21.91
C VAL D 167 6.87 9.45 22.15
N GLU D 168 6.55 10.56 21.47
CA GLU D 168 7.35 11.79 21.57
C GLU D 168 7.30 12.41 22.97
N ARG D 169 6.29 12.08 23.77
CA ARG D 169 6.18 12.63 25.11
C ARG D 169 6.81 11.72 26.18
N SER D 170 7.36 10.58 25.80
CA SER D 170 7.70 9.53 26.76
C SER D 170 9.21 9.41 27.00
N ASP D 171 9.57 9.04 28.22
CA ASP D 171 10.96 8.69 28.50
C ASP D 171 11.23 7.18 28.41
N ILE D 172 10.26 6.36 28.76
CA ILE D 172 10.39 4.91 28.78
C ILE D 172 9.19 4.31 28.08
N ILE D 173 9.45 3.53 27.05
CA ILE D 173 8.39 2.85 26.31
C ILE D 173 8.62 1.34 26.37
N LYS D 174 7.59 0.59 26.71
CA LYS D 174 7.62 -0.84 26.51
C LYS D 174 6.53 -1.22 25.52
N ALA D 175 6.87 -2.05 24.55
CA ALA D 175 5.85 -2.54 23.66
C ALA D 175 6.16 -3.99 23.28
N SER D 176 5.16 -4.66 22.72
CA SER D 176 5.34 -6.02 22.22
C SER D 176 5.59 -5.99 20.71
N ALA D 177 6.15 -7.10 20.22
CA ALA D 177 6.33 -7.24 18.77
C ALA D 177 5.00 -7.11 18.05
N GLU D 178 3.94 -7.65 18.66
CA GLU D 178 2.59 -7.51 18.13
C GLU D 178 2.16 -6.05 18.07
N ASP D 179 2.44 -5.27 19.10
CA ASP D 179 2.19 -3.82 19.06
C ASP D 179 2.85 -3.18 17.85
N LEU D 180 4.16 -3.43 17.67
CA LEU D 180 4.94 -2.69 16.68
C LEU D 180 4.67 -3.18 15.26
N HIS D 181 4.32 -4.45 15.11
CA HIS D 181 3.85 -4.94 13.82
C HIS D 181 2.60 -4.20 13.36
N TRP D 182 1.66 -3.96 14.29
CA TRP D 182 0.50 -3.18 13.92
C TRP D 182 0.89 -1.76 13.54
N ILE D 183 1.81 -1.15 14.28
CA ILE D 183 2.25 0.18 13.93
C ILE D 183 2.88 0.21 12.54
N ASP D 184 3.68 -0.79 12.21
CA ASP D 184 4.32 -0.82 10.89
C ASP D 184 4.61 -2.26 10.48
N PRO D 185 3.66 -2.89 9.78
CA PRO D 185 3.82 -4.30 9.37
C PRO D 185 4.89 -4.52 8.33
N THR D 186 5.35 -3.47 7.68
CA THR D 186 6.36 -3.62 6.65
C THR D 186 7.76 -3.81 7.22
N GLN D 187 7.96 -3.51 8.50
CA GLN D 187 9.29 -3.53 9.08
C GLN D 187 9.35 -4.49 10.25
N PRO D 188 10.50 -5.11 10.50
CA PRO D 188 10.67 -5.87 11.73
C PRO D 188 10.46 -4.95 12.94
N PRO D 189 9.91 -5.49 14.01
CA PRO D 189 9.56 -4.61 15.15
C PRO D 189 10.74 -3.87 15.72
N GLU D 190 11.95 -4.44 15.64
CA GLU D 190 13.16 -3.76 16.12
C GLU D 190 13.44 -2.47 15.33
N GLN D 191 13.10 -2.44 14.05
CA GLN D 191 13.18 -1.21 13.25
C GLN D 191 12.28 -0.12 13.84
N THR D 192 11.01 -0.47 14.11
CA THR D 192 10.09 0.50 14.70
C THR D 192 10.58 0.95 16.07
N ALA D 193 11.04 0.02 16.90
CA ALA D 193 11.53 0.39 18.23
C ALA D 193 12.70 1.37 18.14
N ARG D 194 13.61 1.15 17.18
CA ARG D 194 14.73 2.07 17.01
C ARG D 194 14.27 3.42 16.48
N ALA D 195 13.26 3.44 15.60
CA ALA D 195 12.68 4.72 15.19
C ALA D 195 12.02 5.42 16.37
N TRP D 196 11.33 4.67 17.24
CA TRP D 196 10.73 5.31 18.43
C TRP D 196 11.81 5.89 19.33
N LEU D 197 12.89 5.13 19.54
CA LEU D 197 13.99 5.62 20.37
C LEU D 197 14.49 6.98 19.90
N ALA D 198 14.59 7.16 18.58
CA ALA D 198 15.18 8.39 18.07
C ALA D 198 14.26 9.61 18.23
N CYS D 199 13.01 9.42 18.66
CA CYS D 199 12.06 10.51 18.87
C CYS D 199 12.11 11.13 20.26
N GLY D 200 13.07 10.77 21.11
CA GLY D 200 13.08 11.35 22.44
C GLY D 200 13.13 10.41 23.65
N PRO D 201 12.59 9.19 23.55
CA PRO D 201 12.68 8.29 24.71
C PRO D 201 14.11 8.04 25.13
N ALA D 202 14.30 7.81 26.44
CA ALA D 202 15.57 7.28 26.91
C ALA D 202 15.69 5.78 26.65
N ILE D 203 14.58 5.05 26.77
CA ILE D 203 14.56 3.59 26.66
C ILE D 203 13.31 3.16 25.91
N VAL D 204 13.47 2.31 24.91
CA VAL D 204 12.38 1.58 24.27
C VAL D 204 12.63 0.10 24.49
N ALA D 205 11.77 -0.54 25.29
CA ALA D 205 11.84 -1.96 25.55
C ALA D 205 10.83 -2.67 24.66
N LEU D 206 11.23 -3.84 24.17
CA LEU D 206 10.44 -4.60 23.22
C LEU D 206 10.37 -6.06 23.68
N THR D 207 9.17 -6.54 24.02
CA THR D 207 9.03 -7.94 24.41
C THR D 207 8.72 -8.77 23.18
N LEU D 208 9.37 -9.95 23.07
CA LEU D 208 9.28 -10.81 21.90
C LEU D 208 8.62 -12.15 22.20
N GLY D 209 7.76 -12.19 23.22
CA GLY D 209 7.04 -13.40 23.54
C GLY D 209 7.92 -14.50 24.09
N ASP D 210 7.96 -15.65 23.41
CA ASP D 210 8.79 -16.77 23.82
C ASP D 210 10.20 -16.66 23.28
N GLN D 211 10.63 -15.47 22.88
CA GLN D 211 12.01 -15.22 22.50
C GLN D 211 12.71 -14.28 23.47
N GLY D 212 12.05 -13.95 24.58
CA GLY D 212 12.60 -13.00 25.55
C GLY D 212 12.24 -11.57 25.22
N ALA D 213 13.19 -10.66 25.40
CA ALA D 213 12.92 -9.23 25.25
C ALA D 213 14.21 -8.51 24.88
N VAL D 214 14.07 -7.41 24.14
CA VAL D 214 15.21 -6.54 23.86
C VAL D 214 14.86 -5.12 24.32
N ALA D 215 15.86 -4.26 24.35
CA ALA D 215 15.67 -2.86 24.70
C ALA D 215 16.80 -2.04 24.05
N PHE D 216 16.51 -0.75 23.85
CA PHE D 216 17.43 0.15 23.18
C PHE D 216 17.54 1.43 23.98
N CYS D 217 18.77 1.95 24.06
CA CYS D 217 19.07 3.25 24.64
C CYS D 217 20.19 3.87 23.81
N ALA D 218 20.56 5.11 24.11
CA ALA D 218 21.63 5.74 23.35
C ALA D 218 22.90 4.87 23.37
N ALA D 219 23.27 4.36 24.54
CA ALA D 219 24.50 3.58 24.69
C ALA D 219 24.52 2.29 23.87
N GLY D 220 23.36 1.75 23.45
CA GLY D 220 23.35 0.53 22.69
C GLY D 220 22.19 -0.40 23.01
N PRO D 221 22.16 -1.57 22.37
CA PRO D 221 21.08 -2.54 22.61
C PRO D 221 21.37 -3.46 23.78
N ALA D 222 20.30 -3.96 24.39
CA ALA D 222 20.37 -4.96 25.45
C ALA D 222 19.35 -6.04 25.17
N SER D 223 19.57 -7.23 25.71
CA SER D 223 18.63 -8.30 25.47
C SER D 223 18.63 -9.28 26.63
N VAL D 224 17.57 -10.08 26.69
CA VAL D 224 17.41 -11.10 27.72
C VAL D 224 16.71 -12.28 27.06
N PRO D 225 17.18 -13.52 27.31
CA PRO D 225 16.56 -14.69 26.63
C PRO D 225 15.19 -15.01 27.19
N ALA D 226 14.49 -15.84 26.45
CA ALA D 226 13.16 -16.28 26.86
C ALA D 226 13.23 -17.15 28.10
N GLN D 227 12.19 -17.05 28.92
CA GLN D 227 12.02 -17.94 30.06
C GLN D 227 11.58 -19.32 29.57
N PRO D 228 11.91 -20.38 30.30
CA PRO D 228 11.41 -21.72 29.90
C PRO D 228 9.89 -21.83 29.78
N VAL D 229 9.13 -21.21 30.68
CA VAL D 229 7.66 -21.28 30.60
C VAL D 229 7.12 -20.39 29.48
N VAL D 232 -1.64 -17.94 28.49
CA VAL D 232 -0.52 -17.64 29.44
C VAL D 232 -0.83 -16.33 30.17
N ASP D 233 -1.92 -15.65 29.80
CA ASP D 233 -2.25 -14.29 30.28
C ASP D 233 -1.08 -13.39 29.95
N THR D 234 -0.84 -13.22 28.65
CA THR D 234 0.24 -12.40 28.08
C THR D 234 0.03 -10.92 28.44
N VAL D 235 -1.20 -10.45 28.42
CA VAL D 235 -1.41 -9.04 28.79
C VAL D 235 -0.99 -8.91 30.24
N GLY D 236 -1.51 -9.82 31.07
CA GLY D 236 -1.17 -9.80 32.48
C GLY D 236 0.32 -9.93 32.74
N ALA D 237 0.99 -10.82 32.02
CA ALA D 237 2.43 -10.95 32.15
C ALA D 237 3.16 -9.70 31.65
N GLY D 238 2.68 -9.09 30.56
CA GLY D 238 3.30 -7.87 30.11
C GLY D 238 3.18 -6.72 31.09
N ASP D 239 2.08 -6.66 31.84
CA ASP D 239 1.93 -5.59 32.82
C ASP D 239 2.89 -5.77 33.99
N ALA D 240 3.07 -7.02 34.45
CA ALA D 240 4.08 -7.28 35.49
C ALA D 240 5.49 -7.01 34.98
N PHE D 241 5.76 -7.32 33.71
CA PHE D 241 7.03 -6.90 33.11
C PHE D 241 7.22 -5.39 33.22
N MET D 242 6.20 -4.61 32.84
CA MET D 242 6.25 -3.16 32.94
C MET D 242 6.49 -2.71 34.37
N ALA D 243 5.71 -3.28 35.32
CA ALA D 243 5.87 -2.91 36.72
C ALA D 243 7.29 -3.20 37.19
N GLY D 244 7.86 -4.32 36.76
CA GLY D 244 9.19 -4.65 37.22
C GLY D 244 10.26 -3.81 36.58
N LEU D 245 10.08 -3.45 35.30
CA LEU D 245 10.99 -2.52 34.64
C LEU D 245 11.00 -1.17 35.36
N LEU D 246 9.82 -0.63 35.68
CA LEU D 246 9.75 0.67 36.34
C LEU D 246 10.31 0.62 37.76
N ASP D 247 9.93 -0.40 38.52
CA ASP D 247 10.47 -0.57 39.87
C ASP D 247 11.99 -0.67 39.88
N THR D 248 12.59 -1.37 38.92
CA THR D 248 14.04 -1.53 38.98
C THR D 248 14.78 -0.27 38.52
N LEU D 249 14.23 0.48 37.56
CA LEU D 249 14.82 1.79 37.22
C LEU D 249 14.66 2.79 38.35
N TRP D 250 13.56 2.70 39.09
CA TRP D 250 13.38 3.46 40.30
C TRP D 250 14.49 3.14 41.30
N GLU D 251 14.68 1.84 41.60
CA GLU D 251 15.78 1.35 42.43
C GLU D 251 17.13 1.89 41.96
N GLN D 252 17.40 1.85 40.66
CA GLN D 252 18.67 2.36 40.15
C GLN D 252 18.78 3.88 40.23
N GLY D 253 17.79 4.57 40.79
CA GLY D 253 17.85 6.02 40.93
C GLY D 253 17.74 6.80 39.63
N LEU D 254 17.00 6.29 38.65
CA LEU D 254 16.92 6.95 37.35
C LEU D 254 15.59 7.64 37.10
N LEU D 255 14.65 7.58 38.03
CA LEU D 255 13.33 8.20 37.82
C LEU D 255 13.31 9.60 38.44
N GLY D 256 12.40 10.42 37.93
CA GLY D 256 12.29 11.82 38.30
C GLY D 256 12.89 12.68 37.23
N ALA D 257 12.31 13.85 36.96
CA ALA D 257 12.89 14.76 35.98
C ALA D 257 14.34 15.07 36.32
N ASP D 258 14.66 15.17 37.62
CA ASP D 258 16.03 15.45 38.05
C ASP D 258 17.00 14.40 37.52
N ARG D 259 16.53 13.18 37.27
CA ARG D 259 17.39 12.10 36.81
C ARG D 259 17.26 11.86 35.32
N ARG D 260 16.55 12.71 34.59
CA ARG D 260 16.23 12.39 33.19
C ARG D 260 17.48 12.26 32.34
N THR D 261 18.49 13.13 32.57
CA THR D 261 19.70 13.03 31.76
C THR D 261 20.50 11.78 32.12
N GLU D 262 20.49 11.39 33.38
CA GLU D 262 21.11 10.13 33.75
C GLU D 262 20.35 8.95 33.15
N LEU D 263 19.01 9.02 33.10
CA LEU D 263 18.23 7.94 32.48
C LEU D 263 18.54 7.81 31.00
N ARG D 264 18.70 8.94 30.30
CA ARG D 264 19.07 8.85 28.90
C ARG D 264 20.48 8.29 28.73
N LYS D 265 21.33 8.45 29.74
CA LYS D 265 22.71 7.98 29.69
C LYS D 265 22.88 6.58 30.26
N ILE D 266 21.78 5.90 30.60
CA ILE D 266 21.88 4.56 31.16
C ILE D 266 22.83 3.71 30.31
N GLY D 267 23.64 2.91 30.98
CA GLY D 267 24.56 2.03 30.28
C GLY D 267 23.90 0.74 29.84
N VAL D 268 24.52 0.10 28.85
CA VAL D 268 24.02 -1.17 28.35
C VAL D 268 23.95 -2.19 29.47
N SER D 269 24.91 -2.14 30.39
CA SER D 269 24.92 -3.07 31.51
C SER D 269 23.74 -2.82 32.45
N ALA D 270 23.53 -1.55 32.82
CA ALA D 270 22.40 -1.20 33.68
C ALA D 270 21.07 -1.48 32.99
N LEU D 271 21.02 -1.34 31.67
CA LEU D 271 19.78 -1.60 30.95
C LEU D 271 19.50 -3.10 30.88
N THR D 272 20.55 -3.91 30.67
CA THR D 272 20.40 -5.36 30.64
C THR D 272 19.88 -5.87 31.98
N SER D 273 20.34 -5.29 33.08
CA SER D 273 19.89 -5.76 34.40
C SER D 273 18.44 -5.38 34.65
N ALA D 274 18.06 -4.17 34.23
CA ALA D 274 16.65 -3.77 34.30
C ALA D 274 15.77 -4.75 33.54
N LEU D 275 16.21 -5.20 32.35
CA LEU D 275 15.42 -6.13 31.57
C LEU D 275 15.33 -7.50 32.23
N GLU D 276 16.44 -8.01 32.76
CA GLU D 276 16.39 -9.29 33.49
C GLU D 276 15.43 -9.20 34.65
N VAL D 277 15.52 -8.13 35.44
CA VAL D 277 14.63 -7.98 36.58
C VAL D 277 13.18 -7.91 36.12
N ALA D 278 12.93 -7.15 35.03
CA ALA D 278 11.59 -7.10 34.44
C ALA D 278 11.13 -8.47 33.98
N ALA D 279 11.98 -9.21 33.25
CA ALA D 279 11.63 -10.54 32.78
C ALA D 279 11.35 -11.49 33.94
N LEU D 280 12.23 -11.50 34.94
CA LEU D 280 12.01 -12.40 36.08
C LEU D 280 10.76 -11.99 36.86
N THR D 281 10.51 -10.68 37.01
CA THR D 281 9.29 -10.24 37.70
C THR D 281 8.04 -10.76 37.01
N SER D 282 8.03 -10.68 35.68
CA SER D 282 6.91 -11.17 34.91
C SER D 282 6.76 -12.69 35.08
N ALA D 283 7.85 -13.45 34.86
CA ALA D 283 7.78 -14.89 35.04
C ALA D 283 7.32 -15.27 36.46
N LEU D 284 7.90 -14.62 37.47
CA LEU D 284 7.51 -14.95 38.84
C LEU D 284 6.04 -14.64 39.07
N THR D 285 5.55 -13.55 38.47
CA THR D 285 4.13 -13.22 38.60
C THR D 285 3.26 -14.30 37.98
N VAL D 286 3.68 -14.85 36.84
CA VAL D 286 2.95 -15.93 36.21
C VAL D 286 3.01 -17.20 37.08
N ALA D 287 4.22 -17.62 37.45
CA ALA D 287 4.40 -18.83 38.24
C ALA D 287 3.60 -18.81 39.53
N ARG D 288 3.52 -17.65 40.20
CA ARG D 288 2.74 -17.58 41.44
C ARG D 288 1.25 -17.66 41.18
N ALA D 289 0.81 -17.36 39.96
CA ALA D 289 -0.58 -17.61 39.56
C ALA D 289 -0.82 -19.08 39.28
N GLY D 290 0.23 -19.84 38.97
CA GLY D 290 0.08 -21.28 38.81
C GLY D 290 -0.57 -21.94 40.01
N ALA D 291 -0.07 -21.64 41.20
CA ALA D 291 -0.73 -22.06 42.44
C ALA D 291 -1.38 -20.88 43.17
N ALA E 2 -12.99 -33.87 -1.04
CA ALA E 2 -12.24 -32.65 -1.35
C ALA E 2 -10.76 -32.97 -1.58
N ARG E 3 -10.30 -32.67 -2.78
CA ARG E 3 -9.00 -33.10 -3.25
C ARG E 3 -8.08 -31.88 -3.37
N GLY E 4 -6.81 -32.08 -3.02
CA GLY E 4 -5.79 -31.18 -3.46
C GLY E 4 -5.26 -31.60 -4.81
N LEU E 5 -4.70 -30.63 -5.52
CA LEU E 5 -4.00 -30.87 -6.78
C LEU E 5 -2.60 -30.26 -6.68
N VAL E 6 -1.59 -31.09 -6.84
CA VAL E 6 -0.21 -30.61 -6.90
C VAL E 6 0.21 -30.63 -8.36
N ILE E 7 0.93 -29.58 -8.78
CA ILE E 7 1.45 -29.47 -10.14
C ILE E 7 2.93 -29.21 -10.05
N GLY E 8 3.74 -30.14 -10.52
CA GLY E 8 5.17 -29.89 -10.49
C GLY E 8 5.96 -31.10 -10.94
N GLU E 9 7.27 -30.98 -10.85
CA GLU E 9 8.17 -31.96 -11.42
C GLU E 9 8.27 -33.19 -10.52
N ALA E 10 8.31 -34.36 -11.17
CA ALA E 10 8.77 -35.59 -10.55
C ALA E 10 9.99 -36.07 -11.30
N LEU E 11 11.07 -36.38 -10.58
CA LEU E 11 12.34 -36.71 -11.20
C LEU E 11 12.99 -37.83 -10.40
N ILE E 12 14.20 -38.21 -10.80
CA ILE E 12 15.02 -39.14 -10.04
C ILE E 12 16.32 -38.45 -9.69
N ASP E 13 16.63 -38.43 -8.39
CA ASP E 13 17.92 -37.95 -7.91
C ASP E 13 18.94 -39.08 -8.00
N ILE E 14 20.04 -38.82 -8.70
CA ILE E 14 21.16 -39.75 -8.81
C ILE E 14 22.30 -39.20 -7.97
N VAL E 15 22.76 -39.99 -7.00
CA VAL E 15 23.84 -39.57 -6.09
C VAL E 15 25.17 -39.47 -6.85
N ASP E 16 26.13 -38.79 -6.22
CA ASP E 16 27.47 -38.71 -6.76
C ASP E 16 28.29 -39.92 -6.30
N GLY E 17 28.92 -40.61 -7.25
CA GLY E 17 29.72 -41.79 -6.97
C GLY E 17 30.17 -42.54 -8.20
N ASP E 19 29.09 -46.37 -9.02
CA ASP E 19 27.79 -47.04 -9.00
C ASP E 19 26.83 -46.31 -8.06
N PRO E 20 26.24 -45.21 -8.55
CA PRO E 20 25.41 -44.36 -7.68
C PRO E 20 23.95 -44.76 -7.66
N ALA E 21 23.36 -44.66 -6.48
CA ALA E 21 21.97 -45.03 -6.30
C ALA E 21 21.03 -43.95 -6.87
N GLU E 22 19.77 -44.33 -7.02
CA GLU E 22 18.73 -43.46 -7.56
C GLU E 22 17.53 -43.46 -6.63
N TYR E 23 16.90 -42.30 -6.47
CA TYR E 23 15.74 -42.17 -5.60
C TYR E 23 14.66 -41.34 -6.30
N VAL E 24 13.41 -41.70 -6.04
CA VAL E 24 12.28 -40.92 -6.55
C VAL E 24 12.19 -39.60 -5.77
N GLY E 25 12.12 -38.50 -6.50
CA GLY E 25 12.12 -37.17 -5.89
C GLY E 25 11.42 -36.14 -6.76
N GLY E 26 11.82 -34.88 -6.60
CA GLY E 26 11.04 -33.77 -7.10
C GLY E 26 10.26 -33.13 -5.98
N SER E 27 10.50 -31.83 -5.75
CA SER E 27 9.89 -31.13 -4.62
C SER E 27 8.36 -31.14 -4.66
N PRO E 28 7.68 -30.85 -5.77
CA PRO E 28 6.22 -30.96 -5.74
C PRO E 28 5.75 -32.40 -5.57
N LEU E 29 6.44 -33.37 -6.19
CA LEU E 29 6.16 -34.77 -5.89
C LEU E 29 6.15 -35.02 -4.39
N ASN E 30 7.21 -34.59 -3.70
CA ASN E 30 7.31 -34.80 -2.26
C ASN E 30 6.16 -34.16 -1.51
N VAL E 31 5.69 -33.00 -1.97
CA VAL E 31 4.59 -32.38 -1.24
C VAL E 31 3.33 -33.21 -1.41
N ALA E 32 3.08 -33.70 -2.64
CA ALA E 32 1.90 -34.53 -2.87
C ALA E 32 1.97 -35.82 -2.05
N VAL E 33 3.11 -36.52 -2.11
CA VAL E 33 3.28 -37.72 -1.30
C VAL E 33 3.08 -37.39 0.17
N GLY E 34 3.69 -36.29 0.63
CA GLY E 34 3.55 -35.90 2.02
C GLY E 34 2.11 -35.67 2.43
N LEU E 35 1.34 -34.95 1.60
CA LEU E 35 -0.05 -34.71 1.94
C LEU E 35 -0.84 -36.02 1.97
N ALA E 36 -0.58 -36.91 1.00
CA ALA E 36 -1.25 -38.22 1.01
C ALA E 36 -0.97 -38.96 2.31
N ARG E 37 0.31 -39.06 2.70
CA ARG E 37 0.68 -39.79 3.91
C ARG E 37 0.05 -39.20 5.16
N LEU E 38 -0.44 -37.97 5.10
CA LEU E 38 -1.14 -37.36 6.22
C LEU E 38 -2.65 -37.54 6.10
N GLY E 39 -3.11 -38.27 5.09
CA GLY E 39 -4.50 -38.66 4.97
C GLY E 39 -5.32 -37.87 3.99
N ARG E 40 -4.73 -36.93 3.23
CA ARG E 40 -5.50 -36.15 2.27
C ARG E 40 -5.55 -36.84 0.92
N ASP E 41 -6.65 -36.61 0.20
CA ASP E 41 -6.77 -37.04 -1.19
C ASP E 41 -6.05 -36.04 -2.10
N VAL E 42 -5.08 -36.53 -2.88
CA VAL E 42 -4.22 -35.67 -3.68
C VAL E 42 -4.12 -36.21 -5.09
N ASP E 43 -4.25 -35.33 -6.08
CA ASP E 43 -3.89 -35.58 -7.46
C ASP E 43 -2.57 -34.89 -7.78
N LEU E 44 -1.74 -35.53 -8.60
CA LEU E 44 -0.46 -34.98 -9.01
C LEU E 44 -0.39 -34.93 -10.52
N LEU E 45 -0.24 -33.73 -11.06
CA LEU E 45 0.02 -33.52 -12.48
C LEU E 45 1.51 -33.27 -12.67
N THR E 46 2.14 -34.07 -13.51
CA THR E 46 3.60 -34.02 -13.60
C THR E 46 4.02 -34.32 -15.03
N HIS E 47 5.28 -34.67 -15.23
CA HIS E 47 5.85 -34.87 -16.57
C HIS E 47 6.94 -35.93 -16.44
N ILE E 48 6.58 -37.19 -16.71
CA ILE E 48 7.51 -38.30 -16.57
C ILE E 48 7.43 -39.16 -17.81
N GLY E 49 8.49 -39.94 -18.05
CA GLY E 49 8.53 -40.81 -19.20
C GLY E 49 7.86 -42.14 -18.95
N ARG E 50 7.65 -42.89 -20.04
CA ARG E 50 7.26 -44.28 -19.95
C ARG E 50 8.47 -45.22 -19.92
N ASP E 51 9.66 -44.69 -19.65
CA ASP E 51 10.86 -45.51 -19.48
C ASP E 51 10.81 -46.17 -18.10
N ALA E 52 11.89 -46.85 -17.72
CA ALA E 52 11.89 -47.61 -16.46
C ALA E 52 11.92 -46.67 -15.27
N ARG E 53 12.60 -45.53 -15.40
CA ARG E 53 12.60 -44.55 -14.33
C ARG E 53 11.21 -43.96 -14.12
N GLY E 54 10.45 -43.76 -15.20
CA GLY E 54 9.09 -43.25 -15.06
C GLY E 54 8.14 -44.27 -14.47
N ARG E 55 8.34 -45.55 -14.80
CA ARG E 55 7.56 -46.59 -14.14
C ARG E 55 7.87 -46.67 -12.66
N ARG E 56 9.10 -46.35 -12.26
CA ARG E 56 9.43 -46.36 -10.84
C ARG E 56 8.76 -45.20 -10.11
N ILE E 57 8.79 -43.99 -10.68
CA ILE E 57 8.06 -42.87 -10.11
C ILE E 57 6.58 -43.20 -9.98
N ALA E 58 5.97 -43.68 -11.07
CA ALA E 58 4.55 -44.01 -11.06
C ALA E 58 4.21 -45.00 -9.97
N GLU E 59 5.03 -46.04 -9.79
CA GLU E 59 4.80 -47.00 -8.72
C GLU E 59 4.89 -46.32 -7.36
N TYR E 60 5.93 -45.50 -7.17
CA TYR E 60 6.07 -44.73 -5.93
C TYR E 60 4.82 -43.88 -5.68
N ILE E 61 4.36 -43.14 -6.70
CA ILE E 61 3.13 -42.36 -6.57
C ILE E 61 1.97 -43.26 -6.16
N GLU E 62 1.82 -44.38 -6.88
CA GLU E 62 0.74 -45.31 -6.60
C GLU E 62 0.83 -45.83 -5.15
N SER E 63 2.02 -46.26 -4.73
CA SER E 63 2.16 -46.78 -3.38
C SER E 63 1.82 -45.75 -2.32
N SER E 64 2.07 -44.47 -2.62
CA SER E 64 1.97 -43.43 -1.62
C SER E 64 0.56 -42.93 -1.40
N GLY E 65 -0.42 -43.36 -2.22
CA GLY E 65 -1.76 -42.87 -2.11
C GLY E 65 -2.12 -41.72 -3.02
N VAL E 66 -1.22 -41.30 -3.90
CA VAL E 66 -1.45 -40.15 -4.75
C VAL E 66 -2.04 -40.61 -6.07
N GLN E 67 -3.10 -39.94 -6.53
CA GLN E 67 -3.65 -40.23 -7.84
C GLN E 67 -2.89 -39.45 -8.90
N LEU E 68 -2.27 -40.16 -9.84
CA LEU E 68 -1.57 -39.51 -10.95
C LEU E 68 -2.59 -38.96 -11.94
N VAL E 69 -2.34 -37.73 -12.42
CA VAL E 69 -3.30 -37.03 -13.27
C VAL E 69 -3.03 -37.35 -14.73
N SER E 70 -4.10 -37.64 -15.48
CA SER E 70 -3.98 -38.03 -16.87
C SER E 70 -3.15 -37.03 -17.65
N GLY E 71 -2.33 -37.56 -18.55
CA GLY E 71 -1.44 -36.74 -19.40
C GLY E 71 -0.15 -36.40 -18.68
N SER E 72 0.26 -37.22 -17.71
CA SER E 72 1.52 -36.95 -16.96
C SER E 72 2.68 -37.79 -17.46
N GLN E 73 2.45 -38.70 -18.40
CA GLN E 73 3.51 -39.64 -18.84
C GLN E 73 3.99 -39.34 -20.27
N THR E 74 3.87 -38.08 -20.69
CA THR E 74 4.21 -37.66 -22.07
C THR E 74 5.69 -37.36 -22.30
N ALA E 75 6.53 -37.28 -21.26
CA ALA E 75 7.91 -36.87 -21.51
C ALA E 75 8.67 -37.86 -22.38
N ASP E 76 9.53 -37.33 -23.25
CA ASP E 76 10.41 -38.17 -24.07
C ASP E 76 11.41 -38.95 -23.24
N ARG E 77 11.53 -38.64 -21.96
CA ARG E 77 12.49 -39.22 -21.03
C ARG E 77 12.14 -38.72 -19.64
N THR E 78 12.32 -39.57 -18.63
CA THR E 78 12.05 -39.15 -17.27
C THR E 78 13.17 -38.24 -16.75
N PRO E 79 12.85 -37.08 -16.17
CA PRO E 79 13.89 -36.11 -15.78
C PRO E 79 14.78 -36.62 -14.64
N THR E 80 16.02 -36.11 -14.60
CA THR E 80 16.99 -36.53 -13.61
C THR E 80 17.77 -35.35 -13.07
N ALA E 81 18.11 -35.43 -11.78
CA ALA E 81 19.07 -34.53 -11.15
C ALA E 81 20.19 -35.35 -10.54
N THR E 82 21.44 -34.97 -10.82
CA THR E 82 22.61 -35.73 -10.38
C THR E 82 23.62 -34.83 -9.68
N ALA E 83 24.22 -35.35 -8.60
CA ALA E 83 25.12 -34.56 -7.76
C ALA E 83 26.56 -34.50 -8.27
N THR E 92 25.78 -29.16 -5.20
CA THR E 92 25.35 -28.74 -6.54
C THR E 92 24.79 -29.92 -7.32
N TYR E 93 23.89 -29.64 -8.27
CA TYR E 93 23.17 -30.69 -8.99
C TYR E 93 23.09 -30.34 -10.47
N ALA E 94 23.03 -31.38 -11.31
CA ALA E 94 22.93 -31.21 -12.75
C ALA E 94 21.69 -31.92 -13.28
N PHE E 95 20.91 -31.21 -14.10
CA PHE E 95 19.58 -31.63 -14.51
C PHE E 95 19.56 -32.04 -15.98
N ASP E 96 18.92 -33.16 -16.27
CA ASP E 96 18.51 -33.51 -17.62
C ASP E 96 16.98 -33.52 -17.57
N LEU E 97 16.38 -32.37 -17.83
CA LEU E 97 15.00 -32.15 -17.44
C LEU E 97 14.24 -31.39 -18.50
N GLU E 98 13.05 -31.89 -18.85
CA GLU E 98 12.05 -31.18 -19.62
C GLU E 98 10.79 -31.05 -18.80
N TRP E 99 10.19 -29.86 -18.80
CA TRP E 99 8.96 -29.58 -18.05
C TRP E 99 7.94 -28.98 -19.04
N GLN E 100 6.99 -29.82 -19.46
CA GLN E 100 5.93 -29.43 -20.37
C GLN E 100 4.66 -30.15 -19.96
N ILE E 101 3.57 -29.41 -19.82
CA ILE E 101 2.31 -29.98 -19.32
C ILE E 101 1.14 -29.34 -20.04
N PRO E 102 0.06 -30.10 -20.21
CA PRO E 102 -1.19 -29.53 -20.74
C PRO E 102 -1.65 -28.30 -19.95
N ASP E 103 -2.00 -27.24 -20.67
CA ASP E 103 -2.61 -26.07 -20.04
C ASP E 103 -4.12 -26.21 -19.87
N THR E 104 -4.70 -27.35 -20.23
CA THR E 104 -6.12 -27.54 -20.12
C THR E 104 -6.47 -28.10 -18.74
N PRO E 105 -7.44 -27.53 -18.04
CA PRO E 105 -7.78 -27.99 -16.67
C PRO E 105 -8.18 -29.47 -16.68
N PRO E 106 -7.37 -30.33 -16.06
CA PRO E 106 -7.60 -31.79 -16.15
C PRO E 106 -8.41 -32.41 -15.03
N VAL E 107 -8.78 -31.66 -14.00
CA VAL E 107 -9.52 -32.22 -12.88
C VAL E 107 -10.59 -31.24 -12.43
N THR E 108 -11.66 -31.78 -11.85
CA THR E 108 -12.68 -30.96 -11.23
C THR E 108 -12.01 -29.99 -10.26
N PRO E 109 -12.46 -28.73 -10.20
CA PRO E 109 -11.74 -27.72 -9.40
C PRO E 109 -11.46 -28.20 -8.00
N PRO E 110 -10.20 -28.15 -7.57
CA PRO E 110 -9.82 -28.70 -6.27
C PRO E 110 -10.02 -27.69 -5.16
N LEU E 111 -9.84 -28.17 -3.93
CA LEU E 111 -9.83 -27.30 -2.77
C LEU E 111 -8.54 -26.52 -2.66
N LEU E 112 -7.45 -27.06 -3.19
CA LEU E 112 -6.11 -26.50 -3.04
C LEU E 112 -5.30 -26.87 -4.28
N VAL E 113 -4.59 -25.90 -4.83
CA VAL E 113 -3.66 -26.15 -5.91
C VAL E 113 -2.29 -25.64 -5.48
N HIS E 114 -1.29 -26.49 -5.56
CA HIS E 114 0.04 -26.19 -5.08
C HIS E 114 1.02 -26.40 -6.20
N THR E 115 1.99 -25.50 -6.32
CA THR E 115 3.07 -25.71 -7.26
C THR E 115 4.33 -25.09 -6.67
N GLY E 116 5.44 -25.24 -7.38
CA GLY E 116 6.65 -24.57 -6.97
C GLY E 116 7.87 -25.09 -7.71
N SER E 117 9.04 -24.72 -7.20
CA SER E 117 10.31 -25.30 -7.60
C SER E 117 10.44 -25.17 -9.12
N ILE E 118 10.80 -26.22 -9.85
CA ILE E 118 11.19 -26.07 -11.24
C ILE E 118 9.96 -25.88 -12.12
N ALA E 119 8.86 -26.53 -11.77
CA ALA E 119 7.63 -26.37 -12.52
C ALA E 119 7.19 -24.91 -12.60
N ALA E 120 7.61 -24.08 -11.64
CA ALA E 120 7.17 -22.68 -11.59
C ALA E 120 7.92 -21.80 -12.58
N ALA E 121 9.19 -22.09 -12.84
CA ALA E 121 10.12 -21.15 -13.47
C ALA E 121 10.68 -21.63 -14.81
N ARG E 122 10.33 -22.84 -15.24
CA ARG E 122 10.95 -23.46 -16.42
C ARG E 122 9.93 -23.61 -17.54
N GLU E 123 10.29 -23.07 -18.73
CA GLU E 123 9.59 -23.15 -20.00
C GLU E 123 9.61 -24.58 -20.56
N PRO E 124 8.54 -25.01 -21.25
CA PRO E 124 7.28 -24.30 -21.47
C PRO E 124 6.24 -24.47 -20.37
N GLY E 125 6.36 -25.55 -19.58
CA GLY E 125 5.32 -25.91 -18.62
C GLY E 125 5.00 -24.84 -17.61
N CYS E 126 5.92 -23.92 -17.35
CA CYS E 126 5.61 -22.87 -16.38
C CYS E 126 4.51 -21.94 -16.88
N LEU E 127 4.43 -21.72 -18.19
CA LEU E 127 3.31 -20.93 -18.73
C LEU E 127 1.99 -21.62 -18.45
N ALA E 128 1.96 -22.96 -18.58
CA ALA E 128 0.75 -23.71 -18.32
C ALA E 128 0.40 -23.70 -16.84
N VAL E 129 1.41 -23.72 -15.97
CA VAL E 129 1.17 -23.69 -14.53
C VAL E 129 0.44 -22.41 -14.16
N ALA E 130 0.91 -21.27 -14.69
CA ALA E 130 0.26 -20.00 -14.41
C ALA E 130 -1.18 -20.01 -14.94
N ALA E 131 -1.40 -20.61 -16.11
CA ALA E 131 -2.76 -20.71 -16.64
C ALA E 131 -3.64 -21.56 -15.73
N LEU E 132 -3.16 -22.74 -15.34
CA LEU E 132 -3.98 -23.61 -14.50
C LEU E 132 -4.27 -22.96 -13.15
N LEU E 133 -3.27 -22.29 -12.57
CA LEU E 133 -3.53 -21.55 -11.33
C LEU E 133 -4.60 -20.48 -11.54
N ASP E 134 -4.55 -19.78 -12.67
CA ASP E 134 -5.59 -18.81 -12.97
C ASP E 134 -6.94 -19.48 -13.20
N ALA E 135 -6.95 -20.66 -13.83
CA ALA E 135 -8.22 -21.35 -14.07
C ALA E 135 -8.87 -21.83 -12.78
N TYR E 136 -8.09 -22.13 -11.73
CA TYR E 136 -8.59 -22.83 -10.53
C TYR E 136 -8.72 -21.94 -9.31
N ARG E 137 -8.32 -20.67 -9.41
CA ARG E 137 -8.16 -19.83 -8.23
C ARG E 137 -9.50 -19.42 -7.64
N ALA E 138 -10.53 -19.33 -8.47
CA ALA E 138 -11.86 -18.98 -7.97
C ALA E 138 -12.45 -20.09 -7.11
N ALA E 139 -11.95 -21.31 -7.24
CA ALA E 139 -12.37 -22.42 -6.41
C ALA E 139 -11.33 -22.86 -5.38
N ALA E 140 -10.04 -22.76 -5.71
CA ALA E 140 -9.00 -23.38 -4.91
C ALA E 140 -8.10 -22.35 -4.23
N THR E 141 -7.68 -22.65 -3.01
CA THR E 141 -6.48 -22.01 -2.47
C THR E 141 -5.30 -22.27 -3.38
N VAL E 142 -4.41 -21.28 -3.51
CA VAL E 142 -3.17 -21.42 -4.24
C VAL E 142 -2.03 -21.38 -3.23
N SER E 143 -1.15 -22.37 -3.28
CA SER E 143 0.03 -22.36 -2.43
C SER E 143 1.26 -22.58 -3.30
N PHE E 144 2.39 -22.07 -2.80
CA PHE E 144 3.60 -22.06 -3.65
C PHE E 144 4.88 -22.03 -2.80
N ASP E 145 5.85 -22.83 -3.21
CA ASP E 145 7.19 -22.88 -2.59
C ASP E 145 8.19 -22.63 -3.71
N PRO E 146 8.96 -21.52 -3.71
CA PRO E 146 9.88 -21.25 -4.79
C PRO E 146 10.95 -22.34 -4.86
N ASN E 147 11.53 -22.75 -3.73
CA ASN E 147 12.51 -23.86 -3.64
C ASN E 147 13.54 -23.72 -4.76
N VAL E 148 14.23 -22.59 -4.82
CA VAL E 148 15.10 -22.30 -5.98
C VAL E 148 16.15 -23.38 -6.20
N ARG E 149 16.33 -23.75 -7.46
CA ARG E 149 17.34 -24.73 -7.92
C ARG E 149 18.11 -24.00 -9.00
N PRO E 150 19.00 -23.07 -8.64
CA PRO E 150 19.73 -22.27 -9.62
C PRO E 150 20.63 -23.09 -10.54
N SER E 151 21.17 -24.22 -10.05
CA SER E 151 22.05 -25.04 -10.87
C SER E 151 21.44 -25.35 -12.24
N LEU E 152 20.11 -25.41 -12.32
CA LEU E 152 19.41 -25.57 -13.59
C LEU E 152 19.57 -24.30 -14.41
N SER E 153 20.37 -24.37 -15.48
CA SER E 153 20.81 -23.16 -16.19
C SER E 153 19.61 -22.43 -16.79
N ALA E 154 19.50 -21.14 -16.47
CA ALA E 154 18.38 -20.32 -16.89
C ALA E 154 18.74 -18.86 -16.69
N ASP E 155 18.08 -18.00 -17.47
CA ASP E 155 18.24 -16.56 -17.28
C ASP E 155 17.76 -16.19 -15.89
N PRO E 156 18.65 -15.74 -15.00
CA PRO E 156 18.24 -15.47 -13.62
C PRO E 156 17.16 -14.41 -13.48
N ASP E 157 17.05 -13.48 -14.44
CA ASP E 157 16.01 -12.46 -14.29
C ASP E 157 14.68 -12.95 -14.79
N LEU E 158 14.66 -13.79 -15.83
CA LEU E 158 13.42 -14.43 -16.22
C LEU E 158 12.90 -15.33 -15.10
N THR E 159 13.81 -16.06 -14.44
CA THR E 159 13.42 -16.90 -13.31
C THR E 159 12.81 -16.07 -12.20
N ARG E 160 13.44 -14.93 -11.86
CA ARG E 160 12.89 -14.05 -10.85
C ARG E 160 11.49 -13.55 -11.23
N GLU E 161 11.31 -13.15 -12.49
CA GLU E 161 10.02 -12.66 -12.95
C GLU E 161 8.93 -13.72 -12.77
N ARG E 162 9.22 -14.96 -13.16
CA ARG E 162 8.20 -16.01 -13.06
C ARG E 162 7.91 -16.40 -11.62
N ILE E 163 8.90 -16.33 -10.72
CA ILE E 163 8.58 -16.49 -9.31
C ILE E 163 7.63 -15.39 -8.85
N GLN E 164 7.90 -14.14 -9.26
CA GLN E 164 7.07 -13.03 -8.79
C GLN E 164 5.64 -13.19 -9.26
N ARG E 165 5.44 -13.68 -10.48
CA ARG E 165 4.07 -13.79 -10.97
C ARG E 165 3.30 -14.92 -10.27
N LEU E 166 4.01 -15.87 -9.66
CA LEU E 166 3.31 -16.84 -8.83
C LEU E 166 3.06 -16.27 -7.44
N VAL E 167 3.98 -15.42 -6.95
CA VAL E 167 3.79 -14.80 -5.65
C VAL E 167 2.53 -13.94 -5.66
N GLU E 168 2.28 -13.24 -6.75
CA GLU E 168 1.10 -12.40 -6.87
C GLU E 168 -0.18 -13.23 -6.94
N ARG E 169 -0.09 -14.50 -7.35
CA ARG E 169 -1.26 -15.36 -7.44
C ARG E 169 -1.55 -16.16 -6.19
N SER E 170 -0.67 -16.15 -5.18
CA SER E 170 -0.69 -17.16 -4.12
C SER E 170 -1.46 -16.69 -2.89
N ASP E 171 -2.06 -17.64 -2.21
CA ASP E 171 -2.58 -17.40 -0.86
C ASP E 171 -1.60 -17.82 0.23
N ILE E 172 -0.84 -18.88 -0.03
CA ILE E 172 0.06 -19.43 0.96
C ILE E 172 1.43 -19.58 0.29
N ILE E 173 2.46 -19.00 0.89
CA ILE E 173 3.81 -19.15 0.40
C ILE E 173 4.65 -19.72 1.53
N LYS E 174 5.54 -20.64 1.19
CA LYS E 174 6.63 -20.98 2.09
C LYS E 174 7.94 -20.91 1.34
N ALA E 175 8.96 -20.37 1.99
CA ALA E 175 10.27 -20.28 1.39
C ALA E 175 11.31 -20.49 2.48
N SER E 176 12.53 -20.80 2.04
CA SER E 176 13.69 -20.84 2.93
C SER E 176 14.43 -19.50 2.91
N ALA E 177 15.21 -19.26 3.96
CA ALA E 177 16.12 -18.11 3.95
C ALA E 177 17.03 -18.14 2.72
N GLU E 178 17.50 -19.33 2.33
CA GLU E 178 18.36 -19.43 1.16
C GLU E 178 17.60 -19.12 -0.15
N ASP E 179 16.31 -19.48 -0.24
CA ASP E 179 15.52 -19.07 -1.41
C ASP E 179 15.49 -17.56 -1.55
N LEU E 180 15.18 -16.87 -0.45
CA LEU E 180 14.91 -15.45 -0.54
C LEU E 180 16.20 -14.67 -0.75
N HIS E 181 17.31 -15.17 -0.20
CA HIS E 181 18.62 -14.62 -0.50
C HIS E 181 18.91 -14.69 -1.98
N TRP E 182 18.69 -15.84 -2.60
CA TRP E 182 18.87 -15.90 -4.05
C TRP E 182 17.91 -14.98 -4.78
N ILE E 183 16.70 -14.77 -4.25
CA ILE E 183 15.76 -13.87 -4.89
C ILE E 183 16.25 -12.44 -4.79
N ASP E 184 16.76 -12.06 -3.61
CA ASP E 184 17.19 -10.68 -3.36
C ASP E 184 18.30 -10.67 -2.33
N PRO E 185 19.56 -10.73 -2.77
CA PRO E 185 20.69 -10.76 -1.83
C PRO E 185 20.81 -9.56 -0.90
N THR E 186 20.24 -8.39 -1.25
CA THR E 186 20.55 -7.18 -0.48
C THR E 186 19.75 -7.06 0.82
N GLN E 187 18.65 -7.79 0.94
CA GLN E 187 17.75 -7.58 2.07
C GLN E 187 17.69 -8.81 2.95
N PRO E 188 17.47 -8.65 4.24
CA PRO E 188 17.21 -9.79 5.10
C PRO E 188 16.00 -10.57 4.59
N PRO E 189 16.03 -11.90 4.69
CA PRO E 189 14.89 -12.68 4.18
C PRO E 189 13.56 -12.31 4.81
N GLU E 190 13.55 -12.01 6.11
CA GLU E 190 12.34 -11.49 6.74
C GLU E 190 11.76 -10.31 5.97
N GLN E 191 12.61 -9.49 5.34
CA GLN E 191 12.07 -8.34 4.62
C GLN E 191 11.48 -8.75 3.28
N THR E 192 12.14 -9.65 2.57
CA THR E 192 11.55 -10.14 1.33
C THR E 192 10.22 -10.84 1.60
N ALA E 193 10.10 -11.50 2.77
CA ALA E 193 8.87 -12.23 3.09
C ALA E 193 7.74 -11.26 3.40
N ARG E 194 8.02 -10.22 4.20
CA ARG E 194 7.02 -9.19 4.46
C ARG E 194 6.61 -8.52 3.16
N ALA E 195 7.57 -8.30 2.26
CA ALA E 195 7.25 -7.69 0.98
C ALA E 195 6.40 -8.62 0.13
N TRP E 196 6.67 -9.93 0.18
CA TRP E 196 5.81 -10.86 -0.54
C TRP E 196 4.39 -10.85 0.05
N LEU E 197 4.27 -10.84 1.38
CA LEU E 197 2.95 -10.76 1.99
C LEU E 197 2.15 -9.56 1.46
N ALA E 198 2.84 -8.51 0.99
CA ALA E 198 2.15 -7.33 0.51
C ALA E 198 1.57 -7.50 -0.90
N CYS E 199 1.95 -8.53 -1.64
CA CYS E 199 1.44 -8.69 -3.00
C CYS E 199 0.13 -9.48 -3.07
N GLY E 200 -0.49 -9.82 -1.95
CA GLY E 200 -1.69 -10.64 -1.99
C GLY E 200 -1.76 -11.85 -1.06
N PRO E 201 -0.64 -12.55 -0.79
CA PRO E 201 -0.73 -13.74 0.07
C PRO E 201 -1.39 -13.47 1.41
N ALA E 202 -2.03 -14.52 1.95
CA ALA E 202 -2.51 -14.52 3.33
C ALA E 202 -1.42 -14.90 4.30
N ILE E 203 -0.50 -15.77 3.87
CA ILE E 203 0.52 -16.33 4.74
C ILE E 203 1.79 -16.47 3.93
N VAL E 204 2.91 -15.99 4.48
CA VAL E 204 4.23 -16.18 3.89
C VAL E 204 5.05 -16.78 5.01
N ALA E 205 5.39 -18.06 4.89
CA ALA E 205 6.18 -18.73 5.91
C ALA E 205 7.62 -18.83 5.43
N LEU E 206 8.55 -18.75 6.39
CA LEU E 206 9.98 -18.69 6.12
C LEU E 206 10.68 -19.64 7.08
N THR E 207 11.40 -20.61 6.54
CA THR E 207 12.19 -21.50 7.36
C THR E 207 13.61 -20.96 7.43
N LEU E 208 14.20 -21.06 8.62
CA LEU E 208 15.48 -20.47 8.92
C LEU E 208 16.49 -21.50 9.41
N GLY E 209 16.29 -22.77 9.06
CA GLY E 209 17.28 -23.80 9.36
C GLY E 209 17.40 -24.03 10.87
N ASP E 210 18.65 -23.95 11.36
CA ASP E 210 18.98 -24.12 12.78
C ASP E 210 18.37 -23.05 13.69
N GLN E 211 17.62 -22.09 13.14
CA GLN E 211 16.98 -21.06 13.95
C GLN E 211 15.47 -21.19 14.01
N GLY E 212 14.89 -22.27 13.46
CA GLY E 212 13.44 -22.44 13.46
C GLY E 212 12.74 -21.91 12.21
N ALA E 213 11.52 -21.38 12.38
CA ALA E 213 10.77 -20.85 11.27
C ALA E 213 9.92 -19.68 11.74
N VAL E 214 9.66 -18.74 10.84
CA VAL E 214 8.76 -17.63 11.13
C VAL E 214 7.70 -17.60 10.04
N ALA E 215 6.60 -16.90 10.32
CA ALA E 215 5.62 -16.68 9.26
C ALA E 215 4.92 -15.35 9.46
N PHE E 216 4.36 -14.82 8.38
CA PHE E 216 3.72 -13.51 8.41
C PHE E 216 2.31 -13.60 7.84
N CYS E 217 1.36 -13.00 8.53
CA CYS E 217 0.02 -12.76 8.01
C CYS E 217 -0.38 -11.33 8.34
N ALA E 218 -1.59 -10.95 7.94
CA ALA E 218 -2.06 -9.60 8.24
C ALA E 218 -2.14 -9.35 9.74
N ALA E 219 -2.36 -10.39 10.54
CA ALA E 219 -2.55 -10.20 11.97
C ALA E 219 -1.26 -10.15 12.77
N GLY E 220 -0.11 -10.44 12.17
CA GLY E 220 1.13 -10.45 12.90
C GLY E 220 2.10 -11.54 12.51
N PRO E 221 3.32 -11.47 13.02
CA PRO E 221 4.28 -12.55 12.83
C PRO E 221 4.08 -13.69 13.83
N ALA E 222 4.51 -14.88 13.41
CA ALA E 222 4.53 -16.08 14.24
C ALA E 222 5.90 -16.73 14.14
N SER E 223 6.29 -17.47 15.17
CA SER E 223 7.58 -18.16 15.11
C SER E 223 7.48 -19.48 15.87
N VAL E 224 8.37 -20.40 15.51
CA VAL E 224 8.51 -21.69 16.18
C VAL E 224 10.01 -21.91 16.40
N PRO E 225 10.42 -22.40 17.57
CA PRO E 225 11.85 -22.52 17.85
C PRO E 225 12.50 -23.61 17.00
N ALA E 226 13.83 -23.62 17.08
CA ALA E 226 14.62 -24.65 16.43
C ALA E 226 14.31 -26.02 17.04
N GLN E 227 14.13 -26.99 16.19
CA GLN E 227 13.76 -28.34 16.56
C GLN E 227 15.01 -29.17 16.87
N PRO E 228 15.08 -29.83 18.02
CA PRO E 228 16.21 -30.74 18.29
C PRO E 228 16.14 -31.99 17.41
N VAL E 229 17.13 -32.16 16.54
CA VAL E 229 17.17 -33.29 15.62
C VAL E 229 18.56 -33.89 15.55
N THR E 234 18.10 -34.43 5.64
CA THR E 234 18.33 -33.11 5.07
C THR E 234 17.51 -32.92 3.80
N VAL E 235 17.42 -33.98 2.99
CA VAL E 235 16.77 -33.88 1.68
C VAL E 235 15.26 -34.06 1.85
N GLY E 236 14.50 -33.09 1.33
CA GLY E 236 13.05 -33.13 1.40
C GLY E 236 12.45 -32.67 2.72
N ALA E 237 13.25 -32.22 3.68
CA ALA E 237 12.68 -31.68 4.91
C ALA E 237 11.80 -30.46 4.62
N GLY E 238 12.13 -29.70 3.57
CA GLY E 238 11.37 -28.51 3.27
C GLY E 238 10.02 -28.82 2.66
N ASP E 239 9.98 -29.85 1.83
CA ASP E 239 8.73 -30.31 1.25
C ASP E 239 7.82 -30.92 2.31
N ALA E 240 8.41 -31.63 3.29
CA ALA E 240 7.60 -32.15 4.39
C ALA E 240 7.04 -31.01 5.23
N PHE E 241 7.85 -29.96 5.45
CA PHE E 241 7.33 -28.75 6.13
C PHE E 241 6.13 -28.20 5.39
N MET E 242 6.22 -28.09 4.07
CA MET E 242 5.10 -27.54 3.30
C MET E 242 3.85 -28.41 3.44
N ALA E 243 4.00 -29.74 3.35
CA ALA E 243 2.83 -30.61 3.48
C ALA E 243 2.19 -30.47 4.86
N GLY E 244 3.02 -30.42 5.90
CA GLY E 244 2.47 -30.25 7.24
C GLY E 244 1.78 -28.91 7.45
N LEU E 245 2.26 -27.88 6.75
CA LEU E 245 1.62 -26.57 6.83
C LEU E 245 0.27 -26.60 6.13
N LEU E 246 0.24 -27.08 4.88
CA LEU E 246 -1.04 -27.18 4.18
C LEU E 246 -2.02 -28.11 4.90
N ASP E 247 -1.53 -29.24 5.45
CA ASP E 247 -2.44 -30.18 6.11
C ASP E 247 -3.09 -29.57 7.35
N THR E 248 -2.33 -28.82 8.16
CA THR E 248 -2.95 -28.16 9.31
C THR E 248 -3.94 -27.09 8.88
N LEU E 249 -3.59 -26.31 7.84
CA LEU E 249 -4.51 -25.26 7.40
C LEU E 249 -5.78 -25.88 6.85
N TRP E 250 -5.63 -26.97 6.08
CA TRP E 250 -6.76 -27.82 5.71
C TRP E 250 -7.61 -28.17 6.92
N GLU E 251 -7.01 -28.76 7.95
CA GLU E 251 -7.76 -29.19 9.12
C GLU E 251 -8.40 -28.00 9.86
N GLN E 252 -7.76 -26.84 9.86
CA GLN E 252 -8.35 -25.68 10.53
C GLN E 252 -9.52 -25.11 9.75
N GLY E 253 -9.79 -25.60 8.55
CA GLY E 253 -10.93 -25.14 7.78
C GLY E 253 -10.69 -23.94 6.90
N LEU E 254 -9.45 -23.63 6.56
CA LEU E 254 -9.14 -22.39 5.86
C LEU E 254 -8.83 -22.59 4.38
N LEU E 255 -8.88 -23.81 3.88
CA LEU E 255 -8.59 -24.00 2.47
C LEU E 255 -9.88 -23.96 1.66
N GLY E 256 -9.73 -23.72 0.35
CA GLY E 256 -10.86 -23.48 -0.52
C GLY E 256 -11.15 -21.99 -0.66
N ALA E 257 -11.48 -21.54 -1.89
CA ALA E 257 -11.68 -20.12 -2.12
C ALA E 257 -12.82 -19.57 -1.27
N ASP E 258 -13.82 -20.40 -0.99
CA ASP E 258 -14.91 -20.03 -0.10
C ASP E 258 -14.41 -19.63 1.29
N ARG E 259 -13.19 -20.04 1.66
CA ARG E 259 -12.60 -19.69 2.95
C ARG E 259 -11.40 -18.76 2.81
N ARG E 260 -11.17 -18.22 1.61
CA ARG E 260 -10.03 -17.35 1.39
C ARG E 260 -10.06 -16.13 2.32
N THR E 261 -11.25 -15.55 2.52
CA THR E 261 -11.37 -14.42 3.44
C THR E 261 -11.01 -14.82 4.86
N GLU E 262 -11.42 -16.01 5.29
CA GLU E 262 -11.05 -16.48 6.63
C GLU E 262 -9.56 -16.81 6.71
N LEU E 263 -8.96 -17.26 5.61
CA LEU E 263 -7.54 -17.60 5.64
C LEU E 263 -6.70 -16.35 5.87
N ARG E 264 -7.00 -15.28 5.14
CA ARG E 264 -6.34 -14.00 5.37
C ARG E 264 -6.58 -13.46 6.77
N LYS E 265 -7.71 -13.80 7.39
CA LYS E 265 -7.99 -13.34 8.73
C LYS E 265 -7.36 -14.21 9.80
N ILE E 266 -6.54 -15.20 9.41
CA ILE E 266 -5.95 -16.11 10.37
C ILE E 266 -5.25 -15.34 11.48
N GLY E 267 -5.44 -15.80 12.72
CA GLY E 267 -4.79 -15.17 13.86
C GLY E 267 -3.38 -15.68 14.03
N VAL E 268 -2.61 -14.95 14.85
CA VAL E 268 -1.23 -15.32 15.10
C VAL E 268 -1.16 -16.66 15.81
N SER E 269 -2.13 -16.92 16.69
CA SER E 269 -2.16 -18.16 17.46
C SER E 269 -2.41 -19.38 16.57
N ALA E 270 -3.38 -19.28 15.67
CA ALA E 270 -3.62 -20.34 14.70
C ALA E 270 -2.42 -20.54 13.79
N LEU E 271 -1.87 -19.44 13.24
CA LEU E 271 -0.70 -19.55 12.38
C LEU E 271 0.46 -20.22 13.13
N THR E 272 0.61 -19.89 14.41
CA THR E 272 1.68 -20.46 15.21
C THR E 272 1.51 -21.97 15.34
N SER E 273 0.28 -22.42 15.62
CA SER E 273 -0.04 -23.85 15.62
C SER E 273 0.33 -24.51 14.30
N ALA E 274 -0.05 -23.86 13.19
CA ALA E 274 0.28 -24.42 11.88
C ALA E 274 1.78 -24.54 11.70
N LEU E 275 2.55 -23.55 12.16
CA LEU E 275 4.01 -23.63 12.07
C LEU E 275 4.56 -24.76 12.92
N GLU E 276 3.97 -24.97 14.11
CA GLU E 276 4.44 -26.02 14.99
C GLU E 276 4.22 -27.40 14.35
N VAL E 277 3.01 -27.63 13.82
CA VAL E 277 2.73 -28.91 13.15
C VAL E 277 3.65 -29.08 11.96
N ALA E 278 3.87 -28.00 11.20
CA ALA E 278 4.75 -28.07 10.04
C ALA E 278 6.18 -28.42 10.46
N ALA E 279 6.67 -27.80 11.53
CA ALA E 279 8.02 -28.10 11.98
C ALA E 279 8.14 -29.54 12.48
N LEU E 280 7.12 -30.03 13.20
CA LEU E 280 7.14 -31.39 13.70
C LEU E 280 6.98 -32.42 12.56
N THR E 281 6.16 -32.09 11.55
CA THR E 281 6.03 -32.95 10.39
C THR E 281 7.34 -33.04 9.62
N SER E 282 8.02 -31.91 9.45
CA SER E 282 9.33 -31.92 8.82
C SER E 282 10.31 -32.77 9.62
N ALA E 283 10.34 -32.57 10.94
CA ALA E 283 11.32 -33.26 11.76
C ALA E 283 11.06 -34.77 11.77
N LEU E 284 9.78 -35.16 11.75
CA LEU E 284 9.43 -36.58 11.76
C LEU E 284 9.79 -37.24 10.42
N THR E 285 9.66 -36.51 9.31
CA THR E 285 10.03 -37.09 8.02
C THR E 285 11.54 -37.34 7.93
N VAL E 286 12.35 -36.42 8.46
CA VAL E 286 13.79 -36.64 8.54
C VAL E 286 14.09 -37.83 9.45
N ALA E 287 13.51 -37.84 10.65
CA ALA E 287 13.80 -38.91 11.62
C ALA E 287 13.49 -40.28 11.07
N ARG E 288 12.35 -40.44 10.38
CA ARG E 288 12.03 -41.72 9.77
C ARG E 288 12.97 -42.07 8.62
N ALA E 289 13.60 -41.08 8.00
CA ALA E 289 14.56 -41.35 6.94
C ALA E 289 15.89 -41.83 7.51
N GLY E 290 16.36 -41.19 8.58
CA GLY E 290 17.56 -41.64 9.25
C GLY E 290 17.42 -43.04 9.84
N ALA E 291 16.20 -43.43 10.18
CA ALA E 291 15.95 -44.82 10.55
C ALA E 291 16.27 -45.74 9.38
N ASP E 292 15.58 -45.55 8.25
CA ASP E 292 15.88 -46.34 7.05
C ASP E 292 17.15 -45.83 6.36
N MET F 1 56.61 -18.14 3.58
CA MET F 1 56.89 -16.80 3.07
C MET F 1 55.86 -15.74 3.53
N ALA F 2 54.57 -16.11 3.52
CA ALA F 2 53.46 -15.15 3.67
C ALA F 2 53.39 -14.58 5.09
N ARG F 3 53.43 -13.25 5.20
CA ARG F 3 53.38 -12.53 6.47
C ARG F 3 52.15 -11.63 6.54
N GLY F 4 51.58 -11.52 7.74
CA GLY F 4 50.49 -10.61 7.99
C GLY F 4 51.00 -9.29 8.53
N LEU F 5 50.27 -8.22 8.26
CA LEU F 5 50.61 -6.89 8.72
C LEU F 5 49.41 -6.29 9.45
N VAL F 6 49.60 -5.88 10.70
CA VAL F 6 48.59 -5.15 11.46
C VAL F 6 49.06 -3.72 11.65
N ILE F 7 48.21 -2.76 11.32
CA ILE F 7 48.47 -1.35 11.54
C ILE F 7 47.46 -0.85 12.57
N GLY F 8 47.93 -0.47 13.75
CA GLY F 8 47.01 0.11 14.71
C GLY F 8 47.68 0.46 16.02
N GLU F 9 46.87 0.88 16.98
CA GLU F 9 47.39 1.40 18.23
C GLU F 9 47.79 0.29 19.20
N ALA F 10 48.80 0.60 19.99
CA ALA F 10 49.26 -0.20 21.12
C ALA F 10 49.14 0.69 22.35
N LEU F 11 48.65 0.13 23.45
CA LEU F 11 48.19 0.95 24.56
C LEU F 11 48.57 0.33 25.90
N ILE F 12 48.51 1.18 26.93
CA ILE F 12 48.56 0.74 28.32
C ILE F 12 47.19 0.98 28.91
N ASP F 13 46.67 -0.01 29.64
CA ASP F 13 45.36 0.08 30.24
C ASP F 13 45.54 0.26 31.74
N ILE F 14 45.10 1.42 32.25
CA ILE F 14 45.26 1.80 33.64
C ILE F 14 43.96 1.49 34.38
N VAL F 15 43.99 0.48 35.25
CA VAL F 15 42.82 0.12 36.06
C VAL F 15 42.68 1.03 37.28
N ALA F 21 47.52 -0.76 38.66
CA ALA F 21 47.18 -1.88 37.79
C ALA F 21 47.19 -1.49 36.32
N GLU F 22 48.31 -1.76 35.64
CA GLU F 22 48.50 -1.42 34.25
C GLU F 22 48.68 -2.69 33.42
N TYR F 23 47.92 -2.80 32.33
CA TYR F 23 47.99 -3.96 31.45
C TYR F 23 48.18 -3.50 30.01
N VAL F 24 48.92 -4.30 29.24
CA VAL F 24 49.15 -4.00 27.83
C VAL F 24 47.83 -4.12 27.07
N GLY F 25 47.56 -3.14 26.22
CA GLY F 25 46.29 -3.14 25.51
C GLY F 25 46.39 -2.66 24.07
N GLY F 26 45.26 -2.20 23.54
CA GLY F 26 45.17 -1.80 22.14
C GLY F 26 44.58 -2.91 21.30
N SER F 27 43.46 -2.65 20.64
CA SER F 27 42.77 -3.72 19.91
C SER F 27 43.60 -4.26 18.74
N PRO F 28 44.21 -3.44 17.88
CA PRO F 28 45.07 -4.01 16.83
C PRO F 28 46.24 -4.81 17.37
N LEU F 29 46.82 -4.38 18.48
CA LEU F 29 47.88 -5.17 19.10
C LEU F 29 47.40 -6.57 19.47
N ASN F 30 46.16 -6.67 20.00
CA ASN F 30 45.60 -7.97 20.38
C ASN F 30 45.42 -8.89 19.18
N VAL F 31 44.87 -8.36 18.09
CA VAL F 31 44.75 -9.13 16.86
C VAL F 31 46.12 -9.63 16.41
N ALA F 32 47.11 -8.73 16.40
CA ALA F 32 48.46 -9.11 16.00
C ALA F 32 49.00 -10.18 16.93
N VAL F 33 48.84 -9.98 18.24
CA VAL F 33 49.26 -10.99 19.20
C VAL F 33 48.45 -12.27 19.00
N GLY F 34 47.14 -12.14 18.78
CA GLY F 34 46.33 -13.32 18.56
C GLY F 34 46.83 -14.13 17.37
N LEU F 35 47.10 -13.45 16.26
CA LEU F 35 47.57 -14.16 15.08
C LEU F 35 48.90 -14.86 15.35
N ALA F 36 49.83 -14.17 16.03
CA ALA F 36 51.11 -14.79 16.36
C ALA F 36 50.92 -16.03 17.23
N ARG F 37 50.13 -15.91 18.30
CA ARG F 37 49.84 -17.06 19.15
C ARG F 37 49.15 -18.19 18.39
N LEU F 38 48.47 -17.91 17.28
CA LEU F 38 47.89 -19.00 16.49
C LEU F 38 48.88 -19.56 15.47
N GLY F 39 50.12 -19.06 15.45
CA GLY F 39 51.14 -19.62 14.59
C GLY F 39 51.42 -18.87 13.31
N ARG F 40 50.81 -17.72 13.10
CA ARG F 40 51.07 -16.93 11.90
C ARG F 40 52.22 -15.96 12.15
N ASP F 41 52.92 -15.61 11.08
CA ASP F 41 53.96 -14.59 11.14
C ASP F 41 53.36 -13.23 10.83
N VAL F 42 53.63 -12.25 11.71
CA VAL F 42 52.90 -11.00 11.76
C VAL F 42 53.86 -9.87 12.08
N ASP F 43 53.72 -8.76 11.36
CA ASP F 43 54.38 -7.51 11.68
C ASP F 43 53.34 -6.53 12.20
N LEU F 44 53.71 -5.77 13.23
CA LEU F 44 52.85 -4.75 13.82
C LEU F 44 53.48 -3.37 13.65
N LEU F 45 52.77 -2.48 12.96
CA LEU F 45 53.19 -1.10 12.81
C LEU F 45 52.33 -0.24 13.74
N THR F 46 52.95 0.37 14.75
CA THR F 46 52.22 1.06 15.80
C THR F 46 52.97 2.33 16.16
N HIS F 47 52.63 2.92 17.31
CA HIS F 47 53.19 4.19 17.78
C HIS F 47 53.44 4.05 19.28
N ILE F 48 54.70 3.95 19.66
CA ILE F 48 55.03 3.49 20.99
C ILE F 48 56.43 3.91 21.45
N ARG F 50 59.07 4.19 24.05
CA ARG F 50 60.41 4.67 24.36
C ARG F 50 60.60 4.93 25.86
N ASP F 51 59.93 4.15 26.69
CA ASP F 51 60.00 4.35 28.14
C ASP F 51 59.61 3.05 28.83
N ALA F 52 59.31 3.12 30.13
CA ALA F 52 59.05 1.92 30.91
C ALA F 52 57.77 1.21 30.44
N ARG F 53 56.85 1.93 29.82
CA ARG F 53 55.65 1.32 29.27
C ARG F 53 55.85 0.80 27.85
N GLY F 54 56.62 1.53 27.03
CA GLY F 54 56.96 1.03 25.72
C GLY F 54 57.72 -0.28 25.77
N ARG F 55 58.84 -0.29 26.50
CA ARG F 55 59.59 -1.53 26.68
C ARG F 55 58.71 -2.60 27.30
N ARG F 56 57.70 -2.21 28.07
CA ARG F 56 56.71 -3.17 28.54
C ARG F 56 55.90 -3.72 27.36
N ILE F 57 55.37 -2.84 26.51
CA ILE F 57 54.62 -3.29 25.34
C ILE F 57 55.55 -3.97 24.33
N ALA F 58 56.71 -3.36 24.07
CA ALA F 58 57.63 -3.94 23.11
C ALA F 58 58.06 -5.34 23.52
N GLU F 59 58.24 -5.56 24.82
CA GLU F 59 58.57 -6.90 25.30
C GLU F 59 57.39 -7.84 25.15
N TYR F 60 56.18 -7.34 25.40
CA TYR F 60 54.97 -8.16 25.20
C TYR F 60 54.81 -8.55 23.73
N ILE F 61 55.12 -7.61 22.83
CA ILE F 61 54.99 -7.85 21.39
C ILE F 61 55.97 -8.92 20.94
N GLU F 62 57.23 -8.87 21.42
CA GLU F 62 58.21 -9.83 20.97
C GLU F 62 58.10 -11.18 21.67
N SER F 63 57.68 -11.20 22.93
CA SER F 63 57.51 -12.48 23.62
C SER F 63 56.31 -13.29 23.11
N SER F 64 55.37 -12.65 22.41
CA SER F 64 54.28 -13.36 21.77
C SER F 64 54.58 -13.75 20.33
N GLY F 65 55.66 -13.25 19.73
CA GLY F 65 56.06 -13.65 18.41
C GLY F 65 55.88 -12.60 17.32
N VAL F 66 55.30 -11.46 17.66
CA VAL F 66 55.10 -10.40 16.69
C VAL F 66 56.41 -9.66 16.46
N GLN F 67 56.59 -9.14 15.25
CA GLN F 67 57.73 -8.30 14.91
C GLN F 67 57.24 -6.87 14.75
N LEU F 68 57.89 -5.93 15.44
CA LEU F 68 57.57 -4.53 15.26
C LEU F 68 58.15 -4.02 13.95
N VAL F 69 57.43 -3.11 13.32
CA VAL F 69 57.91 -2.44 12.11
C VAL F 69 58.75 -1.24 12.51
N SER F 70 59.95 -1.14 11.92
CA SER F 70 60.82 0.01 12.18
C SER F 70 60.08 1.31 11.96
N GLY F 71 60.33 2.28 12.85
CA GLY F 71 59.59 3.51 12.87
C GLY F 71 58.39 3.51 13.77
N SER F 72 58.25 2.50 14.64
CA SER F 72 57.13 2.41 15.55
C SER F 72 57.42 3.13 16.85
N GLN F 73 58.58 2.89 17.44
CA GLN F 73 58.92 3.39 18.76
C GLN F 73 59.37 4.84 18.71
N THR F 74 58.63 5.67 17.97
CA THR F 74 58.89 7.09 17.87
C THR F 74 57.96 7.93 18.75
N ALA F 75 57.19 7.26 19.63
CA ALA F 75 56.19 7.96 20.45
C ALA F 75 56.86 8.66 21.61
N ASP F 76 56.60 9.97 21.71
CA ASP F 76 57.08 10.76 22.84
C ASP F 76 56.74 10.07 24.17
N ARG F 77 55.48 9.69 24.34
CA ARG F 77 55.06 8.86 25.46
C ARG F 77 54.11 7.80 24.90
N THR F 78 54.33 6.56 25.33
CA THR F 78 53.44 5.47 24.99
C THR F 78 52.02 5.83 25.41
N PRO F 79 51.05 5.80 24.49
CA PRO F 79 49.69 6.24 24.83
C PRO F 79 49.05 5.40 25.94
N THR F 80 48.08 6.02 26.62
CA THR F 80 47.53 5.51 27.88
C THR F 80 46.01 5.43 27.80
N ALA F 81 45.45 4.46 28.53
CA ALA F 81 43.99 4.33 28.71
C ALA F 81 43.71 4.02 30.17
N THR F 82 43.06 4.94 30.87
CA THR F 82 42.77 4.75 32.29
C THR F 82 41.30 4.44 32.54
N TYR F 93 36.29 5.49 30.03
CA TYR F 93 37.73 5.44 29.78
C TYR F 93 38.29 6.83 29.45
N ALA F 94 39.47 7.14 30.02
CA ALA F 94 40.20 8.37 29.73
C ALA F 94 41.41 8.04 28.87
N PHE F 95 41.42 8.63 27.69
CA PHE F 95 42.45 8.34 26.67
C PHE F 95 43.47 9.45 26.54
N ASP F 96 44.73 9.12 26.82
CA ASP F 96 45.84 10.04 26.57
C ASP F 96 46.74 9.37 25.53
N LEU F 97 46.69 9.87 24.30
CA LEU F 97 47.18 9.10 23.17
C LEU F 97 47.36 10.01 21.97
N GLU F 98 48.38 9.70 21.16
CA GLU F 98 48.52 10.29 19.84
C GLU F 98 48.80 9.17 18.82
N TRP F 99 48.37 9.39 17.58
CA TRP F 99 48.43 8.36 16.55
C TRP F 99 49.06 8.91 15.27
N GLN F 100 50.32 8.53 15.02
CA GLN F 100 51.09 8.99 13.87
C GLN F 100 51.86 7.83 13.26
N ILE F 101 51.81 7.69 11.94
CA ILE F 101 52.58 6.63 11.28
C ILE F 101 53.33 7.16 10.06
N PRO F 102 54.47 6.55 9.71
CA PRO F 102 55.14 6.91 8.46
C PRO F 102 54.27 6.63 7.25
N ASP F 103 54.27 7.59 6.31
CA ASP F 103 53.46 7.46 5.09
C ASP F 103 53.73 6.15 4.37
N THR F 104 54.98 5.69 4.40
CA THR F 104 55.34 4.42 3.76
C THR F 104 56.15 3.57 4.72
N PRO F 105 55.60 2.46 5.20
CA PRO F 105 56.34 1.62 6.13
C PRO F 105 57.45 0.87 5.40
N PRO F 106 58.53 0.55 6.09
CA PRO F 106 59.51 -0.44 5.57
C PRO F 106 58.98 -1.87 5.70
N VAL F 107 58.06 -2.23 4.80
CA VAL F 107 57.43 -3.54 4.84
C VAL F 107 57.32 -4.10 3.42
N THR F 108 57.80 -5.33 3.24
CA THR F 108 57.55 -6.11 2.02
C THR F 108 56.05 -6.40 1.90
N PRO F 109 55.56 -6.69 0.69
CA PRO F 109 54.09 -6.78 0.49
C PRO F 109 53.48 -7.91 1.31
N PRO F 110 52.58 -7.60 2.23
CA PRO F 110 51.97 -8.65 3.04
C PRO F 110 50.87 -9.38 2.29
N LEU F 111 50.57 -10.56 2.80
CA LEU F 111 49.39 -11.32 2.41
C LEU F 111 48.10 -10.73 2.97
N LEU F 112 48.19 -9.95 4.04
CA LEU F 112 47.00 -9.54 4.79
C LEU F 112 47.38 -8.27 5.54
N VAL F 113 46.58 -7.21 5.40
CA VAL F 113 46.75 -6.02 6.21
C VAL F 113 45.47 -5.81 7.01
N HIS F 114 45.61 -5.65 8.32
CA HIS F 114 44.49 -5.43 9.23
C HIS F 114 44.68 -4.11 9.97
N THR F 115 43.62 -3.33 10.02
CA THR F 115 43.62 -2.09 10.82
C THR F 115 42.27 -1.92 11.52
N GLY F 116 42.19 -0.98 12.44
CA GLY F 116 40.90 -0.71 13.10
C GLY F 116 41.02 0.19 14.31
N SER F 117 39.95 0.33 15.06
CA SER F 117 39.90 1.08 16.32
C SER F 117 40.34 2.52 16.15
N ILE F 118 41.23 2.96 17.01
CA ILE F 118 41.64 4.39 17.02
C ILE F 118 42.46 4.72 15.79
N ALA F 119 43.28 3.78 15.35
CA ALA F 119 44.15 4.03 14.20
C ALA F 119 43.36 4.41 12.95
N ALA F 120 42.13 3.93 12.83
CA ALA F 120 41.32 4.19 11.64
C ALA F 120 40.67 5.56 11.68
N ALA F 121 40.66 6.22 12.83
CA ALA F 121 39.82 7.40 13.03
C ALA F 121 40.57 8.62 13.56
N ARG F 122 41.75 8.45 14.13
CA ARG F 122 42.44 9.52 14.85
C ARG F 122 43.50 10.19 14.00
N GLU F 123 43.47 11.51 13.97
CA GLU F 123 44.50 12.25 13.26
C GLU F 123 45.77 12.31 14.12
N PRO F 124 46.95 12.47 13.47
CA PRO F 124 47.15 12.52 12.02
C PRO F 124 47.21 11.14 11.33
N GLY F 125 47.68 10.12 12.06
CA GLY F 125 47.95 8.82 11.46
C GLY F 125 46.83 8.25 10.61
N CYS F 126 45.57 8.55 10.93
CA CYS F 126 44.48 7.90 10.22
C CYS F 126 44.45 8.26 8.75
N LEU F 127 45.08 9.38 8.35
CA LEU F 127 45.07 9.77 6.95
C LEU F 127 46.00 8.91 6.11
N ALA F 128 47.12 8.47 6.71
CA ALA F 128 48.00 7.52 6.02
C ALA F 128 47.36 6.13 5.94
N VAL F 129 46.65 5.73 7.00
CA VAL F 129 46.07 4.39 7.09
C VAL F 129 45.22 4.09 5.86
N ALA F 130 44.38 5.06 5.46
CA ALA F 130 43.42 4.82 4.37
C ALA F 130 44.10 4.68 3.00
N ALA F 131 45.17 5.46 2.75
CA ALA F 131 45.87 5.30 1.47
C ALA F 131 46.75 4.06 1.49
N LEU F 132 47.40 3.79 2.64
CA LEU F 132 48.16 2.56 2.80
C LEU F 132 47.33 1.33 2.42
N LEU F 133 46.06 1.29 2.82
CA LEU F 133 45.22 0.14 2.47
C LEU F 133 44.97 0.09 0.97
N ASP F 134 44.84 1.24 0.32
CA ASP F 134 44.69 1.23 -1.13
C ASP F 134 45.94 0.69 -1.82
N ALA F 135 47.12 1.03 -1.29
CA ALA F 135 48.37 0.59 -1.91
C ALA F 135 48.59 -0.91 -1.69
N TYR F 136 48.32 -1.42 -0.48
CA TYR F 136 48.62 -2.81 -0.15
C TYR F 136 47.65 -3.79 -0.81
N ARG F 137 46.49 -3.34 -1.29
CA ARG F 137 45.48 -4.31 -1.70
C ARG F 137 45.84 -5.03 -2.99
N ALA F 138 46.83 -4.53 -3.72
CA ALA F 138 47.31 -5.26 -4.90
C ALA F 138 47.95 -6.58 -4.50
N ALA F 139 48.49 -6.65 -3.28
CA ALA F 139 49.03 -7.90 -2.77
C ALA F 139 48.20 -8.50 -1.64
N ALA F 140 47.63 -7.68 -0.76
CA ALA F 140 47.06 -8.16 0.50
C ALA F 140 45.54 -8.11 0.53
N THR F 141 44.94 -9.12 1.14
CA THR F 141 43.60 -9.00 1.68
C THR F 141 43.57 -7.89 2.72
N VAL F 142 42.55 -7.03 2.68
CA VAL F 142 42.38 -5.96 3.67
C VAL F 142 41.28 -6.35 4.66
N SER F 143 41.58 -6.28 5.96
CA SER F 143 40.55 -6.48 6.98
C SER F 143 40.49 -5.27 7.91
N PHE F 144 39.31 -5.12 8.50
CA PHE F 144 39.00 -3.94 9.32
C PHE F 144 37.99 -4.28 10.41
N ASP F 145 38.29 -3.80 11.62
CA ASP F 145 37.41 -3.92 12.79
C ASP F 145 37.22 -2.50 13.30
N PRO F 146 36.02 -1.89 13.21
CA PRO F 146 35.84 -0.53 13.67
C PRO F 146 36.13 -0.40 15.17
N ASN F 147 35.64 -1.34 15.99
CA ASN F 147 35.91 -1.39 17.46
C ASN F 147 35.76 -0.01 18.06
N VAL F 148 34.59 0.59 17.90
CA VAL F 148 34.32 2.00 18.29
C VAL F 148 34.64 2.25 19.76
N ARG F 149 35.40 3.34 19.99
CA ARG F 149 35.78 3.84 21.33
C ARG F 149 35.54 5.35 21.34
N PRO F 150 34.29 5.83 21.48
CA PRO F 150 34.02 7.26 21.42
C PRO F 150 34.59 8.06 22.59
N SER F 151 34.96 7.39 23.69
CA SER F 151 35.56 8.11 24.84
C SER F 151 36.72 8.95 24.31
N LEU F 152 37.24 8.59 23.14
CA LEU F 152 38.29 9.42 22.50
C LEU F 152 37.51 10.48 21.75
N SER F 153 37.45 11.68 22.32
CA SER F 153 36.63 12.75 21.74
C SER F 153 37.15 13.12 20.36
N ALA F 154 36.23 13.19 19.40
CA ALA F 154 36.52 13.57 18.01
C ALA F 154 35.20 13.83 17.31
N ASP F 155 35.21 14.73 16.34
CA ASP F 155 34.00 15.04 15.54
C ASP F 155 33.47 13.70 15.03
N PRO F 156 32.28 13.25 15.47
CA PRO F 156 31.75 11.97 15.04
C PRO F 156 31.43 11.96 13.55
N ASP F 157 31.02 13.09 12.99
CA ASP F 157 30.67 13.11 11.56
C ASP F 157 31.90 12.75 10.73
N LEU F 158 33.07 13.30 11.02
CA LEU F 158 34.20 12.88 10.17
C LEU F 158 34.53 11.42 10.50
N THR F 159 34.57 11.10 11.80
CA THR F 159 34.83 9.72 12.28
C THR F 159 33.92 8.75 11.52
N ARG F 160 32.63 9.06 11.44
CA ARG F 160 31.72 8.20 10.65
C ARG F 160 32.18 8.18 9.20
N GLU F 161 32.67 9.30 8.67
CA GLU F 161 33.13 9.36 7.26
C GLU F 161 34.41 8.54 7.07
N ARG F 162 35.34 8.63 8.01
CA ARG F 162 36.61 7.89 7.90
C ARG F 162 36.31 6.39 7.92
N ILE F 163 35.40 5.97 8.78
CA ILE F 163 35.04 4.54 8.90
C ILE F 163 34.40 4.06 7.59
N GLN F 164 33.54 4.88 7.00
CA GLN F 164 32.88 4.47 5.75
C GLN F 164 33.91 4.30 4.64
N ARG F 165 34.89 5.20 4.54
CA ARG F 165 35.90 5.08 3.47
C ARG F 165 36.69 3.79 3.63
N LEU F 166 37.04 3.44 4.88
CA LEU F 166 37.78 2.20 5.19
C LEU F 166 36.96 0.98 4.77
N VAL F 167 35.65 1.03 4.98
CA VAL F 167 34.72 -0.08 4.62
C VAL F 167 34.78 -0.29 3.11
N GLU F 168 34.84 0.79 2.34
CA GLU F 168 34.89 0.72 0.86
C GLU F 168 36.13 -0.03 0.38
N ARG F 169 37.27 0.11 1.06
CA ARG F 169 38.53 -0.53 0.66
C ARG F 169 38.80 -1.86 1.39
N SER F 170 37.85 -2.40 2.15
CA SER F 170 38.11 -3.63 2.94
C SER F 170 37.56 -4.90 2.28
N ASP F 171 38.23 -6.03 2.47
CA ASP F 171 37.72 -7.33 1.96
C ASP F 171 36.98 -8.06 3.08
N ILE F 172 37.48 -7.97 4.32
CA ILE F 172 36.85 -8.67 5.47
C ILE F 172 36.54 -7.65 6.54
N ILE F 173 35.30 -7.63 7.04
CA ILE F 173 34.96 -6.68 8.12
C ILE F 173 34.29 -7.42 9.28
N LYS F 174 34.69 -7.11 10.50
CA LYS F 174 34.05 -7.64 11.68
C LYS F 174 33.70 -6.47 12.59
N ALA F 175 32.48 -6.47 13.11
CA ALA F 175 31.99 -5.42 14.01
C ALA F 175 31.08 -6.05 15.05
N SER F 176 30.94 -5.37 16.19
CA SER F 176 29.97 -5.76 17.20
C SER F 176 28.66 -5.01 16.96
N ALA F 177 27.58 -5.57 17.51
CA ALA F 177 26.30 -4.86 17.50
C ALA F 177 26.43 -3.48 18.14
N GLU F 178 27.24 -3.38 19.20
CA GLU F 178 27.52 -2.08 19.82
C GLU F 178 28.21 -1.12 18.84
N ASP F 179 29.18 -1.63 18.05
CA ASP F 179 29.84 -0.79 17.06
C ASP F 179 28.84 -0.22 16.08
N LEU F 180 28.04 -1.11 15.47
CA LEU F 180 27.10 -0.65 14.45
C LEU F 180 25.98 0.19 15.05
N HIS F 181 25.68 -0.01 16.34
CA HIS F 181 24.70 0.86 16.99
C HIS F 181 25.23 2.29 17.06
N TRP F 182 26.49 2.45 17.43
CA TRP F 182 27.06 3.78 17.45
C TRP F 182 27.13 4.37 16.04
N ILE F 183 27.40 3.53 15.02
CA ILE F 183 27.50 4.03 13.65
C ILE F 183 26.17 4.63 13.22
N ASP F 184 25.11 3.82 13.25
CA ASP F 184 23.77 4.26 12.89
C ASP F 184 22.80 3.64 13.89
N PRO F 185 22.41 4.38 14.94
CA PRO F 185 21.51 3.82 15.96
C PRO F 185 20.12 3.49 15.43
N THR F 186 19.74 3.99 14.26
CA THR F 186 18.39 3.89 13.74
C THR F 186 18.16 2.65 12.91
N GLN F 187 19.17 1.82 12.73
CA GLN F 187 19.04 0.62 11.93
C GLN F 187 19.35 -0.60 12.78
N PRO F 188 18.68 -1.72 12.54
CA PRO F 188 19.14 -2.97 13.11
C PRO F 188 20.56 -3.25 12.64
N PRO F 189 21.43 -3.76 13.53
CA PRO F 189 22.85 -3.90 13.15
C PRO F 189 23.05 -4.82 11.96
N GLU F 190 22.19 -5.81 11.75
CA GLU F 190 22.29 -6.64 10.56
C GLU F 190 22.04 -5.82 9.30
N GLN F 191 21.33 -4.70 9.43
CA GLN F 191 21.06 -3.88 8.24
C GLN F 191 22.29 -3.07 7.87
N THR F 192 22.91 -2.42 8.86
CA THR F 192 24.20 -1.76 8.63
C THR F 192 25.23 -2.73 8.04
N ALA F 193 25.28 -3.96 8.56
CA ALA F 193 26.30 -4.93 8.10
C ALA F 193 26.06 -5.33 6.65
N ARG F 194 24.82 -5.64 6.29
CA ARG F 194 24.47 -6.01 4.92
C ARG F 194 24.63 -4.84 3.95
N ALA F 195 24.54 -3.61 4.44
CA ALA F 195 24.83 -2.46 3.60
C ALA F 195 26.35 -2.30 3.41
N TRP F 196 27.12 -2.56 4.47
CA TRP F 196 28.57 -2.58 4.35
C TRP F 196 29.02 -3.62 3.34
N LEU F 197 28.40 -4.81 3.36
CA LEU F 197 28.78 -5.84 2.40
C LEU F 197 28.62 -5.37 0.96
N ALA F 198 27.82 -4.32 0.72
CA ALA F 198 27.49 -3.88 -0.64
C ALA F 198 28.53 -2.93 -1.23
N CYS F 199 29.42 -2.37 -0.42
CA CYS F 199 30.44 -1.43 -0.89
C CYS F 199 31.79 -2.09 -1.18
N GLY F 200 31.82 -3.38 -1.53
CA GLY F 200 33.09 -4.04 -1.79
C GLY F 200 33.47 -5.29 -1.00
N PRO F 201 33.28 -5.29 0.33
CA PRO F 201 33.75 -6.43 1.13
C PRO F 201 33.23 -7.77 0.64
N ALA F 202 34.04 -8.80 0.85
CA ALA F 202 33.65 -10.18 0.59
C ALA F 202 32.92 -10.80 1.80
N ILE F 203 33.20 -10.31 3.00
CA ILE F 203 32.64 -10.87 4.22
C ILE F 203 32.46 -9.73 5.20
N VAL F 204 31.28 -9.66 5.82
CA VAL F 204 31.05 -8.78 6.96
C VAL F 204 30.55 -9.66 8.10
N ALA F 205 31.35 -9.77 9.16
CA ALA F 205 31.02 -10.56 10.35
C ALA F 205 30.53 -9.63 11.45
N LEU F 206 29.50 -10.07 12.16
CA LEU F 206 28.84 -9.25 13.17
C LEU F 206 28.61 -10.10 14.40
N THR F 207 29.24 -9.74 15.52
CA THR F 207 29.05 -10.44 16.78
C THR F 207 27.88 -9.82 17.54
N LEU F 208 27.08 -10.68 18.17
CA LEU F 208 25.80 -10.28 18.75
C LEU F 208 25.72 -10.58 20.25
N GLY F 209 26.84 -10.47 20.95
CA GLY F 209 26.84 -10.76 22.37
C GLY F 209 26.45 -12.20 22.62
N ASP F 210 25.53 -12.40 23.57
CA ASP F 210 25.06 -13.73 23.95
C ASP F 210 23.95 -14.25 23.03
N GLN F 211 23.84 -13.72 21.81
CA GLN F 211 23.06 -14.33 20.73
C GLN F 211 23.97 -14.91 19.64
N GLY F 212 25.28 -14.93 19.86
CA GLY F 212 26.19 -15.58 18.94
C GLY F 212 26.80 -14.62 17.93
N ALA F 213 26.96 -15.06 16.69
CA ALA F 213 27.49 -14.17 15.66
C ALA F 213 26.85 -14.51 14.34
N VAL F 214 26.79 -13.50 13.46
CA VAL F 214 26.35 -13.67 12.09
C VAL F 214 27.44 -13.13 11.17
N ALA F 215 27.44 -13.66 9.96
CA ALA F 215 28.29 -13.13 8.90
C ALA F 215 27.56 -13.19 7.58
N PHE F 216 27.86 -12.21 6.73
CA PHE F 216 27.22 -12.08 5.43
C PHE F 216 28.28 -12.07 4.33
N CYS F 217 28.04 -12.84 3.29
CA CYS F 217 28.83 -12.85 2.07
C CYS F 217 27.87 -12.96 0.89
N ALA F 218 28.43 -13.10 -0.33
CA ALA F 218 27.58 -13.16 -1.51
C ALA F 218 26.72 -14.42 -1.53
N ALA F 219 27.27 -15.55 -1.13
CA ALA F 219 26.54 -16.81 -1.25
C ALA F 219 25.42 -16.97 -0.23
N GLY F 220 25.30 -16.07 0.75
CA GLY F 220 24.26 -16.18 1.76
C GLY F 220 24.79 -16.09 3.19
N PRO F 221 23.89 -15.95 4.16
CA PRO F 221 24.33 -15.68 5.54
C PRO F 221 24.75 -16.95 6.27
N ALA F 222 25.55 -16.73 7.30
CA ALA F 222 25.96 -17.79 8.20
C ALA F 222 25.62 -17.36 9.61
N SER F 223 25.53 -18.33 10.51
CA SER F 223 25.27 -17.99 11.89
C SER F 223 25.89 -19.04 12.77
N VAL F 224 26.24 -18.63 13.98
CA VAL F 224 26.65 -19.56 15.02
C VAL F 224 25.96 -19.15 16.30
N PRO F 225 25.45 -20.09 17.08
CA PRO F 225 24.72 -19.74 18.30
C PRO F 225 25.69 -19.27 19.38
N ALA F 226 25.10 -18.83 20.48
CA ALA F 226 25.89 -18.27 21.57
C ALA F 226 26.65 -19.37 22.30
N GLN F 227 27.66 -18.95 23.06
CA GLN F 227 28.53 -19.88 23.76
C GLN F 227 28.22 -19.88 25.25
N PRO F 228 27.80 -21.02 25.83
CA PRO F 228 27.67 -21.24 27.28
C PRO F 228 28.94 -20.93 28.09
N ASP F 233 34.76 -11.67 30.95
CA ASP F 233 35.04 -11.59 29.53
C ASP F 233 35.31 -10.16 29.09
N THR F 234 36.56 -9.90 28.68
CA THR F 234 36.94 -8.60 28.16
C THR F 234 36.55 -8.49 26.68
N VAL F 235 36.77 -7.30 26.10
CA VAL F 235 36.70 -7.12 24.66
C VAL F 235 37.96 -7.59 23.96
N GLY F 236 38.92 -8.11 24.73
CA GLY F 236 39.89 -9.01 24.14
C GLY F 236 39.22 -10.20 23.48
N ALA F 237 38.04 -10.58 23.95
CA ALA F 237 37.26 -11.62 23.28
C ALA F 237 36.92 -11.21 21.85
N GLY F 238 36.52 -9.95 21.64
CA GLY F 238 36.24 -9.50 20.28
C GLY F 238 37.47 -9.58 19.40
N ASP F 239 38.59 -9.05 19.90
CA ASP F 239 39.86 -9.13 19.19
C ASP F 239 40.24 -10.57 18.90
N ALA F 240 40.10 -11.46 19.88
CA ALA F 240 40.49 -12.84 19.67
C ALA F 240 39.55 -13.54 18.70
N PHE F 241 38.28 -13.12 18.66
CA PHE F 241 37.39 -13.52 17.56
C PHE F 241 37.96 -13.09 16.20
N MET F 242 38.45 -11.84 16.11
CA MET F 242 38.99 -11.36 14.84
C MET F 242 40.22 -12.15 14.42
N ALA F 243 41.14 -12.38 15.37
CA ALA F 243 42.32 -13.19 15.10
C ALA F 243 41.92 -14.59 14.65
N GLY F 244 40.93 -15.19 15.30
CA GLY F 244 40.49 -16.50 14.88
C GLY F 244 39.86 -16.51 13.49
N LEU F 245 39.11 -15.45 13.18
CA LEU F 245 38.50 -15.34 11.86
C LEU F 245 39.57 -15.23 10.78
N LEU F 246 40.53 -14.34 10.99
CA LEU F 246 41.62 -14.16 10.03
C LEU F 246 42.42 -15.45 9.90
N ASP F 247 42.73 -16.09 11.05
CA ASP F 247 43.55 -17.30 11.03
C ASP F 247 42.86 -18.43 10.28
N THR F 248 41.57 -18.57 10.43
CA THR F 248 40.92 -19.69 9.75
C THR F 248 40.69 -19.39 8.26
N LEU F 249 40.51 -18.11 7.88
CA LEU F 249 40.44 -17.80 6.45
C LEU F 249 41.82 -17.97 5.80
N TRP F 250 42.88 -17.66 6.55
CA TRP F 250 44.24 -17.97 6.09
C TRP F 250 44.38 -19.45 5.77
N GLU F 251 43.96 -20.31 6.71
CA GLU F 251 44.09 -21.75 6.56
C GLU F 251 43.22 -22.28 5.43
N GLN F 252 42.06 -21.68 5.20
CA GLN F 252 41.23 -22.15 4.09
C GLN F 252 41.83 -21.79 2.74
N GLY F 253 42.91 -21.00 2.71
CA GLY F 253 43.53 -20.63 1.46
C GLY F 253 42.91 -19.44 0.77
N LEU F 254 42.23 -18.55 1.50
CA LEU F 254 41.52 -17.44 0.90
C LEU F 254 42.18 -16.07 1.12
N LEU F 255 43.34 -16.00 1.75
CA LEU F 255 43.99 -14.69 1.89
C LEU F 255 44.99 -14.46 0.77
N GLY F 256 45.34 -13.20 0.57
CA GLY F 256 46.18 -12.72 -0.51
C GLY F 256 45.36 -12.17 -1.66
N ALA F 257 45.92 -11.17 -2.35
CA ALA F 257 45.20 -10.59 -3.49
C ALA F 257 44.86 -11.65 -4.54
N ASP F 258 45.75 -12.61 -4.77
CA ASP F 258 45.48 -13.55 -5.86
C ASP F 258 44.39 -14.54 -5.51
N ARG F 259 43.94 -14.58 -4.25
CA ARG F 259 42.83 -15.40 -3.80
C ARG F 259 41.57 -14.58 -3.53
N ARG F 260 41.59 -13.30 -3.89
CA ARG F 260 40.50 -12.41 -3.52
C ARG F 260 39.18 -12.85 -4.14
N THR F 261 39.21 -13.39 -5.38
CA THR F 261 37.95 -13.77 -6.02
C THR F 261 37.38 -15.02 -5.37
N GLU F 262 38.24 -15.96 -4.97
CA GLU F 262 37.75 -17.12 -4.23
C GLU F 262 37.26 -16.71 -2.83
N LEU F 263 37.83 -15.64 -2.26
CA LEU F 263 37.31 -15.09 -1.00
C LEU F 263 35.91 -14.54 -1.19
N ARG F 264 35.71 -13.71 -2.22
CA ARG F 264 34.38 -13.19 -2.53
C ARG F 264 33.37 -14.30 -2.81
N LYS F 265 33.84 -15.45 -3.31
CA LYS F 265 32.99 -16.59 -3.59
C LYS F 265 32.91 -17.57 -2.44
N ILE F 266 33.33 -17.17 -1.24
CA ILE F 266 33.27 -18.10 -0.13
C ILE F 266 31.85 -18.62 -0.01
N GLY F 267 31.73 -19.93 0.23
CA GLY F 267 30.43 -20.54 0.44
C GLY F 267 29.93 -20.34 1.85
N VAL F 268 28.63 -20.63 2.03
CA VAL F 268 28.04 -20.49 3.35
C VAL F 268 28.59 -21.54 4.30
N SER F 269 28.74 -22.77 3.80
CA SER F 269 29.35 -23.82 4.61
C SER F 269 30.74 -23.40 5.09
N ALA F 270 31.56 -22.87 4.18
CA ALA F 270 32.90 -22.43 4.57
C ALA F 270 32.84 -21.21 5.49
N LEU F 271 31.95 -20.25 5.20
CA LEU F 271 31.78 -19.11 6.07
C LEU F 271 31.30 -19.54 7.44
N THR F 272 30.44 -20.56 7.50
CA THR F 272 29.95 -21.05 8.79
C THR F 272 31.08 -21.67 9.59
N SER F 273 31.92 -22.48 8.95
CA SER F 273 33.08 -23.04 9.64
C SER F 273 33.99 -21.94 10.17
N ALA F 274 34.20 -20.87 9.39
CA ALA F 274 35.06 -19.77 9.84
C ALA F 274 34.47 -19.06 11.05
N LEU F 275 33.15 -18.78 11.02
CA LEU F 275 32.47 -18.21 12.17
C LEU F 275 32.64 -19.09 13.40
N GLU F 276 32.44 -20.41 13.25
CA GLU F 276 32.57 -21.34 14.38
C GLU F 276 33.97 -21.33 14.95
N VAL F 277 34.98 -21.41 14.08
CA VAL F 277 36.35 -21.39 14.57
C VAL F 277 36.63 -20.09 15.30
N ALA F 278 36.10 -19.00 14.75
CA ALA F 278 36.31 -17.69 15.37
C ALA F 278 35.60 -17.59 16.71
N ALA F 279 34.33 -18.04 16.77
CA ALA F 279 33.62 -18.04 18.05
C ALA F 279 34.33 -18.91 19.08
N LEU F 280 34.75 -20.11 18.67
CA LEU F 280 35.41 -21.03 19.60
C LEU F 280 36.79 -20.51 20.00
N THR F 281 37.51 -19.90 19.06
CA THR F 281 38.79 -19.28 19.40
C THR F 281 38.60 -18.21 20.48
N SER F 282 37.56 -17.40 20.32
CA SER F 282 37.28 -16.34 21.28
C SER F 282 36.87 -16.93 22.62
N ALA F 283 35.92 -17.86 22.61
CA ALA F 283 35.53 -18.56 23.83
C ALA F 283 36.74 -19.17 24.51
N LEU F 284 37.58 -19.87 23.75
CA LEU F 284 38.70 -20.58 24.34
C LEU F 284 39.71 -19.62 24.94
N THR F 285 39.85 -18.43 24.35
CA THR F 285 40.76 -17.41 24.88
C THR F 285 40.33 -16.96 26.25
N VAL F 286 39.03 -16.69 26.44
CA VAL F 286 38.56 -16.19 27.72
C VAL F 286 38.57 -17.30 28.78
N ALA F 287 38.27 -18.53 28.39
CA ALA F 287 38.26 -19.63 29.35
C ALA F 287 39.67 -19.96 29.81
N ARG F 288 40.63 -20.02 28.87
CA ARG F 288 42.03 -20.29 29.19
C ARG F 288 42.65 -19.16 30.00
N ALA F 289 41.87 -18.11 30.26
CA ALA F 289 42.36 -16.99 31.06
C ALA F 289 41.98 -17.14 32.53
N GLY F 290 40.78 -17.65 32.81
CA GLY F 290 40.30 -17.81 34.18
C GLY F 290 39.80 -19.21 34.48
C1 GOL G . -9.53 26.88 6.13
O1 GOL G . -10.54 26.48 5.23
C2 GOL G . -9.85 28.34 6.64
O2 GOL G . -11.04 28.40 7.36
C3 GOL G . -9.86 29.25 5.36
O3 GOL G . -8.83 30.20 5.54
P PO4 H . -19.10 37.89 25.69
O1 PO4 H . -20.60 38.06 25.62
O2 PO4 H . -18.49 39.18 25.19
O3 PO4 H . -18.57 36.74 24.87
O4 PO4 H . -18.70 37.62 27.12
C1 GOL I . -58.37 6.03 -20.98
O1 GOL I . -58.58 5.79 -19.63
C2 GOL I . -58.64 7.54 -21.22
O2 GOL I . -58.19 8.35 -20.19
C3 GOL I . -57.93 7.87 -22.55
O3 GOL I . -58.18 9.21 -22.74
C1 GOL J . -45.03 6.59 -20.20
O1 GOL J . -45.70 6.94 -19.02
C2 GOL J . -43.79 5.79 -19.78
O2 GOL J . -44.10 4.52 -19.28
C3 GOL J . -42.90 5.75 -21.04
O3 GOL J . -41.75 5.07 -20.65
P PO4 K . -55.84 -11.38 -32.55
O1 PO4 K . -56.97 -10.42 -32.87
O2 PO4 K . -54.95 -10.77 -31.49
O3 PO4 K . -55.04 -11.62 -33.82
O4 PO4 K . -56.40 -12.67 -32.00
C1 GOL L . 15.36 17.98 27.70
O1 GOL L . 14.61 17.99 28.87
C2 GOL L . 14.36 17.63 26.57
O2 GOL L . 13.40 18.61 26.41
C3 GOL L . 15.21 17.42 25.31
O3 GOL L . 14.52 16.49 24.52
P PO4 M . -14.13 11.30 45.53
O1 PO4 M . -15.63 11.27 45.76
O2 PO4 M . -13.86 10.88 44.10
O3 PO4 M . -13.43 10.37 46.48
O4 PO4 M . -13.58 12.70 45.77
C1 GOL N . 14.08 -26.33 7.24
O1 GOL N . 13.63 -27.03 6.10
C2 GOL N . 13.24 -26.82 8.45
O2 GOL N . 12.06 -27.48 8.04
C3 GOL N . 12.95 -25.55 9.34
O3 GOL N . 11.99 -25.95 10.30
P PO4 O . -9.88 -11.77 -4.25
O1 PO4 O . -9.89 -10.79 -5.41
O2 PO4 O . -10.92 -12.84 -4.43
O3 PO4 O . -10.15 -11.00 -2.97
O4 PO4 O . -8.50 -12.41 -4.19
P PO4 P . 64.25 1.58 14.33
O1 PO4 P . 63.22 2.63 14.01
O2 PO4 P . 65.34 1.60 13.27
O3 PO4 P . 63.60 0.21 14.39
O4 PO4 P . 64.86 1.87 15.68
#